data_3FU7
#
_entry.id   3FU7
#
_cell.length_a   174.120
_cell.length_b   62.100
_cell.length_c   124.630
_cell.angle_alpha   90.00
_cell.angle_beta   96.36
_cell.angle_gamma   90.00
#
_symmetry.space_group_name_H-M   'C 1 2 1'
#
loop_
_entity.id
_entity.type
_entity.pdbx_description
1 polymer Laccase-1
2 polymer Laccase-1
3 branched alpha-D-mannopyranose-(1-6)-alpha-D-mannopyranose-(1-4)-2-acetamido-2-deoxy-beta-D-glucopyranose-(1-4)-2-acetamido-2-deoxy-beta-D-glucopyranose
4 branched 2-acetamido-2-deoxy-beta-D-glucopyranose-(1-4)-2-acetamido-2-deoxy-beta-D-glucopyranose
5 branched alpha-D-mannopyranose-(1-4)-2-acetamido-2-deoxy-beta-D-glucopyranose-(1-4)-2-acetamido-2-deoxy-beta-D-glucopyranose
6 non-polymer 'COPPER (II) ION'
7 non-polymer 'CHLORIDE ION'
8 non-polymer 'OXYGEN MOLECULE'
9 non-polymer 2-acetamido-2-deoxy-beta-D-glucopyranose
10 non-polymer 'SULFATE ION'
11 non-polymer 2,6-dimethoxyphenol
12 non-polymer 4-(2,6-dimethoxyphenoxy)-2,6-dimethoxyphenol
13 non-polymer 2,6-dimethoxycyclohexa-2,5-diene-1,4-dione
14 water water
#
loop_
_entity_poly.entity_id
_entity_poly.type
_entity_poly.pdbx_seq_one_letter_code
_entity_poly.pdbx_strand_id
1 'polypeptide(L)'
;EPTCNTPSNRACWSDGFDINTDYEVSTPDTGVTQSYVFNLTEVDNWMGPDGVVKEKVMLINGNIMGPNIVANWGDTVEVT
VINNLVTNGTSIHWHGI(OHI)QKDTNLHDGANGVTECPIPPKGGQRTYRWRARQYGTSWYHSHFSAQYGNGVVGTIQIN
GPASLPYDIDLGVFPITDYYYRAADDLVHFTQNNAPPFSDNVLINGTAVNPNTGEGQYANVTLTPGKRHRLRILNTSTEN
HFQVSLVNHTMTVIAADMVPVNAMTVDSLFLAVGQRYDVVIDASRAPDNYWFNVTFGGQAACGGSLNPHPAAIFHYAGAP
GGLPTDEGTPPVDHQCLDTLDVRPVVPRSVPVNSFVKRPDNTLPVALDLTGTPLFVWKVNGSDINVDWGKPIIDYILTGN
TSYPVSDNIVQVDAVDQWTYWLIENDPEGPFSLPHPMHLHGHDFLVLGRSPDVPAASQQRFVFDPAVDLARLNGDNPPRR
DTTMLPAGGWLLLAFRTDNPGAWLFHCHIAWHVSGGLSVDFLERPADLRQRISQEDEDDFNRVCDEWRAYWPTNPYPKID
SGL
;
A
2 'polypeptide(L)'
;EPTCNTPSNRACWSDGFDINTDYEVSTPDTGVTQSYVFNLTEVDNWMGPDGVVKEKVMLINGNIMGPNIVANWGDTVEVT
VINNLVTNGTSIHWHGIHQKDTNLHDGANGVTECPIPPKGGQRTYRWRARQYGTSWYHSHFSAQYGNGVVGTIQINGPAS
LPYDIDLGVFPITDYYYRAADDLVHFTQNNAPPFSDNVLINGTAVNPNTGEGQYANVTLTPGKRHRLRILNTSTENHFQV
SLVNHTMTVIAADMVPVNAMTVDSLFLAVGQRYDVVIDASRAPDNYWFNVTFGGQAACGGSLNPHPAAIFHYAGAPGGLP
TDEGTPPVDHQCLDTLDVRPVVPRSVPVNSFVKRPDNTLPVALDLTGTPLFVWKVNGSDINVDWGKPIIDYILTGNTSYP
VSDNIVQVDAVDQWTYWLIENDPEGPFSLPHPMHLHGHDFLVLGRSPDVPAASQQRFVFDPAVDLARLNGDNPPRRDTTM
LPAGGWLLLAFRTDNPGAWLFHCHIAWHVSGGLSVDFLERPADLRQRISQEDEDDFNRVCDEWRAYWPTNPYPKIDSGL
;
B
#
loop_
_chem_comp.id
_chem_comp.type
_chem_comp.name
_chem_comp.formula
3DM non-polymer 2,6-dimethoxyphenol 'C8 H10 O3'
CL non-polymer 'CHLORIDE ION' 'Cl -1'
CU non-polymer 'COPPER (II) ION' 'Cu 2'
D2M non-polymer 4-(2,6-dimethoxyphenoxy)-2,6-dimethoxyphenol 'C16 H18 O6'
KIA non-polymer 2,6-dimethoxycyclohexa-2,5-diene-1,4-dione 'C8 H8 O4'
MAN D-saccharide, alpha linking alpha-D-mannopyranose 'C6 H12 O6'
NAG D-saccharide, beta linking 2-acetamido-2-deoxy-beta-D-glucopyranose 'C8 H15 N O6'
OXY non-polymer 'OXYGEN MOLECULE' O2
SO4 non-polymer 'SULFATE ION' 'O4 S -2'
#
# COMPACT_ATOMS: atom_id res chain seq x y z
N GLU A 1 2.06 -9.10 47.45
CA GLU A 1 3.23 -10.03 47.54
C GLU A 1 2.78 -11.47 47.31
N PRO A 2 3.47 -12.21 46.42
CA PRO A 2 3.13 -13.62 46.22
C PRO A 2 3.65 -14.48 47.34
N THR A 3 3.04 -15.65 47.54
CA THR A 3 3.52 -16.62 48.52
C THR A 3 3.79 -18.03 47.95
N CYS A 4 3.36 -18.29 46.72
CA CYS A 4 3.43 -19.65 46.16
C CYS A 4 3.58 -19.66 44.63
N ASN A 5 4.14 -18.59 44.09
CA ASN A 5 4.36 -18.49 42.67
C ASN A 5 5.79 -18.93 42.40
N THR A 6 5.93 -20.11 41.81
CA THR A 6 7.23 -20.76 41.58
C THR A 6 7.37 -21.07 40.08
N PRO A 7 8.59 -21.37 39.61
CA PRO A 7 8.74 -21.73 38.18
C PRO A 7 7.85 -22.89 37.71
N SER A 8 7.63 -23.91 38.54
CA SER A 8 6.76 -25.02 38.13
C SER A 8 5.26 -24.79 38.40
N ASN A 9 4.93 -23.77 39.18
CA ASN A 9 3.55 -23.44 39.50
C ASN A 9 3.37 -21.92 39.40
N ARG A 10 3.31 -21.42 38.17
CA ARG A 10 3.05 -20.00 37.94
C ARG A 10 1.57 -19.63 38.10
N ALA A 11 0.70 -20.64 38.09
CA ALA A 11 -0.75 -20.43 38.24
C ALA A 11 -1.11 -19.84 39.60
N CYS A 12 -0.33 -20.18 40.61
CA CYS A 12 -0.58 -19.78 41.98
C CYS A 12 0.01 -18.41 42.30
N TRP A 13 -0.66 -17.69 43.19
CA TRP A 13 -0.11 -16.41 43.63
C TRP A 13 -0.06 -16.29 45.16
N SER A 14 -1.23 -16.22 45.80
CA SER A 14 -1.27 -16.10 47.26
C SER A 14 -2.58 -16.69 47.69
N ASP A 15 -2.83 -16.81 49.00
CA ASP A 15 -4.10 -17.38 49.44
C ASP A 15 -5.33 -16.63 48.90
N GLY A 16 -6.18 -17.36 48.17
CA GLY A 16 -7.39 -16.82 47.54
C GLY A 16 -7.18 -16.08 46.24
N PHE A 17 -5.95 -16.11 45.73
CA PHE A 17 -5.58 -15.43 44.48
C PHE A 17 -4.73 -16.33 43.57
N ASP A 18 -5.25 -16.61 42.38
CA ASP A 18 -4.53 -17.47 41.44
C ASP A 18 -5.00 -17.12 40.03
N ILE A 19 -4.56 -17.89 39.03
CA ILE A 19 -4.85 -17.55 37.63
C ILE A 19 -6.35 -17.59 37.26
N ASN A 20 -7.14 -18.29 38.08
CA ASN A 20 -8.57 -18.44 37.86
C ASN A 20 -9.42 -17.42 38.63
N THR A 21 -8.80 -16.67 39.52
CA THR A 21 -9.49 -15.60 40.24
C THR A 21 -10.02 -14.59 39.24
N ASP A 22 -11.26 -14.12 39.47
CA ASP A 22 -11.78 -13.06 38.61
C ASP A 22 -11.19 -11.73 39.11
N TYR A 23 -10.07 -11.34 38.50
CA TYR A 23 -9.33 -10.13 38.85
C TYR A 23 -10.14 -8.84 38.63
N GLU A 24 -11.24 -8.94 37.88
CA GLU A 24 -12.09 -7.76 37.60
C GLU A 24 -12.89 -7.37 38.83
N VAL A 25 -13.10 -8.33 39.72
CA VAL A 25 -13.89 -8.05 40.92
C VAL A 25 -13.18 -8.31 42.26
N SER A 26 -12.03 -8.99 42.22
CA SER A 26 -11.29 -9.38 43.43
C SER A 26 -9.82 -9.01 43.26
N THR A 27 -9.27 -8.29 44.25
CA THR A 27 -7.92 -7.71 44.22
C THR A 27 -7.25 -7.98 45.57
N PRO A 28 -5.96 -8.43 45.58
CA PRO A 28 -5.22 -8.60 46.84
C PRO A 28 -5.09 -7.30 47.57
N ASP A 29 -5.24 -7.36 48.90
CA ASP A 29 -5.01 -6.21 49.73
C ASP A 29 -3.58 -6.30 50.29
N THR A 30 -2.62 -5.69 49.59
CA THR A 30 -1.21 -5.79 49.98
C THR A 30 -0.78 -4.68 50.94
N GLY A 31 -1.43 -3.52 50.82
CA GLY A 31 -1.06 -2.38 51.66
C GLY A 31 0.21 -1.69 51.20
N VAL A 32 0.76 -2.12 50.06
CA VAL A 32 2.03 -1.61 49.54
C VAL A 32 1.79 -0.55 48.47
N THR A 33 2.56 0.54 48.53
CA THR A 33 2.61 1.57 47.49
C THR A 33 4.01 1.59 46.86
N GLN A 34 4.04 1.54 45.52
CA GLN A 34 5.27 1.77 44.74
C GLN A 34 5.18 3.16 44.14
N SER A 35 6.13 4.03 44.48
N SER A 35 6.13 4.02 44.47
CA SER A 35 6.09 5.41 44.03
CA SER A 35 6.08 5.44 44.07
C SER A 35 7.21 5.71 43.05
C SER A 35 7.26 5.84 43.17
N TYR A 36 6.96 6.73 42.21
CA TYR A 36 7.92 7.18 41.17
C TYR A 36 7.76 8.70 41.02
N VAL A 37 8.81 9.36 40.50
CA VAL A 37 8.71 10.75 40.10
C VAL A 37 9.12 10.80 38.64
N PHE A 38 8.31 11.46 37.81
CA PHE A 38 8.63 11.65 36.40
C PHE A 38 8.91 13.12 36.21
N ASN A 39 10.17 13.45 35.94
CA ASN A 39 10.57 14.80 35.62
C ASN A 39 10.70 14.95 34.10
N LEU A 40 9.76 15.70 33.50
CA LEU A 40 9.72 15.86 32.04
C LEU A 40 10.57 17.03 31.61
N THR A 41 11.54 16.77 30.72
CA THR A 41 12.39 17.85 30.22
C THR A 41 12.44 17.87 28.71
N GLU A 42 12.76 19.05 28.19
CA GLU A 42 12.79 19.27 26.77
C GLU A 42 14.25 19.40 26.38
N VAL A 43 14.69 18.53 25.48
CA VAL A 43 16.10 18.42 25.13
C VAL A 43 16.28 18.65 23.62
N ASP A 44 17.07 19.66 23.26
CA ASP A 44 17.34 19.94 21.85
C ASP A 44 18.63 19.24 21.43
N ASN A 45 18.69 18.87 20.15
CA ASN A 45 19.89 18.27 19.57
C ASN A 45 20.40 17.08 20.37
N TRP A 46 19.49 16.12 20.53
CA TRP A 46 19.69 14.93 21.32
C TRP A 46 20.16 13.80 20.43
N MET A 47 21.28 13.18 20.79
N MET A 47 21.26 13.18 20.82
CA MET A 47 21.77 12.07 20.00
CA MET A 47 21.82 12.04 20.11
C MET A 47 21.04 10.79 20.37
C MET A 47 20.98 10.80 20.40
N GLY A 48 20.32 10.25 19.38
CA GLY A 48 19.50 9.06 19.57
C GLY A 48 20.31 7.79 19.42
N PRO A 49 19.67 6.63 19.66
CA PRO A 49 20.43 5.37 19.70
C PRO A 49 20.99 4.86 18.38
N ASP A 50 20.54 5.40 17.25
CA ASP A 50 21.07 4.94 15.96
C ASP A 50 22.10 5.91 15.39
N GLY A 51 22.48 6.89 16.21
CA GLY A 51 23.56 7.79 15.84
C GLY A 51 23.11 9.11 15.25
N VAL A 52 21.83 9.22 14.93
CA VAL A 52 21.31 10.45 14.36
C VAL A 52 20.87 11.39 15.48
N VAL A 53 21.17 12.67 15.30
CA VAL A 53 20.79 13.70 16.26
C VAL A 53 19.41 14.21 15.91
N LYS A 54 18.53 14.19 16.90
CA LYS A 54 17.19 14.73 16.75
C LYS A 54 17.09 16.18 17.21
N GLU A 55 16.31 16.95 16.47
CA GLU A 55 16.05 18.35 16.75
C GLU A 55 15.57 18.59 18.18
N LYS A 56 14.59 17.82 18.61
CA LYS A 56 13.98 18.04 19.91
C LYS A 56 13.30 16.75 20.36
N VAL A 57 13.48 16.41 21.63
CA VAL A 57 12.79 15.29 22.26
C VAL A 57 12.28 15.78 23.61
N MET A 58 11.35 15.02 24.18
CA MET A 58 10.78 15.36 25.48
C MET A 58 10.86 14.11 26.32
N LEU A 59 11.71 14.16 27.37
CA LEU A 59 12.11 12.93 28.04
C LEU A 59 11.69 12.92 29.51
N ILE A 60 11.44 11.71 30.02
CA ILE A 60 11.22 11.49 31.44
C ILE A 60 12.55 11.09 32.09
N ASN A 61 12.97 11.87 33.07
CA ASN A 61 14.18 11.60 33.83
C ASN A 61 15.41 11.43 32.94
N GLY A 62 15.42 12.15 31.83
CA GLY A 62 16.57 12.23 30.94
C GLY A 62 16.91 11.03 30.11
N ASN A 63 15.99 10.06 30.03
CA ASN A 63 16.23 8.82 29.25
C ASN A 63 15.21 8.69 28.11
N ILE A 64 15.52 7.84 27.13
CA ILE A 64 14.63 7.62 25.99
C ILE A 64 13.21 7.16 26.40
N MET A 65 13.14 6.41 27.49
N MET A 65 13.12 6.37 27.46
CA MET A 65 11.86 6.02 28.05
CA MET A 65 11.83 6.02 28.05
C MET A 65 11.85 6.32 29.55
C MET A 65 11.84 6.31 29.55
N GLY A 66 10.65 6.42 30.14
CA GLY A 66 10.50 6.69 31.55
C GLY A 66 10.80 5.44 32.36
N PRO A 67 10.73 5.55 33.69
CA PRO A 67 11.03 4.39 34.55
C PRO A 67 10.14 3.20 34.18
N ASN A 68 10.68 1.97 34.25
N ASN A 68 10.70 2.00 34.27
CA ASN A 68 9.83 0.77 34.09
CA ASN A 68 9.91 0.80 34.21
C ASN A 68 9.07 0.52 35.39
C ASN A 68 9.12 0.75 35.51
N ILE A 69 7.81 0.91 35.42
CA ILE A 69 6.97 0.76 36.62
C ILE A 69 6.82 -0.73 36.89
N VAL A 70 7.08 -1.13 38.14
CA VAL A 70 6.97 -2.51 38.57
C VAL A 70 6.29 -2.60 39.93
N ALA A 71 5.26 -3.41 40.00
CA ALA A 71 4.61 -3.62 41.28
C ALA A 71 3.95 -4.97 41.31
N ASN A 72 3.41 -5.35 42.46
CA ASN A 72 2.61 -6.56 42.57
C ASN A 72 1.11 -6.30 42.46
N TRP A 73 0.41 -7.32 41.97
CA TRP A 73 -1.04 -7.34 41.90
C TRP A 73 -1.62 -6.91 43.24
N GLY A 74 -2.42 -5.86 43.22
CA GLY A 74 -3.03 -5.34 44.46
C GLY A 74 -2.30 -4.18 45.12
N ASP A 75 -1.07 -3.91 44.69
CA ASP A 75 -0.33 -2.75 45.13
C ASP A 75 -1.02 -1.48 44.61
N THR A 76 -0.67 -0.36 45.23
CA THR A 76 -0.96 0.96 44.68
C THR A 76 0.29 1.52 44.02
N VAL A 77 0.10 2.12 42.84
CA VAL A 77 1.16 2.79 42.11
C VAL A 77 0.89 4.29 42.18
N GLU A 78 1.92 5.06 42.52
CA GLU A 78 1.77 6.49 42.74
C GLU A 78 2.88 7.16 41.96
N VAL A 79 2.54 8.08 41.07
CA VAL A 79 3.55 8.76 40.27
C VAL A 79 3.35 10.28 40.36
N THR A 80 4.37 10.99 40.83
CA THR A 80 4.35 12.46 40.80
C THR A 80 4.96 12.89 39.48
N VAL A 81 4.16 13.55 38.64
CA VAL A 81 4.63 14.06 37.33
C VAL A 81 4.94 15.53 37.44
N ILE A 82 6.17 15.90 37.10
CA ILE A 82 6.61 17.31 37.17
C ILE A 82 6.95 17.75 35.76
N ASN A 83 6.16 18.70 35.25
CA ASN A 83 6.30 19.13 33.89
C ASN A 83 7.31 20.27 33.73
N ASN A 84 8.53 19.93 33.33
CA ASN A 84 9.57 20.94 33.05
C ASN A 84 9.80 21.18 31.54
N LEU A 85 8.76 20.90 30.76
CA LEU A 85 8.79 21.31 29.35
C LEU A 85 8.71 22.85 29.27
N VAL A 86 9.03 23.38 28.10
CA VAL A 86 9.07 24.83 27.92
C VAL A 86 7.70 25.40 27.66
N THR A 87 6.93 24.79 26.74
CA THR A 87 5.61 25.30 26.39
C THR A 87 4.45 24.33 26.60
N ASN A 88 4.70 23.04 26.35
CA ASN A 88 3.62 22.09 26.31
C ASN A 88 3.10 21.78 27.70
N GLY A 89 1.80 21.58 27.79
CA GLY A 89 1.24 20.89 28.95
C GLY A 89 1.57 19.40 28.84
N THR A 90 1.16 18.64 29.84
CA THR A 90 1.28 17.18 29.75
C THR A 90 0.17 16.48 30.54
N SER A 91 -0.02 15.20 30.27
CA SER A 91 -1.01 14.37 30.97
C SER A 91 -0.57 12.94 30.69
N ILE A 92 -0.34 12.16 31.74
CA ILE A 92 0.14 10.77 31.57
C ILE A 92 -1.02 9.82 31.67
N HIS A 93 -1.23 9.06 30.60
CA HIS A 93 -2.27 8.05 30.57
C HIS A 93 -1.68 6.66 30.79
N TRP A 94 -2.33 5.87 31.65
CA TRP A 94 -1.86 4.53 32.06
C TRP A 94 -2.64 3.53 31.22
N HIS A 95 -2.06 3.19 30.07
CA HIS A 95 -2.76 2.43 29.04
C HIS A 95 -2.89 0.99 29.45
N GLY A 96 -4.14 0.53 29.55
CA GLY A 96 -4.40 -0.82 29.99
C GLY A 96 -4.83 -0.87 31.44
N ILE A 97 -4.67 0.23 32.16
CA ILE A 97 -5.05 0.26 33.56
C ILE A 97 -6.49 0.74 33.67
CE1 OHI A 98 -8.69 -2.58 31.12
ND1 OHI A 98 -8.87 -1.42 31.75
NE2 OHI A 98 -9.08 -3.68 31.79
CD2 OHI A 98 -9.56 -3.18 32.96
CG OHI A 98 -9.42 -1.79 32.92
CB OHI A 98 -9.79 -0.79 34.00
CA OHI A 98 -8.86 0.39 33.86
N OHI A 98 -7.46 0.04 34.13
C OHI A 98 -9.35 1.49 34.79
O OHI A 98 -10.42 2.00 34.50
O12 OHI A 98 -8.16 -2.56 29.95
N GLN A 99 -8.65 1.88 35.79
CA GLN A 99 -9.01 2.98 36.72
C GLN A 99 -10.41 2.80 37.30
N LYS A 100 -10.65 1.63 37.88
CA LYS A 100 -11.97 1.32 38.43
C LYS A 100 -12.34 2.29 39.54
N ASP A 101 -13.36 3.11 39.28
CA ASP A 101 -13.76 4.19 40.17
C ASP A 101 -12.66 5.23 40.48
N THR A 102 -11.66 5.30 39.59
CA THR A 102 -10.61 6.34 39.63
C THR A 102 -10.43 7.08 38.28
N ASN A 103 -11.54 7.33 37.58
CA ASN A 103 -11.54 8.06 36.28
C ASN A 103 -10.66 9.32 36.27
N LEU A 104 -10.64 10.07 37.37
CA LEU A 104 -9.86 11.32 37.36
C LEU A 104 -8.34 11.12 37.35
N HIS A 105 -7.88 9.86 37.45
CA HIS A 105 -6.46 9.57 37.32
C HIS A 105 -6.11 8.94 35.96
N ASP A 106 -7.04 8.98 34.99
CA ASP A 106 -6.82 8.36 33.69
C ASP A 106 -5.85 9.10 32.78
N GLY A 107 -5.61 10.38 33.06
CA GLY A 107 -4.62 11.13 32.28
C GLY A 107 -5.10 11.55 30.90
N ALA A 108 -6.40 11.56 30.67
CA ALA A 108 -6.92 12.03 29.39
C ALA A 108 -7.16 13.55 29.43
N ASN A 109 -6.18 14.35 29.04
CA ASN A 109 -6.43 15.81 29.04
C ASN A 109 -7.63 16.25 28.19
N GLY A 110 -8.38 17.20 28.72
CA GLY A 110 -9.63 17.63 28.08
C GLY A 110 -10.83 16.74 28.44
N VAL A 111 -10.57 15.62 29.08
CA VAL A 111 -11.60 14.67 29.41
C VAL A 111 -11.65 14.53 30.93
N THR A 112 -10.58 13.98 31.52
CA THR A 112 -10.54 13.70 32.97
C THR A 112 -9.72 14.70 33.78
N GLU A 113 -9.06 15.62 33.07
CA GLU A 113 -8.14 16.59 33.68
C GLU A 113 -7.76 17.67 32.69
N CYS A 114 -7.30 18.79 33.22
CA CYS A 114 -6.63 19.78 32.40
C CYS A 114 -5.19 19.31 32.30
N PRO A 115 -4.45 19.74 31.26
CA PRO A 115 -3.02 19.39 31.25
C PRO A 115 -2.22 20.01 32.41
N ILE A 116 -1.19 19.30 32.88
CA ILE A 116 -0.24 19.90 33.85
C ILE A 116 0.57 20.99 33.13
N PRO A 117 0.57 22.24 33.62
CA PRO A 117 1.30 23.31 32.93
C PRO A 117 2.80 23.12 32.97
N PRO A 118 3.53 23.70 31.99
CA PRO A 118 4.97 23.60 31.93
C PRO A 118 5.67 24.50 32.95
N LYS A 119 7.00 24.51 32.87
CA LYS A 119 7.81 25.34 33.76
C LYS A 119 7.61 24.98 35.24
N GLY A 120 7.32 23.71 35.52
CA GLY A 120 7.29 23.23 36.89
C GLY A 120 5.96 22.77 37.45
N GLY A 121 4.89 22.78 36.66
CA GLY A 121 3.58 22.27 37.13
C GLY A 121 3.72 20.81 37.59
N GLN A 122 2.89 20.39 38.54
CA GLN A 122 2.95 19.01 39.01
C GLN A 122 1.60 18.46 39.41
N ARG A 123 1.49 17.15 39.32
CA ARG A 123 0.30 16.42 39.75
C ARG A 123 0.76 15.03 40.12
N THR A 124 0.13 14.46 41.14
CA THR A 124 0.42 13.12 41.56
C THR A 124 -0.73 12.21 41.17
N TYR A 125 -0.44 11.17 40.38
CA TYR A 125 -1.43 10.16 40.01
C TYR A 125 -1.31 9.00 40.98
N ARG A 126 -2.44 8.38 41.32
N ARG A 126 -2.43 8.44 41.36
CA ARG A 126 -2.47 7.28 42.28
CA ARG A 126 -2.44 7.26 42.22
C ARG A 126 -3.54 6.24 41.90
C ARG A 126 -3.49 6.32 41.63
N TRP A 127 -3.11 5.04 41.51
CA TRP A 127 -4.04 4.02 41.04
C TRP A 127 -3.76 2.63 41.60
N ARG A 128 -4.81 1.80 41.68
CA ARG A 128 -4.70 0.47 42.27
C ARG A 128 -4.37 -0.50 41.15
N ALA A 129 -3.40 -1.39 41.38
CA ALA A 129 -3.05 -2.43 40.39
C ALA A 129 -4.05 -3.58 40.53
N ARG A 130 -5.20 -3.46 39.87
CA ARG A 130 -6.24 -4.46 39.92
C ARG A 130 -6.16 -5.46 38.75
N GLN A 131 -5.10 -5.36 37.95
CA GLN A 131 -4.88 -6.30 36.84
C GLN A 131 -3.39 -6.53 36.74
N TYR A 132 -2.99 -7.78 36.52
CA TYR A 132 -1.58 -8.09 36.41
C TYR A 132 -1.24 -8.41 34.95
N GLY A 133 -0.01 -8.12 34.57
CA GLY A 133 0.44 -8.27 33.21
C GLY A 133 1.29 -7.08 32.80
N THR A 134 1.29 -6.82 31.49
CA THR A 134 2.19 -5.89 30.85
C THR A 134 1.36 -4.77 30.23
N SER A 135 1.64 -3.55 30.65
CA SER A 135 0.98 -2.36 30.05
C SER A 135 2.03 -1.29 29.83
N TRP A 136 1.58 -0.07 29.56
CA TRP A 136 2.50 1.01 29.27
C TRP A 136 1.80 2.31 29.58
N TYR A 137 2.56 3.39 29.58
CA TYR A 137 2.00 4.72 29.82
C TYR A 137 2.57 5.66 28.82
N HIS A 138 1.86 6.77 28.57
CA HIS A 138 2.33 7.74 27.61
C HIS A 138 1.57 9.05 27.82
N SER A 139 2.15 10.15 27.35
CA SER A 139 1.44 11.41 27.38
C SER A 139 0.18 11.30 26.49
N HIS A 140 -0.87 12.04 26.84
CA HIS A 140 -2.03 12.16 25.93
C HIS A 140 -2.22 13.61 25.47
N PHE A 141 -1.16 14.44 25.62
CA PHE A 141 -1.20 15.81 25.14
C PHE A 141 -0.86 15.84 23.65
N SER A 142 -1.90 15.88 22.82
CA SER A 142 -1.73 15.71 21.35
C SER A 142 -0.82 14.50 21.08
N ALA A 143 0.17 14.61 20.18
CA ALA A 143 1.04 13.46 19.89
C ALA A 143 2.39 13.53 20.62
N GLN A 144 2.39 14.19 21.78
CA GLN A 144 3.60 14.39 22.56
C GLN A 144 4.34 13.09 22.87
N TYR A 145 3.62 11.96 22.98
CA TYR A 145 4.35 10.74 23.35
C TYR A 145 5.34 10.30 22.30
N GLY A 146 5.14 10.75 21.06
CA GLY A 146 6.05 10.47 19.94
C GLY A 146 7.40 11.17 20.11
N ASN A 147 7.47 12.13 21.04
CA ASN A 147 8.71 12.82 21.40
C ASN A 147 9.53 12.17 22.51
N GLY A 148 8.97 11.16 23.18
CA GLY A 148 9.68 10.47 24.26
C GLY A 148 8.94 10.26 25.56
N VAL A 149 7.75 10.84 25.69
CA VAL A 149 7.00 10.73 26.94
C VAL A 149 6.22 9.41 27.00
N VAL A 150 6.94 8.34 27.28
CA VAL A 150 6.40 7.00 27.16
C VAL A 150 7.21 6.11 28.11
N GLY A 151 6.56 5.09 28.69
CA GLY A 151 7.29 4.05 29.44
C GLY A 151 6.47 2.78 29.62
N THR A 152 7.00 1.80 30.36
CA THR A 152 6.30 0.50 30.50
C THR A 152 5.78 0.25 31.92
N ILE A 153 4.85 -0.67 32.01
CA ILE A 153 4.28 -1.09 33.29
C ILE A 153 4.31 -2.61 33.36
N GLN A 154 4.84 -3.14 34.47
CA GLN A 154 4.85 -4.59 34.74
C GLN A 154 4.22 -4.80 36.10
N ILE A 155 3.01 -5.34 36.13
CA ILE A 155 2.31 -5.69 37.38
C ILE A 155 2.40 -7.23 37.53
N ASN A 156 3.18 -7.67 38.49
CA ASN A 156 3.40 -9.11 38.64
C ASN A 156 2.18 -9.84 39.22
N GLY A 157 2.04 -11.11 38.85
CA GLY A 157 0.85 -11.88 39.21
C GLY A 157 1.04 -13.28 38.62
N PRO A 158 0.00 -14.11 38.70
CA PRO A 158 0.12 -15.47 38.20
C PRO A 158 0.15 -15.51 36.67
N ALA A 159 0.42 -16.69 36.13
CA ALA A 159 0.49 -16.89 34.69
C ALA A 159 -0.13 -18.23 34.29
N SER A 160 -0.49 -18.35 33.00
CA SER A 160 -1.18 -19.53 32.47
C SER A 160 -0.23 -20.62 31.99
N LEU A 161 1.06 -20.42 32.19
CA LEU A 161 2.02 -21.47 31.89
C LEU A 161 3.19 -21.32 32.86
N PRO A 162 3.84 -22.44 33.23
CA PRO A 162 5.10 -22.37 33.95
C PRO A 162 6.23 -21.79 33.08
N TYR A 163 7.16 -21.06 33.71
CA TYR A 163 8.35 -20.58 33.06
C TYR A 163 9.40 -20.32 34.12
N ASP A 164 10.65 -20.32 33.69
CA ASP A 164 11.78 -20.22 34.59
C ASP A 164 12.26 -18.80 34.81
N ILE A 165 12.31 -18.02 33.73
CA ILE A 165 12.94 -16.71 33.77
C ILE A 165 11.98 -15.68 33.15
N ASP A 166 11.78 -14.58 33.86
CA ASP A 166 11.00 -13.44 33.36
C ASP A 166 12.00 -12.45 32.82
N LEU A 167 12.07 -12.35 31.47
CA LEU A 167 12.96 -11.43 30.76
C LEU A 167 12.52 -9.98 30.88
N GLY A 168 11.26 -9.79 31.28
CA GLY A 168 10.70 -8.47 31.52
C GLY A 168 10.28 -7.83 30.22
N VAL A 169 10.29 -6.50 30.18
CA VAL A 169 9.64 -5.77 29.08
C VAL A 169 10.52 -5.66 27.83
N PHE A 170 9.85 -5.63 26.68
CA PHE A 170 10.52 -5.57 25.38
C PHE A 170 9.69 -4.68 24.46
N PRO A 171 9.75 -3.34 24.68
CA PRO A 171 8.98 -2.39 23.89
C PRO A 171 9.60 -2.23 22.50
N ILE A 172 8.74 -2.26 21.49
CA ILE A 172 9.12 -2.09 20.10
C ILE A 172 8.43 -0.85 19.59
N THR A 173 9.17 0.05 18.96
CA THR A 173 8.51 1.31 18.56
C THR A 173 9.05 1.91 17.29
N ASP A 174 8.17 2.52 16.49
CA ASP A 174 8.66 3.28 15.37
C ASP A 174 9.48 4.45 15.88
N TYR A 175 10.35 4.96 15.03
CA TYR A 175 11.24 6.05 15.44
C TYR A 175 11.34 7.03 14.31
N TYR A 176 11.06 8.30 14.59
CA TYR A 176 11.15 9.33 13.57
C TYR A 176 12.13 10.41 14.00
N TYR A 177 12.87 10.95 13.03
CA TYR A 177 13.79 12.03 13.34
C TYR A 177 13.09 13.36 13.51
N ARG A 178 11.99 13.54 12.78
N ARG A 178 11.98 13.52 12.80
CA ARG A 178 11.15 14.70 12.96
CA ARG A 178 11.11 14.68 12.94
C ARG A 178 10.41 14.62 14.29
C ARG A 178 10.30 14.63 14.23
N ALA A 179 10.11 15.80 14.83
CA ALA A 179 9.38 15.89 16.10
C ALA A 179 7.87 15.66 15.89
N ALA A 180 7.17 15.27 16.96
CA ALA A 180 5.75 14.94 16.88
C ALA A 180 4.89 16.02 16.29
N ASP A 181 5.10 17.28 16.72
CA ASP A 181 4.25 18.37 16.24
C ASP A 181 4.44 18.65 14.77
N ASP A 182 5.69 18.49 14.33
N ASP A 182 5.65 18.46 14.28
CA ASP A 182 6.06 18.54 12.93
CA ASP A 182 5.92 18.61 12.85
C ASP A 182 5.23 17.51 12.17
C ASP A 182 5.34 17.44 12.03
N LEU A 183 5.30 16.25 12.61
CA LEU A 183 4.58 15.14 11.98
C LEU A 183 3.05 15.32 12.02
N VAL A 184 2.50 15.88 13.09
CA VAL A 184 1.08 16.14 13.11
C VAL A 184 0.70 17.09 11.96
N HIS A 185 1.44 18.20 11.86
CA HIS A 185 1.24 19.17 10.80
C HIS A 185 1.35 18.51 9.42
N PHE A 186 2.37 17.69 9.25
CA PHE A 186 2.61 17.07 7.96
C PHE A 186 1.43 16.16 7.59
N THR A 187 1.01 15.33 8.56
CA THR A 187 -0.03 14.35 8.28
C THR A 187 -1.43 14.97 8.12
N GLN A 188 -1.62 16.22 8.54
CA GLN A 188 -2.86 16.95 8.25
C GLN A 188 -3.17 17.11 6.76
N ASN A 189 -2.11 17.13 5.95
CA ASN A 189 -2.30 17.34 4.52
C ASN A 189 -1.58 16.34 3.63
N ASN A 190 -0.93 15.34 4.24
CA ASN A 190 -0.15 14.34 3.51
C ASN A 190 -0.32 12.94 4.12
N ALA A 191 -0.22 11.90 3.28
CA ALA A 191 -0.16 10.53 3.80
C ALA A 191 1.07 10.43 4.70
N PRO A 192 0.98 9.60 5.75
CA PRO A 192 2.06 9.57 6.76
C PRO A 192 3.30 8.87 6.20
N PRO A 193 4.48 9.25 6.69
CA PRO A 193 5.76 8.71 6.20
C PRO A 193 5.99 7.33 6.80
N PHE A 194 6.88 6.55 6.18
CA PHE A 194 7.48 5.42 6.86
C PHE A 194 8.33 5.93 8.01
N SER A 195 8.50 5.07 9.01
CA SER A 195 9.37 5.43 10.12
C SER A 195 10.81 5.43 9.64
N ASP A 196 11.64 6.23 10.29
CA ASP A 196 13.04 6.23 9.95
C ASP A 196 13.73 4.97 10.46
N ASN A 197 13.29 4.47 11.59
CA ASN A 197 13.86 3.23 12.14
C ASN A 197 12.83 2.61 13.08
N VAL A 198 13.15 1.43 13.62
CA VAL A 198 12.30 0.79 14.59
C VAL A 198 13.24 0.40 15.72
N LEU A 199 12.97 0.94 16.90
CA LEU A 199 13.81 0.66 18.08
C LEU A 199 13.24 -0.56 18.74
N ILE A 200 14.13 -1.46 19.18
CA ILE A 200 13.72 -2.61 19.95
C ILE A 200 14.39 -2.52 21.30
N ASN A 201 13.58 -2.46 22.35
CA ASN A 201 14.08 -2.21 23.71
C ASN A 201 15.07 -1.01 23.73
N GLY A 202 14.72 0.06 23.02
CA GLY A 202 15.51 1.29 23.09
C GLY A 202 16.64 1.44 22.10
N THR A 203 16.87 0.42 21.27
CA THR A 203 18.02 0.50 20.37
C THR A 203 17.80 -0.04 18.96
N ALA A 204 18.63 0.40 18.03
CA ALA A 204 18.59 -0.11 16.67
C ALA A 204 19.87 0.30 15.96
N VAL A 205 20.15 -0.36 14.84
CA VAL A 205 21.30 0.00 14.01
C VAL A 205 20.77 0.89 12.91
N ASN A 206 21.55 1.92 12.55
CA ASN A 206 21.20 2.77 11.43
C ASN A 206 21.46 2.01 10.13
N PRO A 207 20.41 1.85 9.29
CA PRO A 207 20.54 1.09 8.05
C PRO A 207 21.53 1.72 7.06
N ASN A 208 21.83 3.01 7.21
CA ASN A 208 22.76 3.72 6.31
C ASN A 208 24.21 3.77 6.78
N THR A 209 24.42 4.09 8.06
CA THR A 209 25.77 4.27 8.59
C THR A 209 26.28 3.05 9.36
N GLY A 210 25.36 2.19 9.77
CA GLY A 210 25.73 1.09 10.65
C GLY A 210 26.00 1.49 12.10
N GLU A 211 25.74 2.74 12.46
CA GLU A 211 25.91 3.18 13.85
C GLU A 211 24.76 2.67 14.70
N GLY A 212 24.96 2.59 16.01
CA GLY A 212 23.97 2.01 16.91
C GLY A 212 24.27 0.58 17.26
N GLN A 213 23.28 -0.12 17.81
CA GLN A 213 23.47 -1.51 18.20
C GLN A 213 22.16 -2.24 18.19
N TYR A 214 22.24 -3.55 17.95
CA TYR A 214 21.08 -4.42 18.04
C TYR A 214 20.75 -4.64 19.51
N ALA A 215 19.46 -4.68 19.85
CA ALA A 215 19.04 -5.19 21.15
C ALA A 215 19.57 -6.63 21.24
N ASN A 216 20.06 -7.03 22.41
CA ASN A 216 20.73 -8.32 22.57
C ASN A 216 20.15 -9.01 23.80
N VAL A 217 19.36 -10.07 23.58
CA VAL A 217 18.65 -10.79 24.64
C VAL A 217 19.37 -12.12 24.87
N THR A 218 19.86 -12.35 26.08
CA THR A 218 20.58 -13.60 26.34
C THR A 218 19.60 -14.63 26.90
N LEU A 219 19.52 -15.78 26.22
CA LEU A 219 18.64 -16.86 26.62
C LEU A 219 19.48 -17.90 27.34
N THR A 220 18.89 -18.50 28.38
CA THR A 220 19.55 -19.56 29.14
C THR A 220 19.17 -20.89 28.51
N PRO A 221 20.16 -21.63 27.98
CA PRO A 221 19.81 -22.86 27.27
C PRO A 221 18.98 -23.82 28.11
N GLY A 222 17.95 -24.40 27.50
CA GLY A 222 17.08 -25.35 28.18
C GLY A 222 16.01 -24.74 29.08
N LYS A 223 16.04 -23.42 29.18
CA LYS A 223 15.09 -22.70 30.05
C LYS A 223 13.91 -22.09 29.29
N ARG A 224 12.84 -21.84 30.05
CA ARG A 224 11.61 -21.26 29.53
C ARG A 224 11.58 -19.82 29.98
N HIS A 225 11.44 -18.90 29.01
CA HIS A 225 11.61 -17.47 29.27
C HIS A 225 10.31 -16.75 28.95
N ARG A 226 9.84 -15.93 29.87
CA ARG A 226 8.69 -15.07 29.56
C ARG A 226 9.24 -13.78 29.00
N LEU A 227 8.72 -13.39 27.84
CA LEU A 227 9.09 -12.10 27.21
C LEU A 227 7.83 -11.25 27.06
N ARG A 228 7.92 -9.99 27.47
CA ARG A 228 6.73 -9.13 27.47
C ARG A 228 6.83 -8.12 26.32
N ILE A 229 6.23 -8.45 25.18
CA ILE A 229 6.41 -7.66 23.97
C ILE A 229 5.35 -6.55 23.88
N LEU A 230 5.77 -5.33 23.58
CA LEU A 230 4.83 -4.20 23.45
C LEU A 230 5.09 -3.43 22.16
N ASN A 231 4.02 -2.87 21.58
CA ASN A 231 4.15 -1.92 20.51
C ASN A 231 3.76 -0.56 21.02
N THR A 232 4.78 0.27 21.27
CA THR A 232 4.57 1.63 21.81
C THR A 232 4.67 2.72 20.73
N SER A 233 4.40 2.33 19.48
CA SER A 233 4.54 3.24 18.33
C SER A 233 3.51 4.34 18.32
N THR A 234 3.75 5.32 17.45
CA THR A 234 2.75 6.31 17.09
C THR A 234 1.95 5.85 15.87
N GLU A 235 2.56 5.06 14.99
CA GLU A 235 1.82 4.62 13.79
C GLU A 235 2.06 3.17 13.34
N ASN A 236 3.30 2.70 13.43
CA ASN A 236 3.67 1.40 12.86
C ASN A 236 3.01 0.23 13.58
N HIS A 237 2.53 -0.75 12.82
CA HIS A 237 1.99 -2.02 13.34
C HIS A 237 2.97 -3.10 12.88
N PHE A 238 3.36 -3.94 13.83
CA PHE A 238 4.47 -4.84 13.64
C PHE A 238 4.07 -6.30 13.56
N GLN A 239 4.83 -7.05 12.79
CA GLN A 239 4.84 -8.51 12.92
C GLN A 239 6.19 -8.88 13.53
N VAL A 240 6.17 -9.83 14.46
CA VAL A 240 7.42 -10.26 15.09
C VAL A 240 7.59 -11.75 14.99
N SER A 241 8.84 -12.17 14.88
CA SER A 241 9.17 -13.59 14.74
C SER A 241 10.60 -13.79 15.18
N LEU A 242 10.86 -15.01 15.71
CA LEU A 242 12.23 -15.35 16.13
C LEU A 242 12.69 -16.56 15.31
N VAL A 243 13.79 -16.40 14.58
CA VAL A 243 14.22 -17.45 13.64
C VAL A 243 14.38 -18.76 14.41
N ASN A 244 13.83 -19.83 13.85
CA ASN A 244 13.93 -21.21 14.41
C ASN A 244 13.23 -21.46 15.74
N HIS A 245 12.43 -20.50 16.21
CA HIS A 245 11.72 -20.65 17.49
C HIS A 245 10.24 -20.29 17.36
N THR A 246 9.36 -21.01 18.07
CA THR A 246 7.96 -20.59 18.23
C THR A 246 7.84 -19.70 19.47
N MET A 247 6.70 -19.03 19.61
CA MET A 247 6.42 -18.23 20.80
C MET A 247 5.09 -18.72 21.33
N THR A 248 4.97 -18.93 22.63
CA THR A 248 3.70 -19.39 23.16
C THR A 248 3.05 -18.25 23.91
N VAL A 249 1.93 -17.75 23.38
CA VAL A 249 1.23 -16.60 23.97
C VAL A 249 0.54 -17.03 25.26
N ILE A 250 0.80 -16.30 26.33
CA ILE A 250 0.13 -16.54 27.62
C ILE A 250 -0.70 -15.33 28.11
N ALA A 251 -0.62 -14.21 27.39
CA ALA A 251 -1.47 -13.06 27.69
C ALA A 251 -1.55 -12.13 26.50
N ALA A 252 -2.71 -11.51 26.36
CA ALA A 252 -2.93 -10.50 25.34
C ALA A 252 -3.29 -9.21 26.04
N ASP A 253 -2.58 -8.12 25.73
CA ASP A 253 -2.68 -6.88 26.50
C ASP A 253 -2.57 -7.25 27.99
N MET A 254 -3.52 -6.85 28.84
CA MET A 254 -3.41 -7.26 30.25
C MET A 254 -4.32 -8.41 30.69
N VAL A 255 -4.69 -9.25 29.72
CA VAL A 255 -5.63 -10.37 29.95
C VAL A 255 -4.91 -11.72 29.76
N PRO A 256 -4.70 -12.49 30.84
CA PRO A 256 -4.12 -13.83 30.65
C PRO A 256 -5.01 -14.72 29.76
N VAL A 257 -4.37 -15.50 28.91
CA VAL A 257 -5.08 -16.37 27.99
C VAL A 257 -4.51 -17.77 28.08
N ASN A 258 -5.28 -18.75 27.61
CA ASN A 258 -4.77 -20.12 27.51
C ASN A 258 -3.59 -20.14 26.54
N ALA A 259 -2.56 -20.94 26.88
CA ALA A 259 -1.34 -21.01 26.07
C ALA A 259 -1.67 -21.21 24.59
N MET A 260 -1.05 -20.43 23.72
CA MET A 260 -1.30 -20.57 22.28
C MET A 260 0.01 -20.42 21.50
N THR A 261 0.49 -21.52 20.90
CA THR A 261 1.76 -21.48 20.22
C THR A 261 1.60 -21.01 18.79
N VAL A 262 2.46 -20.06 18.41
CA VAL A 262 2.50 -19.45 17.07
C VAL A 262 3.92 -19.23 16.56
N ASP A 263 4.04 -19.04 15.24
CA ASP A 263 5.32 -18.81 14.56
C ASP A 263 5.62 -17.29 14.50
N SER A 264 4.58 -16.47 14.53
CA SER A 264 4.77 -15.02 14.41
C SER A 264 3.59 -14.36 15.06
N LEU A 265 3.71 -13.08 15.41
CA LEU A 265 2.61 -12.36 16.03
C LEU A 265 2.47 -11.00 15.40
N PHE A 266 1.25 -10.56 15.24
CA PHE A 266 0.96 -9.17 14.85
C PHE A 266 0.69 -8.35 16.11
N LEU A 267 1.40 -7.23 16.29
CA LEU A 267 1.06 -6.27 17.36
C LEU A 267 0.62 -4.92 16.78
N ALA A 268 -0.66 -4.60 16.96
CA ALA A 268 -1.14 -3.25 16.66
C ALA A 268 -0.52 -2.20 17.58
N VAL A 269 -0.65 -0.93 17.17
CA VAL A 269 -0.23 0.16 18.06
C VAL A 269 -0.94 -0.01 19.40
N GLY A 270 -0.17 -0.02 20.47
CA GLY A 270 -0.76 -0.13 21.81
C GLY A 270 -0.95 -1.54 22.34
N GLN A 271 -0.83 -2.54 21.47
CA GLN A 271 -1.02 -3.94 21.88
C GLN A 271 0.20 -4.52 22.61
N ARG A 272 -0.06 -5.51 23.47
CA ARG A 272 1.00 -6.27 24.12
C ARG A 272 0.69 -7.75 24.03
N TYR A 273 1.76 -8.56 23.99
CA TYR A 273 1.67 -10.00 24.11
C TYR A 273 2.76 -10.45 25.04
N ASP A 274 2.39 -11.25 26.05
CA ASP A 274 3.35 -11.99 26.85
C ASP A 274 3.52 -13.37 26.22
N VAL A 275 4.76 -13.71 25.93
CA VAL A 275 5.04 -15.02 25.34
C VAL A 275 6.06 -15.79 26.16
N VAL A 276 6.05 -17.11 25.98
CA VAL A 276 7.06 -17.95 26.58
C VAL A 276 7.84 -18.54 25.43
N ILE A 277 9.15 -18.36 25.52
CA ILE A 277 10.11 -18.89 24.55
C ILE A 277 11.01 -19.94 25.23
N ASP A 278 11.00 -21.14 24.66
CA ASP A 278 11.86 -22.23 25.12
C ASP A 278 13.19 -22.18 24.38
N ALA A 279 14.28 -22.06 25.12
CA ALA A 279 15.61 -22.04 24.52
C ALA A 279 16.00 -23.48 24.21
N SER A 280 15.22 -24.13 23.34
CA SER A 280 15.31 -25.59 23.06
C SER A 280 16.08 -25.93 21.78
N ARG A 281 16.63 -24.92 21.11
CA ARG A 281 17.32 -25.14 19.84
C ARG A 281 18.83 -25.19 20.05
N ALA A 282 19.58 -25.36 18.96
CA ALA A 282 21.03 -25.37 19.06
C ALA A 282 21.53 -24.01 19.55
N PRO A 283 22.43 -24.00 20.54
CA PRO A 283 23.01 -22.75 21.02
C PRO A 283 23.70 -21.98 19.90
N ASP A 284 23.32 -20.72 19.73
CA ASP A 284 23.71 -19.91 18.57
C ASP A 284 23.03 -18.56 18.77
N ASN A 285 23.25 -17.65 17.82
CA ASN A 285 22.58 -16.35 17.81
C ASN A 285 21.51 -16.34 16.76
N TYR A 286 20.30 -15.92 17.16
CA TYR A 286 19.14 -15.96 16.27
C TYR A 286 18.53 -14.57 16.08
N TRP A 287 18.09 -14.25 14.87
CA TRP A 287 17.43 -12.94 14.66
C TRP A 287 15.99 -12.96 15.17
N PHE A 288 15.62 -11.90 15.91
CA PHE A 288 14.23 -11.56 16.19
C PHE A 288 13.90 -10.46 15.18
N ASN A 289 13.02 -10.77 14.23
CA ASN A 289 12.72 -9.85 13.13
C ASN A 289 11.43 -9.08 13.36
N VAL A 290 11.48 -7.78 13.06
CA VAL A 290 10.28 -6.95 12.94
C VAL A 290 9.99 -6.81 11.45
N THR A 291 8.78 -7.20 11.05
CA THR A 291 8.39 -7.11 9.64
C THR A 291 7.01 -6.48 9.47
N PHE A 292 6.73 -6.11 8.22
CA PHE A 292 5.47 -5.44 7.89
C PHE A 292 4.62 -6.25 6.94
N GLY A 293 3.34 -6.34 7.26
CA GLY A 293 2.37 -6.99 6.37
C GLY A 293 1.36 -5.97 5.90
N GLY A 294 0.27 -6.46 5.34
CA GLY A 294 -0.80 -5.60 4.88
C GLY A 294 -0.46 -4.62 3.76
N GLN A 295 0.62 -4.90 3.03
N GLN A 295 0.61 -4.87 3.01
CA GLN A 295 1.07 -4.03 1.94
CA GLN A 295 0.99 -3.97 1.91
C GLN A 295 1.06 -2.55 2.34
C GLN A 295 1.08 -2.52 2.33
N ALA A 296 1.75 -2.26 3.44
CA ALA A 296 1.93 -0.87 3.92
C ALA A 296 0.67 -0.18 4.48
N ALA A 297 -0.46 -0.88 4.57
CA ALA A 297 -1.70 -0.26 5.04
C ALA A 297 -1.60 0.15 6.49
N CYS A 298 -0.72 -0.51 7.22
CA CYS A 298 -0.60 -0.18 8.64
C CYS A 298 0.84 0.10 9.05
N GLY A 299 1.59 0.66 8.09
CA GLY A 299 2.93 1.15 8.38
C GLY A 299 4.06 0.55 7.52
N GLY A 300 5.21 1.21 7.57
CA GLY A 300 6.45 0.64 7.00
C GLY A 300 7.60 1.38 7.65
N SER A 301 8.82 0.87 7.47
CA SER A 301 10.01 1.59 7.94
C SER A 301 11.06 1.72 6.85
N LEU A 302 11.87 2.78 6.94
CA LEU A 302 12.96 3.00 5.97
C LEU A 302 14.17 2.11 6.33
N ASN A 303 14.15 1.53 7.52
CA ASN A 303 15.03 0.41 7.84
C ASN A 303 14.38 -0.86 7.29
N PRO A 304 14.97 -1.46 6.24
CA PRO A 304 14.33 -2.63 5.63
C PRO A 304 14.26 -3.88 6.51
N HIS A 305 15.12 -3.98 7.53
CA HIS A 305 15.22 -5.19 8.35
C HIS A 305 15.51 -4.92 9.82
N PRO A 306 14.57 -4.25 10.51
CA PRO A 306 14.76 -4.01 11.94
C PRO A 306 14.78 -5.36 12.67
N ALA A 307 15.69 -5.49 13.64
CA ALA A 307 15.93 -6.81 14.27
C ALA A 307 16.63 -6.70 15.61
N ALA A 308 16.50 -7.76 16.41
CA ALA A 308 17.22 -7.89 17.67
C ALA A 308 17.96 -9.21 17.53
N ILE A 309 18.95 -9.39 18.40
CA ILE A 309 19.68 -10.67 18.51
C ILE A 309 19.27 -11.40 19.77
N PHE A 310 18.89 -12.67 19.63
CA PHE A 310 18.70 -13.53 20.78
C PHE A 310 19.88 -14.48 20.81
N HIS A 311 20.66 -14.38 21.89
CA HIS A 311 21.94 -15.07 22.07
C HIS A 311 21.81 -16.15 23.14
N TYR A 312 22.14 -17.40 22.80
CA TYR A 312 22.20 -18.47 23.78
C TYR A 312 23.48 -18.29 24.57
N ALA A 313 23.36 -18.25 25.90
CA ALA A 313 24.49 -18.06 26.79
C ALA A 313 25.52 -19.17 26.57
N GLY A 314 26.77 -18.78 26.40
CA GLY A 314 27.85 -19.72 26.11
C GLY A 314 28.11 -19.98 24.64
N ALA A 315 27.24 -19.48 23.76
CA ALA A 315 27.45 -19.56 22.31
C ALA A 315 28.47 -18.50 21.89
N PRO A 316 28.99 -18.59 20.66
CA PRO A 316 29.83 -17.49 20.18
C PRO A 316 29.07 -16.16 20.10
N GLY A 317 29.82 -15.06 20.01
CA GLY A 317 29.26 -13.73 19.85
C GLY A 317 29.03 -13.40 18.39
N GLY A 318 28.90 -12.11 18.09
CA GLY A 318 28.68 -11.67 16.73
C GLY A 318 27.21 -11.76 16.35
N LEU A 319 26.95 -11.69 15.06
CA LEU A 319 25.61 -11.62 14.54
C LEU A 319 25.11 -12.98 14.10
N PRO A 320 23.77 -13.21 14.17
CA PRO A 320 23.14 -14.38 13.57
C PRO A 320 23.46 -14.49 12.08
N THR A 321 23.53 -15.73 11.59
CA THR A 321 23.94 -16.02 10.19
C THR A 321 22.77 -16.53 9.37
N ASP A 322 21.69 -16.93 10.04
CA ASP A 322 20.51 -17.42 9.34
C ASP A 322 19.48 -16.31 9.21
N GLU A 323 19.23 -15.88 7.97
CA GLU A 323 18.29 -14.79 7.73
C GLU A 323 16.83 -15.20 7.98
N GLY A 324 16.56 -16.50 7.91
CA GLY A 324 15.23 -17.03 8.19
C GLY A 324 14.28 -16.90 7.00
N THR A 325 13.06 -17.37 7.20
CA THR A 325 11.98 -17.24 6.23
C THR A 325 11.04 -16.12 6.67
N PRO A 326 10.47 -15.38 5.71
CA PRO A 326 9.52 -14.31 6.02
C PRO A 326 8.28 -14.90 6.70
N PRO A 327 7.65 -14.16 7.63
CA PRO A 327 6.49 -14.74 8.30
C PRO A 327 5.28 -14.66 7.38
N VAL A 328 4.22 -15.40 7.71
CA VAL A 328 2.98 -15.18 7.02
C VAL A 328 2.58 -13.68 7.11
N ASP A 329 1.92 -13.19 6.08
CA ASP A 329 1.44 -11.81 6.08
C ASP A 329 0.17 -11.76 6.95
N HIS A 330 0.20 -11.02 8.06
CA HIS A 330 -0.97 -10.91 8.95
C HIS A 330 -2.06 -9.97 8.45
N GLN A 331 -1.78 -9.22 7.38
CA GLN A 331 -2.75 -8.34 6.76
C GLN A 331 -3.32 -7.28 7.70
N CYS A 332 -2.49 -6.78 8.63
CA CYS A 332 -2.91 -5.71 9.55
C CYS A 332 -4.06 -6.16 10.47
N LEU A 333 -4.07 -7.43 10.82
CA LEU A 333 -5.10 -7.96 11.69
C LEU A 333 -4.48 -8.69 12.85
N ASP A 334 -4.97 -8.40 14.06
CA ASP A 334 -4.65 -9.21 15.25
C ASP A 334 -5.45 -10.52 15.27
N THR A 335 -4.91 -11.52 15.92
CA THR A 335 -5.56 -12.81 15.97
C THR A 335 -6.79 -12.77 16.88
N LEU A 336 -7.84 -13.44 16.43
CA LEU A 336 -9.04 -13.61 17.24
C LEU A 336 -9.11 -15.04 17.83
N ASP A 337 -7.98 -15.75 17.85
CA ASP A 337 -7.94 -17.11 18.37
C ASP A 337 -7.60 -17.22 19.86
N VAL A 338 -7.17 -16.12 20.47
CA VAL A 338 -6.80 -16.14 21.89
C VAL A 338 -8.08 -16.31 22.72
N ARG A 339 -7.98 -17.03 23.84
CA ARG A 339 -9.11 -17.29 24.69
C ARG A 339 -8.71 -17.01 26.13
N PRO A 340 -9.30 -15.98 26.73
CA PRO A 340 -9.01 -15.68 28.15
C PRO A 340 -9.17 -16.87 29.13
N VAL A 341 -8.28 -16.95 30.11
CA VAL A 341 -8.35 -17.96 31.16
C VAL A 341 -9.65 -17.79 31.98
N VAL A 342 -9.90 -16.57 32.45
CA VAL A 342 -11.16 -16.25 33.14
C VAL A 342 -12.17 -15.85 32.07
N PRO A 343 -13.22 -16.64 31.89
CA PRO A 343 -14.13 -16.46 30.76
C PRO A 343 -15.23 -15.44 30.93
N ARG A 344 -15.75 -14.98 29.80
CA ARG A 344 -16.96 -14.19 29.75
C ARG A 344 -17.84 -14.80 28.66
N SER A 345 -19.14 -14.69 28.84
CA SER A 345 -20.06 -15.14 27.79
C SER A 345 -21.16 -14.11 27.64
N VAL A 346 -21.42 -13.70 26.39
CA VAL A 346 -22.55 -12.83 26.08
C VAL A 346 -23.32 -13.34 24.88
N PRO A 347 -24.63 -13.03 24.84
CA PRO A 347 -25.42 -13.43 23.68
C PRO A 347 -25.07 -12.54 22.50
N VAL A 348 -25.14 -13.10 21.30
CA VAL A 348 -24.86 -12.30 20.10
C VAL A 348 -25.99 -12.41 19.10
N ASN A 349 -26.94 -13.27 19.39
N ASN A 349 -26.92 -13.32 19.37
CA ASN A 349 -27.99 -13.55 18.43
CA ASN A 349 -28.05 -13.59 18.46
C ASN A 349 -29.18 -12.61 18.59
C ASN A 349 -29.01 -12.41 18.41
N SER A 350 -29.04 -11.65 19.50
CA SER A 350 -30.02 -10.60 19.71
C SER A 350 -29.56 -9.22 19.24
N PHE A 351 -28.35 -9.13 18.70
CA PHE A 351 -27.85 -7.83 18.23
C PHE A 351 -28.63 -7.29 17.05
N VAL A 352 -29.05 -6.02 17.13
CA VAL A 352 -29.67 -5.32 16.03
C VAL A 352 -28.95 -4.00 15.82
N LYS A 353 -28.41 -3.79 14.62
CA LYS A 353 -27.78 -2.52 14.28
C LYS A 353 -28.79 -1.37 14.34
N ARG A 354 -28.41 -0.31 15.04
CA ARG A 354 -29.24 0.90 15.22
C ARG A 354 -28.34 2.14 15.26
N PRO A 355 -28.90 3.34 14.94
CA PRO A 355 -28.05 4.54 15.06
C PRO A 355 -27.35 4.64 16.42
N ASP A 356 -28.04 4.30 17.50
CA ASP A 356 -27.49 4.52 18.84
C ASP A 356 -26.47 3.47 19.31
N ASN A 357 -26.20 2.47 18.49
CA ASN A 357 -25.12 1.55 18.79
C ASN A 357 -24.06 1.42 17.69
N THR A 358 -24.13 2.31 16.70
CA THR A 358 -23.25 2.28 15.54
C THR A 358 -22.36 3.50 15.54
N LEU A 359 -21.08 3.29 15.19
CA LEU A 359 -20.08 4.36 15.18
C LEU A 359 -19.41 4.39 13.80
N PRO A 360 -19.95 5.18 12.88
CA PRO A 360 -19.41 5.25 11.51
C PRO A 360 -18.16 6.14 11.50
N VAL A 361 -17.05 5.59 11.04
CA VAL A 361 -15.78 6.30 10.95
C VAL A 361 -15.73 6.80 9.52
N ALA A 362 -15.32 8.04 9.31
CA ALA A 362 -15.25 8.59 7.95
C ALA A 362 -14.09 9.55 7.83
N LEU A 363 -13.41 9.47 6.71
CA LEU A 363 -12.42 10.48 6.34
C LEU A 363 -13.13 11.56 5.53
N ASP A 364 -13.05 12.78 6.04
CA ASP A 364 -13.65 13.93 5.39
C ASP A 364 -12.56 14.77 4.73
N LEU A 365 -12.60 14.84 3.40
CA LEU A 365 -11.58 15.56 2.61
C LEU A 365 -12.00 16.97 2.20
N THR A 366 -13.20 17.36 2.60
CA THR A 366 -13.81 18.57 2.03
C THR A 366 -13.41 19.91 2.70
N GLY A 367 -12.78 19.85 3.87
CA GLY A 367 -12.52 21.05 4.67
C GLY A 367 -11.06 21.42 4.74
N THR A 368 -10.65 21.99 5.87
CA THR A 368 -9.25 22.30 6.13
C THR A 368 -8.97 21.77 7.52
N PRO A 369 -7.86 21.04 7.69
CA PRO A 369 -6.93 20.59 6.66
C PRO A 369 -7.55 19.47 5.83
N LEU A 370 -6.73 18.86 4.97
CA LEU A 370 -7.23 17.82 4.08
C LEU A 370 -7.71 16.54 4.80
N PHE A 371 -6.91 16.04 5.74
CA PHE A 371 -7.22 14.78 6.42
C PHE A 371 -7.86 15.03 7.79
N VAL A 372 -9.18 14.90 7.81
CA VAL A 372 -9.91 15.05 9.04
C VAL A 372 -10.72 13.80 9.23
N TRP A 373 -10.60 13.20 10.42
CA TRP A 373 -11.29 11.96 10.72
C TRP A 373 -12.53 12.22 11.56
N LYS A 374 -13.67 11.68 11.16
CA LYS A 374 -14.93 11.93 11.87
C LYS A 374 -15.59 10.64 12.32
N VAL A 375 -16.15 10.69 13.52
CA VAL A 375 -16.91 9.54 14.00
C VAL A 375 -18.35 10.01 14.19
N ASN A 376 -19.25 9.32 13.50
CA ASN A 376 -20.67 9.68 13.54
C ASN A 376 -20.88 11.14 13.16
N GLY A 377 -20.03 11.64 12.28
CA GLY A 377 -20.23 12.97 11.69
C GLY A 377 -19.42 14.11 12.30
N SER A 378 -18.68 13.81 13.38
CA SER A 378 -17.86 14.82 14.09
C SER A 378 -16.41 14.38 14.36
N ASP A 379 -15.44 15.25 14.03
CA ASP A 379 -14.04 15.08 14.48
C ASP A 379 -13.90 15.54 15.92
N ILE A 380 -13.39 14.68 16.81
CA ILE A 380 -13.30 15.11 18.21
C ILE A 380 -12.35 16.32 18.33
N ASN A 381 -12.67 17.21 19.27
CA ASN A 381 -11.84 18.34 19.59
C ASN A 381 -12.19 18.67 21.02
N VAL A 382 -11.26 18.37 21.93
CA VAL A 382 -11.54 18.53 23.37
C VAL A 382 -11.02 19.89 23.84
N ASP A 383 -11.58 20.36 24.94
CA ASP A 383 -11.12 21.62 25.52
C ASP A 383 -10.21 21.36 26.69
N TRP A 384 -8.90 21.52 26.48
CA TRP A 384 -7.94 21.36 27.58
C TRP A 384 -8.28 22.17 28.84
N GLY A 385 -8.93 23.33 28.65
CA GLY A 385 -9.31 24.22 29.75
C GLY A 385 -10.69 24.02 30.33
N LYS A 386 -11.48 23.12 29.74
CA LYS A 386 -12.77 22.75 30.31
C LYS A 386 -13.07 21.30 30.00
N PRO A 387 -12.45 20.39 30.78
CA PRO A 387 -12.60 18.95 30.56
C PRO A 387 -14.02 18.49 30.87
N ILE A 388 -14.42 17.38 30.24
CA ILE A 388 -15.72 16.79 30.53
C ILE A 388 -16.04 16.66 32.03
N ILE A 389 -15.06 16.26 32.84
CA ILE A 389 -15.24 16.22 34.30
C ILE A 389 -15.68 17.57 34.92
N ASP A 390 -15.29 18.69 34.31
CA ASP A 390 -15.74 20.00 34.80
C ASP A 390 -17.24 20.17 34.63
N TYR A 391 -17.76 19.72 33.48
CA TYR A 391 -19.21 19.67 33.30
C TYR A 391 -19.89 18.82 34.35
N ILE A 392 -19.33 17.65 34.62
CA ILE A 392 -19.86 16.74 35.63
C ILE A 392 -19.92 17.38 37.03
N LEU A 393 -18.81 17.98 37.44
CA LEU A 393 -18.69 18.61 38.76
C LEU A 393 -19.57 19.84 38.94
N THR A 394 -19.93 20.47 37.82
CA THR A 394 -20.78 21.68 37.85
C THR A 394 -22.23 21.38 37.48
N GLY A 395 -22.53 20.13 37.15
CA GLY A 395 -23.88 19.71 36.79
C GLY A 395 -24.37 20.30 35.49
N ASN A 396 -23.44 20.61 34.59
CA ASN A 396 -23.72 21.18 33.30
C ASN A 396 -23.77 20.06 32.27
N THR A 397 -24.90 19.87 31.59
CA THR A 397 -25.05 18.77 30.62
C THR A 397 -24.99 19.21 29.16
N SER A 398 -24.60 20.46 28.93
CA SER A 398 -24.55 21.03 27.59
C SER A 398 -23.20 20.76 26.91
N TYR A 399 -22.91 19.48 26.67
CA TYR A 399 -21.59 19.10 26.14
C TYR A 399 -21.46 19.58 24.72
N PRO A 400 -20.34 20.25 24.42
CA PRO A 400 -20.13 20.65 23.04
C PRO A 400 -20.20 19.46 22.09
N VAL A 401 -20.67 19.72 20.88
CA VAL A 401 -20.72 18.70 19.83
C VAL A 401 -19.35 18.04 19.61
N SER A 402 -18.30 18.85 19.61
N SER A 402 -18.30 18.85 19.61
CA SER A 402 -16.95 18.37 19.32
CA SER A 402 -16.94 18.36 19.32
C SER A 402 -16.38 17.40 20.35
C SER A 402 -16.35 17.44 20.38
N ASP A 403 -17.02 17.31 21.52
CA ASP A 403 -16.57 16.37 22.55
C ASP A 403 -16.99 14.95 22.22
N ASN A 404 -17.82 14.77 21.19
CA ASN A 404 -18.21 13.43 20.76
C ASN A 404 -18.65 12.53 21.93
N ILE A 405 -19.51 13.09 22.78
CA ILE A 405 -20.07 12.33 23.90
C ILE A 405 -21.08 11.28 23.45
N VAL A 406 -20.88 10.05 23.90
CA VAL A 406 -21.85 8.98 23.73
C VAL A 406 -22.22 8.59 25.16
N GLN A 407 -23.40 9.03 25.60
CA GLN A 407 -23.80 8.83 26.99
C GLN A 407 -24.41 7.44 27.10
N VAL A 408 -23.93 6.68 28.09
CA VAL A 408 -24.32 5.30 28.29
C VAL A 408 -24.82 5.15 29.72
N ASP A 409 -26.13 5.05 29.87
CA ASP A 409 -26.76 5.15 31.18
C ASP A 409 -26.92 3.79 31.85
N ALA A 410 -26.97 2.73 31.04
CA ALA A 410 -27.12 1.35 31.54
C ALA A 410 -26.18 1.01 32.70
N VAL A 411 -26.72 0.36 33.73
CA VAL A 411 -25.93 0.07 34.93
C VAL A 411 -25.43 -1.37 34.92
N ASP A 412 -24.12 -1.53 34.77
CA ASP A 412 -23.46 -2.85 34.84
C ASP A 412 -24.16 -3.83 33.89
N GLN A 413 -24.38 -3.35 32.66
N GLN A 413 -24.36 -3.35 32.67
CA GLN A 413 -24.95 -4.14 31.59
CA GLN A 413 -24.95 -4.14 31.59
C GLN A 413 -23.95 -4.21 30.45
C GLN A 413 -23.98 -4.20 30.43
N TRP A 414 -24.04 -5.29 29.67
CA TRP A 414 -23.27 -5.42 28.43
C TRP A 414 -23.84 -4.47 27.39
N THR A 415 -22.95 -3.71 26.75
CA THR A 415 -23.35 -2.79 25.68
C THR A 415 -22.56 -3.15 24.43
N TYR A 416 -23.22 -3.04 23.28
CA TYR A 416 -22.70 -3.56 22.01
C TYR A 416 -22.50 -2.39 21.09
N TRP A 417 -21.34 -2.38 20.42
CA TRP A 417 -20.93 -1.27 19.58
C TRP A 417 -20.43 -1.76 18.23
N LEU A 418 -21.11 -1.31 17.17
CA LEU A 418 -20.69 -1.63 15.79
C LEU A 418 -19.91 -0.46 15.23
N ILE A 419 -18.63 -0.69 14.95
CA ILE A 419 -17.77 0.37 14.38
C ILE A 419 -17.64 0.09 12.89
N GLU A 420 -17.93 1.09 12.06
CA GLU A 420 -17.95 0.91 10.59
C GLU A 420 -16.83 1.73 9.98
N ASN A 421 -16.01 1.09 9.15
CA ASN A 421 -14.81 1.73 8.62
C ASN A 421 -14.97 2.34 7.24
N ASP A 422 -15.68 3.48 7.19
CA ASP A 422 -15.86 4.27 5.96
C ASP A 422 -16.17 3.36 4.76
N PRO A 423 -17.18 2.46 4.86
CA PRO A 423 -17.34 1.49 3.75
C PRO A 423 -17.73 2.09 2.40
N GLU A 424 -18.25 3.31 2.45
CA GLU A 424 -18.68 4.05 1.25
C GLU A 424 -17.66 5.13 0.80
N GLY A 425 -16.55 5.25 1.51
CA GLY A 425 -15.53 6.24 1.15
C GLY A 425 -14.63 5.80 0.02
N PRO A 426 -13.89 6.74 -0.59
CA PRO A 426 -12.97 6.45 -1.71
C PRO A 426 -11.84 5.50 -1.34
N PHE A 427 -11.42 5.53 -0.07
CA PHE A 427 -10.43 4.57 0.42
C PHE A 427 -10.52 4.44 1.93
N SER A 428 -10.14 3.27 2.43
CA SER A 428 -10.27 3.00 3.86
C SER A 428 -8.98 2.33 4.34
N LEU A 429 -8.63 2.59 5.61
CA LEU A 429 -7.40 2.10 6.21
C LEU A 429 -7.71 1.33 7.46
N PRO A 430 -6.84 0.37 7.84
CA PRO A 430 -7.04 -0.30 9.11
C PRO A 430 -6.83 0.69 10.24
N HIS A 431 -7.54 0.52 11.35
CA HIS A 431 -7.36 1.40 12.52
C HIS A 431 -7.30 0.57 13.80
N PRO A 432 -6.26 0.76 14.62
CA PRO A 432 -6.19 0.11 15.94
C PRO A 432 -7.05 0.83 16.97
N MET A 433 -8.21 0.26 17.25
CA MET A 433 -9.18 0.89 18.17
C MET A 433 -8.92 0.50 19.61
N HIS A 434 -8.89 1.51 20.48
CA HIS A 434 -8.48 1.36 21.89
C HIS A 434 -9.54 1.99 22.78
N LEU A 435 -9.97 1.26 23.82
CA LEU A 435 -10.97 1.73 24.81
C LEU A 435 -10.33 1.97 26.16
N HIS A 436 -10.54 3.17 26.71
CA HIS A 436 -10.14 3.45 28.11
C HIS A 436 -11.17 2.87 29.08
N GLY A 437 -10.67 2.52 30.28
CA GLY A 437 -11.52 2.16 31.41
C GLY A 437 -12.07 0.75 31.44
N HIS A 438 -11.82 -0.02 30.40
CA HIS A 438 -12.40 -1.34 30.25
C HIS A 438 -11.54 -2.16 29.32
N ASP A 439 -11.62 -3.48 29.48
CA ASP A 439 -11.36 -4.38 28.37
C ASP A 439 -12.67 -4.57 27.62
N PHE A 440 -12.62 -4.75 26.32
CA PHE A 440 -13.82 -5.14 25.57
C PHE A 440 -13.74 -6.58 25.08
N LEU A 441 -14.90 -7.15 24.75
CA LEU A 441 -14.96 -8.43 24.05
C LEU A 441 -14.99 -8.16 22.54
N VAL A 442 -14.15 -8.88 21.79
CA VAL A 442 -14.19 -8.78 20.34
C VAL A 442 -15.15 -9.84 19.80
N LEU A 443 -16.35 -9.40 19.42
CA LEU A 443 -17.44 -10.34 19.11
C LEU A 443 -17.37 -10.79 17.67
N GLY A 444 -16.73 -9.97 16.84
CA GLY A 444 -16.52 -10.33 15.45
C GLY A 444 -16.12 -9.15 14.60
N ARG A 445 -15.72 -9.45 13.37
CA ARG A 445 -15.38 -8.43 12.41
C ARG A 445 -15.71 -8.92 11.03
N SER A 446 -15.65 -7.98 10.10
CA SER A 446 -15.84 -8.31 8.69
C SER A 446 -14.84 -9.36 8.24
N PRO A 447 -15.16 -10.10 7.16
CA PRO A 447 -14.25 -11.18 6.75
C PRO A 447 -12.79 -10.77 6.46
N ASP A 448 -11.84 -11.60 6.90
CA ASP A 448 -10.42 -11.29 6.72
C ASP A 448 -10.05 -11.28 5.23
N VAL A 449 -9.54 -10.15 4.75
CA VAL A 449 -9.12 -9.99 3.34
C VAL A 449 -7.86 -9.14 3.29
N PRO A 450 -7.16 -9.11 2.13
CA PRO A 450 -5.96 -8.31 2.05
C PRO A 450 -6.20 -6.85 2.41
N ALA A 451 -5.37 -6.32 3.30
CA ALA A 451 -5.60 -4.98 3.89
C ALA A 451 -5.62 -3.85 2.87
N ALA A 452 -4.93 -4.04 1.73
CA ALA A 452 -4.87 -3.02 0.67
C ALA A 452 -5.81 -3.29 -0.51
N SER A 453 -6.61 -4.34 -0.41
CA SER A 453 -7.48 -4.71 -1.52
C SER A 453 -8.65 -3.75 -1.78
N GLN A 454 -8.98 -2.90 -0.80
CA GLN A 454 -10.16 -2.02 -0.85
C GLN A 454 -11.51 -2.75 -1.02
N GLN A 455 -11.57 -4.02 -0.64
CA GLN A 455 -12.84 -4.72 -0.49
C GLN A 455 -13.59 -4.16 0.70
N ARG A 456 -14.90 -4.02 0.53
N ARG A 456 -14.89 -3.95 0.52
CA ARG A 456 -15.76 -3.31 1.47
CA ARG A 456 -15.72 -3.32 1.53
C ARG A 456 -16.89 -4.18 1.97
C ARG A 456 -16.80 -4.27 2.02
N PHE A 457 -17.18 -4.10 3.28
CA PHE A 457 -18.24 -4.88 3.92
C PHE A 457 -19.13 -4.00 4.77
N VAL A 458 -20.44 -4.17 4.60
CA VAL A 458 -21.40 -3.57 5.51
C VAL A 458 -22.06 -4.71 6.28
N PHE A 459 -22.17 -4.54 7.59
CA PHE A 459 -22.77 -5.57 8.47
C PHE A 459 -24.11 -6.01 7.87
N ASP A 460 -24.21 -7.31 7.66
CA ASP A 460 -25.41 -7.92 7.09
C ASP A 460 -25.81 -9.08 8.00
N PRO A 461 -26.88 -8.88 8.79
CA PRO A 461 -27.21 -9.85 9.84
C PRO A 461 -27.47 -11.27 9.32
N ALA A 462 -27.98 -11.38 8.09
CA ALA A 462 -28.30 -12.68 7.50
C ALA A 462 -27.06 -13.54 7.22
N VAL A 463 -25.88 -12.90 7.19
CA VAL A 463 -24.61 -13.62 7.02
C VAL A 463 -23.69 -13.44 8.24
N ASP A 464 -23.80 -12.30 8.90
CA ASP A 464 -22.82 -11.92 9.90
C ASP A 464 -23.14 -12.33 11.34
N LEU A 465 -24.42 -12.46 11.67
CA LEU A 465 -24.76 -12.92 13.02
C LEU A 465 -24.12 -14.28 13.29
N ALA A 466 -24.09 -15.12 12.27
CA ALA A 466 -23.48 -16.45 12.39
C ALA A 466 -21.96 -16.44 12.54
N ARG A 467 -21.37 -15.28 12.34
CA ARG A 467 -19.92 -15.13 12.33
C ARG A 467 -19.42 -14.56 13.67
N LEU A 468 -20.37 -14.14 14.50
CA LEU A 468 -20.06 -13.60 15.83
C LEU A 468 -19.79 -14.69 16.84
N ASN A 469 -18.97 -14.39 17.84
CA ASN A 469 -18.66 -15.32 18.90
C ASN A 469 -18.85 -14.62 20.23
N GLY A 470 -19.82 -15.09 21.01
CA GLY A 470 -20.00 -14.59 22.36
C GLY A 470 -19.53 -15.55 23.45
N ASP A 471 -18.95 -16.69 23.04
CA ASP A 471 -18.50 -17.74 23.98
C ASP A 471 -17.02 -17.55 24.27
N ASN A 472 -16.74 -16.83 25.36
CA ASN A 472 -15.36 -16.45 25.74
C ASN A 472 -14.48 -15.93 24.60
N PRO A 473 -14.92 -14.86 23.90
CA PRO A 473 -14.13 -14.29 22.83
C PRO A 473 -12.90 -13.54 23.35
N PRO A 474 -12.02 -13.14 22.42
CA PRO A 474 -10.89 -12.34 22.82
C PRO A 474 -11.36 -11.15 23.63
N ARG A 475 -10.62 -10.85 24.69
CA ARG A 475 -10.95 -9.78 25.58
C ARG A 475 -9.66 -9.01 25.77
N ARG A 476 -9.71 -7.71 25.48
CA ARG A 476 -8.49 -6.92 25.57
C ARG A 476 -8.83 -5.44 25.42
N ASP A 477 -7.82 -4.59 25.27
CA ASP A 477 -8.07 -3.13 25.26
C ASP A 477 -7.83 -2.47 23.92
N THR A 478 -7.28 -3.21 22.97
CA THR A 478 -7.01 -2.68 21.65
C THR A 478 -7.21 -3.79 20.64
N THR A 479 -7.88 -3.50 19.52
CA THR A 479 -8.05 -4.48 18.45
C THR A 479 -8.25 -3.78 17.13
N MET A 480 -8.09 -4.50 16.01
CA MET A 480 -8.12 -3.88 14.69
C MET A 480 -9.50 -3.75 14.08
N LEU A 481 -9.76 -2.54 13.61
CA LEU A 481 -10.87 -2.27 12.74
C LEU A 481 -10.40 -2.52 11.30
N PRO A 482 -10.93 -3.57 10.63
CA PRO A 482 -10.49 -3.88 9.28
C PRO A 482 -10.73 -2.75 8.27
N ALA A 483 -9.73 -2.51 7.45
CA ALA A 483 -9.85 -1.66 6.28
C ALA A 483 -11.18 -1.94 5.57
N GLY A 484 -12.01 -0.90 5.40
CA GLY A 484 -13.24 -0.97 4.59
C GLY A 484 -14.39 -1.78 5.16
N GLY A 485 -14.20 -2.26 6.39
CA GLY A 485 -15.12 -3.22 7.01
C GLY A 485 -15.76 -2.74 8.29
N TRP A 486 -15.89 -3.66 9.25
CA TRP A 486 -16.60 -3.37 10.51
C TRP A 486 -16.06 -4.26 11.62
N LEU A 487 -16.39 -3.86 12.84
CA LEU A 487 -15.93 -4.50 14.06
C LEU A 487 -17.05 -4.43 15.06
N LEU A 488 -17.37 -5.54 15.72
CA LEU A 488 -18.39 -5.53 16.75
C LEU A 488 -17.80 -5.83 18.12
N LEU A 489 -17.94 -4.87 19.04
CA LEU A 489 -17.36 -4.96 20.40
C LEU A 489 -18.43 -4.92 21.47
N ALA A 490 -18.11 -5.44 22.64
CA ALA A 490 -18.99 -5.26 23.78
C ALA A 490 -18.17 -4.94 25.01
N PHE A 491 -18.71 -4.09 25.86
CA PHE A 491 -18.16 -3.92 27.20
C PHE A 491 -19.26 -3.73 28.21
N ARG A 492 -18.94 -4.01 29.48
CA ARG A 492 -19.93 -3.98 30.54
C ARG A 492 -19.76 -2.68 31.30
N THR A 493 -20.88 -2.03 31.61
CA THR A 493 -20.82 -0.68 32.14
C THR A 493 -20.64 -0.71 33.67
N ASP A 494 -19.48 -1.24 34.08
CA ASP A 494 -19.10 -1.44 35.49
C ASP A 494 -18.19 -0.33 36.07
N ASN A 495 -18.03 0.78 35.35
CA ASN A 495 -17.01 1.74 35.73
C ASN A 495 -17.39 3.16 35.34
N PRO A 496 -18.20 3.87 36.17
CA PRO A 496 -18.65 5.22 35.84
C PRO A 496 -17.46 6.13 35.56
N GLY A 497 -17.53 6.85 34.44
CA GLY A 497 -16.45 7.76 34.06
C GLY A 497 -16.60 8.23 32.63
N ALA A 498 -15.74 9.16 32.23
CA ALA A 498 -15.69 9.59 30.83
C ALA A 498 -14.48 8.86 30.23
N TRP A 499 -14.74 8.01 29.24
CA TRP A 499 -13.73 7.07 28.73
C TRP A 499 -13.55 7.28 27.24
N LEU A 500 -12.34 7.68 26.82
CA LEU A 500 -12.12 7.80 25.38
C LEU A 500 -12.12 6.42 24.69
N PHE A 501 -12.52 6.44 23.41
CA PHE A 501 -12.46 5.25 22.56
C PHE A 501 -12.01 5.79 21.20
N HIS A 502 -10.81 5.41 20.81
CA HIS A 502 -10.15 6.09 19.73
C HIS A 502 -9.21 5.19 18.96
N CYS A 503 -8.90 5.59 17.74
CA CYS A 503 -7.83 4.94 16.98
C CYS A 503 -6.55 5.36 17.66
N HIS A 504 -5.61 4.43 17.80
CA HIS A 504 -4.39 4.76 18.53
C HIS A 504 -3.28 5.20 17.58
N ILE A 505 -3.55 5.31 16.27
CA ILE A 505 -2.54 5.92 15.40
C ILE A 505 -2.52 7.41 15.74
N ALA A 506 -1.37 7.90 16.20
CA ALA A 506 -1.26 9.30 16.68
C ALA A 506 -1.84 10.29 15.72
N TRP A 507 -1.56 10.11 14.43
CA TRP A 507 -1.96 11.07 13.42
C TRP A 507 -3.46 11.10 13.26
N HIS A 508 -4.10 9.96 13.50
CA HIS A 508 -5.57 9.85 13.31
C HIS A 508 -6.37 10.39 14.49
N VAL A 509 -5.96 10.08 15.72
CA VAL A 509 -6.67 10.65 16.88
C VAL A 509 -6.40 12.16 16.96
N SER A 510 -5.21 12.59 16.56
N SER A 510 -5.20 12.57 16.56
CA SER A 510 -4.96 14.04 16.40
CA SER A 510 -4.93 14.00 16.41
C SER A 510 -5.98 14.62 15.44
C SER A 510 -5.91 14.63 15.42
N GLY A 511 -6.25 13.88 14.37
CA GLY A 511 -7.10 14.33 13.29
C GLY A 511 -8.58 14.16 13.53
N GLY A 512 -8.94 13.61 14.68
CA GLY A 512 -10.32 13.62 15.14
C GLY A 512 -10.94 12.26 15.45
N LEU A 513 -10.16 11.19 15.27
CA LEU A 513 -10.73 9.82 15.31
C LEU A 513 -10.91 9.29 16.75
N SER A 514 -11.98 9.72 17.39
CA SER A 514 -12.32 9.28 18.76
C SER A 514 -13.77 9.59 19.09
N VAL A 515 -14.31 8.88 20.08
CA VAL A 515 -15.48 9.36 20.79
C VAL A 515 -15.15 9.33 22.29
N ASP A 516 -16.10 9.77 23.11
CA ASP A 516 -15.92 9.78 24.55
C ASP A 516 -17.17 9.14 25.14
N PHE A 517 -17.02 7.91 25.66
CA PHE A 517 -18.13 7.21 26.29
C PHE A 517 -18.36 7.81 27.66
N LEU A 518 -19.49 8.49 27.83
CA LEU A 518 -19.79 9.02 29.15
C LEU A 518 -20.65 8.02 29.88
N GLU A 519 -20.00 7.19 30.66
CA GLU A 519 -20.61 6.05 31.33
C GLU A 519 -21.19 6.44 32.67
N ARG A 520 -22.51 6.33 32.78
CA ARG A 520 -23.22 6.49 34.07
C ARG A 520 -22.86 7.79 34.79
N PRO A 521 -23.06 8.94 34.11
CA PRO A 521 -22.58 10.23 34.64
C PRO A 521 -23.15 10.61 36.01
N ALA A 522 -24.37 10.20 36.28
CA ALA A 522 -25.00 10.42 37.59
C ALA A 522 -24.17 9.73 38.69
N ASP A 523 -23.81 8.47 38.46
CA ASP A 523 -23.02 7.71 39.42
C ASP A 523 -21.60 8.26 39.56
N LEU A 524 -21.04 8.70 38.45
CA LEU A 524 -19.70 9.30 38.45
C LEU A 524 -19.58 10.48 39.41
N ARG A 525 -20.55 11.37 39.39
CA ARG A 525 -20.51 12.57 40.26
C ARG A 525 -20.40 12.21 41.76
N GLN A 526 -21.21 11.26 42.21
CA GLN A 526 -21.23 10.78 43.60
C GLN A 526 -19.91 10.13 44.03
N ARG A 527 -19.20 9.53 43.07
CA ARG A 527 -17.98 8.78 43.41
C ARG A 527 -16.67 9.56 43.37
N ILE A 528 -16.71 10.82 42.96
CA ILE A 528 -15.52 11.65 42.95
C ILE A 528 -15.22 12.17 44.36
N SER A 529 -14.06 11.80 44.91
CA SER A 529 -13.66 12.22 46.26
C SER A 529 -13.33 13.70 46.34
N GLN A 530 -13.36 14.26 47.55
CA GLN A 530 -13.07 15.68 47.71
C GLN A 530 -11.64 15.99 47.29
N GLU A 531 -10.72 15.06 47.54
CA GLU A 531 -9.30 15.23 47.19
C GLU A 531 -9.12 15.27 45.68
N ASP A 532 -9.75 14.33 44.98
CA ASP A 532 -9.72 14.32 43.53
C ASP A 532 -10.34 15.58 42.93
N GLU A 533 -11.49 16.03 43.46
CA GLU A 533 -12.13 17.23 42.98
C GLU A 533 -11.26 18.47 43.22
N ASP A 534 -10.77 18.61 44.45
CA ASP A 534 -9.92 19.74 44.77
C ASP A 534 -8.70 19.78 43.87
N ASP A 535 -8.05 18.64 43.65
CA ASP A 535 -6.84 18.65 42.82
C ASP A 535 -7.12 18.87 41.33
N PHE A 536 -8.25 18.34 40.86
CA PHE A 536 -8.72 18.62 39.49
C PHE A 536 -8.83 20.14 39.29
N ASN A 537 -9.46 20.81 40.26
CA ASN A 537 -9.67 22.23 40.19
C ASN A 537 -8.39 23.02 40.30
N ARG A 538 -7.47 22.56 41.18
CA ARG A 538 -6.14 23.17 41.29
C ARG A 538 -5.39 23.17 39.96
N VAL A 539 -5.29 21.99 39.35
CA VAL A 539 -4.55 21.87 38.08
C VAL A 539 -5.24 22.67 36.98
N CYS A 540 -6.57 22.63 36.92
CA CYS A 540 -7.28 23.42 35.93
C CYS A 540 -7.05 24.94 36.11
N ASP A 541 -7.10 25.40 37.35
CA ASP A 541 -6.80 26.80 37.64
C ASP A 541 -5.39 27.20 37.12
N GLU A 542 -4.38 26.35 37.39
CA GLU A 542 -3.02 26.64 36.94
C GLU A 542 -2.90 26.58 35.42
N TRP A 543 -3.57 25.60 34.81
CA TRP A 543 -3.53 25.47 33.35
C TRP A 543 -4.18 26.68 32.68
N ARG A 544 -5.33 27.09 33.20
CA ARG A 544 -6.06 28.22 32.62
C ARG A 544 -5.30 29.54 32.80
N ALA A 545 -4.58 29.68 33.91
CA ALA A 545 -3.69 30.83 34.10
C ALA A 545 -2.48 30.82 33.14
N TYR A 546 -2.01 29.62 32.81
CA TYR A 546 -0.87 29.48 31.95
C TYR A 546 -1.22 29.72 30.48
N TRP A 547 -2.33 29.14 30.04
CA TRP A 547 -2.58 28.99 28.60
C TRP A 547 -2.42 30.31 27.78
N PRO A 548 -2.98 31.43 28.30
CA PRO A 548 -2.88 32.67 27.53
C PRO A 548 -1.46 33.10 27.21
N THR A 549 -0.49 32.57 27.96
CA THR A 549 0.91 32.96 27.82
C THR A 549 1.64 32.06 26.81
N ASN A 550 0.99 31.00 26.38
CA ASN A 550 1.60 30.06 25.45
C ASN A 550 1.81 30.69 24.08
N PRO A 551 3.05 30.61 23.55
CA PRO A 551 3.36 31.17 22.25
C PRO A 551 2.79 30.39 21.07
N TYR A 552 2.34 29.16 21.30
CA TYR A 552 1.87 28.31 20.21
C TYR A 552 0.38 27.98 20.27
N PRO A 553 -0.27 27.87 19.10
CA PRO A 553 -1.69 27.46 19.09
C PRO A 553 -1.84 25.95 19.24
N LYS A 554 -3.04 25.51 19.61
CA LYS A 554 -3.42 24.10 19.51
C LYS A 554 -3.84 23.87 18.05
N ILE A 555 -3.21 22.91 17.40
CA ILE A 555 -3.37 22.68 15.95
C ILE A 555 -4.18 21.42 15.63
N ASP A 556 -4.58 20.69 16.67
CA ASP A 556 -5.26 19.40 16.45
C ASP A 556 -6.36 19.12 17.49
N SER A 557 -6.77 17.86 17.65
CA SER A 557 -7.88 17.53 18.57
C SER A 557 -7.52 17.77 20.03
N GLY A 558 -6.23 17.82 20.32
CA GLY A 558 -5.75 17.89 21.71
C GLY A 558 -5.41 16.54 22.30
N LEU A 559 -5.75 15.47 21.56
CA LEU A 559 -5.56 14.10 22.03
C LEU A 559 -4.49 13.32 21.28
N GLU B 1 11.47 -12.38 -45.20
CA GLU B 1 11.92 -13.81 -45.03
C GLU B 1 13.43 -13.87 -44.73
N PRO B 2 13.80 -14.57 -43.64
CA PRO B 2 15.21 -14.79 -43.26
C PRO B 2 15.91 -15.76 -44.21
N THR B 3 17.24 -15.67 -44.32
CA THR B 3 18.00 -16.62 -45.14
C THR B 3 19.15 -17.30 -44.38
N CYS B 4 19.45 -16.86 -43.16
CA CYS B 4 20.62 -17.37 -42.41
C CYS B 4 20.41 -17.36 -40.89
N ASN B 5 19.15 -17.33 -40.47
CA ASN B 5 18.79 -17.32 -39.05
C ASN B 5 18.62 -18.75 -38.57
N THR B 6 19.55 -19.23 -37.74
CA THR B 6 19.53 -20.60 -37.27
C THR B 6 19.68 -20.61 -35.74
N PRO B 7 19.34 -21.74 -35.08
CA PRO B 7 19.54 -21.81 -33.63
C PRO B 7 20.94 -21.40 -33.14
N SER B 8 21.99 -21.81 -33.84
CA SER B 8 23.36 -21.43 -33.47
C SER B 8 23.75 -20.02 -33.92
N ASN B 9 22.97 -19.43 -34.82
CA ASN B 9 23.29 -18.09 -35.29
C ASN B 9 22.01 -17.27 -35.40
N ARG B 10 21.50 -16.82 -34.26
CA ARG B 10 20.27 -16.00 -34.27
C ARG B 10 20.53 -14.54 -34.62
N ALA B 11 21.81 -14.14 -34.55
CA ALA B 11 22.24 -12.77 -34.87
C ALA B 11 22.05 -12.40 -36.35
N CYS B 12 22.14 -13.41 -37.22
N CYS B 12 22.12 -13.39 -37.23
CA CYS B 12 21.94 -13.27 -38.68
CA CYS B 12 21.98 -13.14 -38.65
C CYS B 12 20.46 -13.14 -39.00
C CYS B 12 20.51 -13.25 -39.08
N TRP B 13 20.16 -12.49 -40.11
CA TRP B 13 18.79 -12.52 -40.66
C TRP B 13 18.77 -12.74 -42.17
N SER B 14 19.27 -11.76 -42.92
CA SER B 14 19.35 -11.81 -44.39
C SER B 14 20.44 -10.85 -44.88
N ASP B 15 20.73 -10.84 -46.18
CA ASP B 15 21.77 -9.93 -46.72
C ASP B 15 21.55 -8.47 -46.31
N GLY B 16 22.48 -7.92 -45.54
CA GLY B 16 22.43 -6.53 -45.11
C GLY B 16 21.62 -6.28 -43.86
N PHE B 17 21.10 -7.35 -43.28
CA PHE B 17 20.21 -7.25 -42.12
C PHE B 17 20.59 -8.26 -41.06
N ASP B 18 20.98 -7.73 -39.90
CA ASP B 18 21.36 -8.56 -38.77
C ASP B 18 21.08 -7.82 -37.46
N ILE B 19 21.42 -8.41 -36.33
CA ILE B 19 21.19 -7.81 -35.01
C ILE B 19 21.80 -6.41 -34.85
N ASN B 20 22.84 -6.10 -35.62
CA ASN B 20 23.57 -4.82 -35.48
C ASN B 20 23.10 -3.71 -36.40
N THR B 21 22.28 -4.07 -37.37
CA THR B 21 21.65 -3.10 -38.28
C THR B 21 20.81 -2.09 -37.51
N ASP B 22 20.92 -0.82 -37.88
CA ASP B 22 20.03 0.18 -37.28
C ASP B 22 18.65 0.05 -37.90
N TYR B 23 17.78 -0.70 -37.23
CA TYR B 23 16.42 -1.02 -37.71
C TYR B 23 15.53 0.22 -37.72
N GLU B 24 15.97 1.29 -37.07
CA GLU B 24 15.19 2.55 -37.05
C GLU B 24 15.30 3.31 -38.37
N VAL B 25 16.32 2.97 -39.16
CA VAL B 25 16.48 3.63 -40.48
C VAL B 25 16.58 2.68 -41.69
N SER B 26 16.78 1.39 -41.43
N SER B 26 16.75 1.39 -41.42
CA SER B 26 16.93 0.36 -42.47
CA SER B 26 16.92 0.38 -42.46
C SER B 26 15.96 -0.79 -42.23
C SER B 26 15.95 -0.79 -42.22
N THR B 27 15.17 -1.12 -43.26
CA THR B 27 14.14 -2.15 -43.18
C THR B 27 14.24 -3.03 -44.44
N PRO B 28 14.17 -4.37 -44.27
CA PRO B 28 14.09 -5.32 -45.37
C PRO B 28 12.91 -5.05 -46.30
N ASP B 29 13.15 -5.05 -47.61
CA ASP B 29 12.02 -4.98 -48.52
C ASP B 29 11.58 -6.38 -48.94
N THR B 30 10.59 -6.92 -48.24
N THR B 30 10.59 -6.92 -48.23
CA THR B 30 10.17 -8.29 -48.47
CA THR B 30 10.14 -8.29 -48.44
C THR B 30 9.03 -8.41 -49.48
C THR B 30 9.04 -8.40 -49.49
N GLY B 31 8.28 -7.32 -49.66
CA GLY B 31 7.11 -7.31 -50.55
C GLY B 31 5.94 -8.17 -50.12
N VAL B 32 5.97 -8.67 -48.89
CA VAL B 32 4.95 -9.55 -48.36
C VAL B 32 3.99 -8.76 -47.47
N THR B 33 2.70 -9.09 -47.58
CA THR B 33 1.67 -8.55 -46.70
C THR B 33 1.01 -9.74 -45.95
N GLN B 34 0.96 -9.62 -44.63
CA GLN B 34 0.16 -10.52 -43.80
C GLN B 34 -1.11 -9.80 -43.38
N SER B 35 -2.26 -10.34 -43.76
CA SER B 35 -3.57 -9.69 -43.51
C SER B 35 -4.44 -10.49 -42.54
N TYR B 36 -5.34 -9.78 -41.85
CA TYR B 36 -6.19 -10.32 -40.78
C TYR B 36 -7.49 -9.57 -40.83
N VAL B 37 -8.57 -10.20 -40.35
CA VAL B 37 -9.83 -9.49 -40.12
C VAL B 37 -10.19 -9.61 -38.65
N PHE B 38 -10.51 -8.49 -38.02
CA PHE B 38 -10.91 -8.42 -36.62
C PHE B 38 -12.40 -8.08 -36.56
N ASN B 39 -13.23 -9.06 -36.22
CA ASN B 39 -14.66 -8.86 -36.08
C ASN B 39 -15.00 -8.73 -34.60
N LEU B 40 -15.30 -7.50 -34.17
CA LEU B 40 -15.54 -7.23 -32.74
C LEU B 40 -16.99 -7.47 -32.43
N THR B 41 -17.28 -8.36 -31.49
CA THR B 41 -18.65 -8.60 -31.06
C THR B 41 -18.82 -8.40 -29.57
N GLU B 42 -20.07 -8.13 -29.19
CA GLU B 42 -20.42 -7.88 -27.81
C GLU B 42 -21.11 -9.14 -27.32
N VAL B 43 -20.59 -9.72 -26.24
CA VAL B 43 -21.08 -11.01 -25.74
C VAL B 43 -21.51 -10.85 -24.28
N ASP B 44 -22.79 -11.13 -24.01
CA ASP B 44 -23.30 -11.10 -22.66
C ASP B 44 -23.25 -12.48 -22.00
N ASN B 45 -23.09 -12.50 -20.69
CA ASN B 45 -23.04 -13.75 -19.93
C ASN B 45 -22.07 -14.78 -20.50
N TRP B 46 -20.82 -14.33 -20.63
CA TRP B 46 -19.73 -15.12 -21.18
C TRP B 46 -19.02 -15.89 -20.10
N MET B 47 -18.86 -17.19 -20.31
CA MET B 47 -18.09 -18.01 -19.40
C MET B 47 -16.60 -17.76 -19.60
N GLY B 48 -15.94 -17.25 -18.57
CA GLY B 48 -14.51 -16.98 -18.65
C GLY B 48 -13.69 -18.20 -18.26
N PRO B 49 -12.36 -18.10 -18.41
CA PRO B 49 -11.49 -19.24 -18.17
C PRO B 49 -11.41 -19.77 -16.75
N ASP B 50 -11.79 -18.96 -15.75
CA ASP B 50 -11.73 -19.44 -14.36
C ASP B 50 -13.10 -19.89 -13.81
N GLY B 51 -14.06 -20.09 -14.71
CA GLY B 51 -15.37 -20.64 -14.35
C GLY B 51 -16.42 -19.60 -13.99
N VAL B 52 -15.99 -18.34 -13.93
CA VAL B 52 -16.92 -17.30 -13.58
C VAL B 52 -17.51 -16.71 -14.85
N VAL B 53 -18.82 -16.51 -14.84
CA VAL B 53 -19.54 -15.87 -15.95
C VAL B 53 -19.54 -14.33 -15.80
N LYS B 54 -19.01 -13.65 -16.82
CA LYS B 54 -19.00 -12.20 -16.85
C LYS B 54 -20.24 -11.62 -17.52
N GLU B 55 -20.76 -10.56 -16.93
CA GLU B 55 -21.88 -9.82 -17.48
C GLU B 55 -21.75 -9.48 -18.96
N LYS B 56 -20.61 -8.92 -19.36
CA LYS B 56 -20.41 -8.48 -20.75
C LYS B 56 -18.93 -8.42 -21.09
N VAL B 57 -18.57 -8.98 -22.24
CA VAL B 57 -17.22 -8.86 -22.79
C VAL B 57 -17.33 -8.37 -24.23
N MET B 58 -16.20 -7.89 -24.75
CA MET B 58 -16.10 -7.42 -26.12
C MET B 58 -14.91 -8.12 -26.75
N LEU B 59 -15.20 -9.00 -27.71
CA LEU B 59 -14.23 -9.97 -28.22
C LEU B 59 -13.91 -9.79 -29.69
N ILE B 60 -12.68 -10.11 -30.05
CA ILE B 60 -12.28 -10.18 -31.45
C ILE B 60 -12.39 -11.63 -31.93
N ASN B 61 -13.14 -11.85 -33.00
CA ASN B 61 -13.34 -13.19 -33.58
C ASN B 61 -13.79 -14.25 -32.57
N GLY B 62 -14.57 -13.82 -31.58
CA GLY B 62 -15.20 -14.75 -30.65
C GLY B 62 -14.31 -15.36 -29.57
N ASN B 63 -13.07 -14.88 -29.47
CA ASN B 63 -12.09 -15.43 -28.50
C ASN B 63 -11.66 -14.43 -27.42
N ILE B 64 -11.11 -14.92 -26.31
CA ILE B 64 -10.70 -14.03 -25.22
C ILE B 64 -9.67 -12.98 -25.67
N MET B 65 -8.84 -13.35 -26.64
CA MET B 65 -7.91 -12.42 -27.30
C MET B 65 -8.05 -12.51 -28.81
N GLY B 66 -7.65 -11.45 -29.51
CA GLY B 66 -7.71 -11.45 -30.97
C GLY B 66 -6.62 -12.36 -31.54
N PRO B 67 -6.53 -12.42 -32.88
CA PRO B 67 -5.45 -13.15 -33.57
C PRO B 67 -4.04 -12.80 -33.07
N ASN B 68 -3.17 -13.80 -32.91
N ASN B 68 -3.18 -13.80 -32.98
CA ASN B 68 -1.75 -13.52 -32.80
CA ASN B 68 -1.76 -13.57 -32.79
C ASN B 68 -1.33 -13.08 -34.19
C ASN B 68 -1.14 -13.12 -34.10
N ILE B 69 -0.94 -11.82 -34.27
CA ILE B 69 -0.35 -11.30 -35.50
C ILE B 69 1.10 -11.78 -35.55
N VAL B 70 1.46 -12.40 -36.68
CA VAL B 70 2.83 -12.86 -36.93
C VAL B 70 3.28 -12.49 -38.35
N ALA B 71 4.46 -11.87 -38.43
CA ALA B 71 5.02 -11.45 -39.70
C ALA B 71 6.54 -11.38 -39.57
N ASN B 72 7.25 -11.19 -40.68
CA ASN B 72 8.69 -11.00 -40.63
C ASN B 72 9.04 -9.51 -40.69
N TRP B 73 10.20 -9.19 -40.15
CA TRP B 73 10.84 -7.90 -40.30
C TRP B 73 10.79 -7.40 -41.72
N GLY B 74 10.11 -6.27 -41.92
CA GLY B 74 9.99 -5.66 -43.24
C GLY B 74 8.71 -5.99 -44.00
N ASP B 75 7.97 -7.00 -43.52
CA ASP B 75 6.62 -7.28 -44.01
C ASP B 75 5.71 -6.09 -43.73
N THR B 76 4.56 -6.10 -44.40
CA THR B 76 3.47 -5.18 -44.12
C THR B 76 2.37 -5.99 -43.45
N VAL B 77 1.75 -5.42 -42.42
CA VAL B 77 0.66 -6.04 -41.71
C VAL B 77 -0.61 -5.24 -42.00
N GLU B 78 -1.66 -5.94 -42.39
CA GLU B 78 -2.89 -5.24 -42.77
C GLU B 78 -4.03 -5.86 -41.99
N VAL B 79 -4.84 -5.04 -41.33
CA VAL B 79 -5.94 -5.56 -40.55
C VAL B 79 -7.23 -4.79 -40.82
N THR B 80 -8.24 -5.48 -41.32
CA THR B 80 -9.57 -4.88 -41.47
C THR B 80 -10.33 -5.09 -40.18
N VAL B 81 -10.73 -3.99 -39.55
CA VAL B 81 -11.47 -4.07 -38.29
C VAL B 81 -12.92 -3.75 -38.54
N ILE B 82 -13.80 -4.66 -38.11
CA ILE B 82 -15.24 -4.52 -38.31
C ILE B 82 -15.89 -4.47 -36.95
N ASN B 83 -16.51 -3.32 -36.67
CA ASN B 83 -17.07 -3.06 -35.38
C ASN B 83 -18.52 -3.49 -35.31
N ASN B 84 -18.73 -4.68 -34.77
CA ASN B 84 -20.09 -5.21 -34.54
C ASN B 84 -20.55 -5.09 -33.09
N LEU B 85 -19.92 -4.17 -32.35
CA LEU B 85 -20.44 -3.84 -31.03
C LEU B 85 -21.80 -3.16 -31.13
N VAL B 86 -22.52 -3.07 -30.01
CA VAL B 86 -23.86 -2.48 -30.04
C VAL B 86 -23.84 -0.96 -30.03
N THR B 87 -23.06 -0.38 -29.10
CA THR B 87 -23.01 1.07 -28.94
C THR B 87 -21.63 1.68 -29.13
N ASN B 88 -20.58 1.00 -28.68
CA ASN B 88 -19.25 1.63 -28.63
C ASN B 88 -18.64 1.78 -30.00
N GLY B 89 -17.97 2.90 -30.23
CA GLY B 89 -17.00 2.97 -31.32
C GLY B 89 -15.82 2.10 -30.95
N THR B 90 -14.85 1.98 -31.85
CA THR B 90 -13.60 1.29 -31.50
C THR B 90 -12.42 1.85 -32.29
N SER B 91 -11.19 1.59 -31.85
N SER B 91 -11.24 1.60 -31.74
CA SER B 91 -9.99 2.02 -32.55
CA SER B 91 -9.96 1.92 -32.29
C SER B 91 -8.85 1.17 -32.02
C SER B 91 -9.22 0.62 -32.19
N ILE B 92 -8.12 0.51 -32.92
CA ILE B 92 -7.11 -0.47 -32.50
C ILE B 92 -5.76 0.20 -32.58
N HIS B 93 -5.07 0.24 -31.45
CA HIS B 93 -3.76 0.81 -31.38
C HIS B 93 -2.72 -0.30 -31.36
N TRP B 94 -1.62 -0.11 -32.08
CA TRP B 94 -0.59 -1.15 -32.28
C TRP B 94 0.58 -0.73 -31.41
N HIS B 95 0.55 -1.24 -30.19
CA HIS B 95 1.42 -0.73 -29.13
C HIS B 95 2.84 -1.18 -29.36
N GLY B 96 3.74 -0.23 -29.58
CA GLY B 96 5.13 -0.58 -29.84
C GLY B 96 5.50 -0.48 -31.29
N ILE B 97 4.48 -0.32 -32.15
CA ILE B 97 4.72 -0.11 -33.57
C ILE B 97 4.80 1.41 -33.76
N HIS B 98 5.96 1.93 -34.15
CA HIS B 98 6.19 3.39 -34.16
C HIS B 98 5.49 4.15 -35.28
N GLN B 99 4.99 3.42 -36.26
CA GLN B 99 4.19 4.03 -37.33
C GLN B 99 4.95 5.17 -38.03
N LYS B 100 6.15 4.86 -38.51
CA LYS B 100 7.01 5.87 -39.15
C LYS B 100 6.36 6.42 -40.40
N ASP B 101 5.98 7.69 -40.30
CA ASP B 101 5.24 8.40 -41.34
C ASP B 101 3.90 7.73 -41.71
N THR B 102 3.32 7.02 -40.74
CA THR B 102 1.98 6.44 -40.89
C THR B 102 1.14 6.74 -39.65
N ASN B 103 1.31 7.94 -39.10
CA ASN B 103 0.55 8.44 -37.92
C ASN B 103 -0.96 8.15 -37.97
N LEU B 104 -1.57 8.21 -39.16
CA LEU B 104 -3.03 7.99 -39.26
C LEU B 104 -3.46 6.52 -39.10
N HIS B 105 -2.48 5.63 -38.96
CA HIS B 105 -2.74 4.23 -38.67
C HIS B 105 -2.49 3.87 -37.20
N ASP B 106 -2.21 4.89 -36.37
CA ASP B 106 -1.85 4.66 -34.95
C ASP B 106 -3.00 4.19 -34.06
N GLY B 107 -4.24 4.48 -34.47
CA GLY B 107 -5.41 3.95 -33.76
C GLY B 107 -5.72 4.70 -32.46
N ALA B 108 -5.23 5.92 -32.34
CA ALA B 108 -5.53 6.76 -31.18
C ALA B 108 -6.76 7.60 -31.49
N ASN B 109 -7.94 7.11 -31.12
CA ASN B 109 -9.19 7.88 -31.38
C ASN B 109 -9.18 9.24 -30.70
N GLY B 110 -9.71 10.24 -31.40
CA GLY B 110 -9.59 11.61 -30.96
C GLY B 110 -8.27 12.28 -31.30
N VAL B 111 -7.27 11.50 -31.72
CA VAL B 111 -5.97 12.04 -32.08
C VAL B 111 -5.74 11.79 -33.55
N THR B 112 -5.65 10.51 -33.95
CA THR B 112 -5.26 10.17 -35.33
C THR B 112 -6.42 9.69 -36.16
N GLU B 113 -7.57 9.55 -35.53
CA GLU B 113 -8.76 9.01 -36.18
C GLU B 113 -10.00 9.29 -35.37
N CYS B 114 -11.16 9.20 -36.01
CA CYS B 114 -12.41 9.07 -35.29
C CYS B 114 -12.61 7.60 -34.98
N PRO B 115 -13.42 7.26 -33.94
CA PRO B 115 -13.68 5.84 -33.72
C PRO B 115 -14.45 5.20 -34.87
N ILE B 116 -14.23 3.92 -35.08
CA ILE B 116 -15.01 3.18 -36.08
C ILE B 116 -16.39 2.96 -35.46
N PRO B 117 -17.46 3.39 -36.16
CA PRO B 117 -18.80 3.23 -35.55
C PRO B 117 -19.28 1.78 -35.43
N PRO B 118 -20.18 1.50 -34.47
CA PRO B 118 -20.74 0.17 -34.20
C PRO B 118 -21.74 -0.26 -35.27
N LYS B 119 -22.30 -1.47 -35.11
CA LYS B 119 -23.33 -1.95 -36.02
C LYS B 119 -22.77 -2.10 -37.43
N GLY B 120 -21.46 -2.40 -37.55
CA GLY B 120 -20.88 -2.74 -38.83
C GLY B 120 -19.88 -1.79 -39.47
N GLY B 121 -19.49 -0.73 -38.77
CA GLY B 121 -18.45 0.20 -39.28
C GLY B 121 -17.16 -0.55 -39.52
N GLN B 122 -16.36 -0.10 -40.49
CA GLN B 122 -15.08 -0.79 -40.74
C GLN B 122 -13.98 0.15 -41.18
N ARG B 123 -12.75 -0.27 -40.93
CA ARG B 123 -11.60 0.50 -41.39
C ARG B 123 -10.48 -0.52 -41.50
N THR B 124 -9.63 -0.35 -42.50
CA THR B 124 -8.48 -1.23 -42.65
C THR B 124 -7.22 -0.48 -42.21
N TYR B 125 -6.46 -1.08 -41.28
CA TYR B 125 -5.17 -0.51 -40.85
C TYR B 125 -4.06 -1.18 -41.66
N ARG B 126 -3.04 -0.41 -42.03
CA ARG B 126 -1.90 -0.96 -42.76
C ARG B 126 -0.62 -0.33 -42.24
N TRP B 127 0.34 -1.16 -41.81
CA TRP B 127 1.61 -0.65 -41.31
C TRP B 127 2.82 -1.52 -41.65
N ARG B 128 3.99 -0.88 -41.72
CA ARG B 128 5.23 -1.55 -42.12
C ARG B 128 5.87 -2.04 -40.84
N ALA B 129 6.27 -3.31 -40.83
CA ALA B 129 6.92 -3.88 -39.65
C ALA B 129 8.40 -3.54 -39.71
N ARG B 130 8.72 -2.35 -39.19
CA ARG B 130 10.08 -1.78 -39.21
C ARG B 130 10.85 -2.08 -37.92
N GLN B 131 10.29 -2.94 -37.10
CA GLN B 131 10.93 -3.34 -35.85
C GLN B 131 10.55 -4.79 -35.62
N TYR B 132 11.48 -5.57 -35.10
CA TYR B 132 11.23 -6.98 -34.81
C TYR B 132 11.24 -7.21 -33.30
N GLY B 133 10.44 -8.16 -32.84
CA GLY B 133 10.27 -8.39 -31.42
C GLY B 133 8.80 -8.59 -31.11
N THR B 134 8.43 -8.36 -29.86
CA THR B 134 7.12 -8.71 -29.33
C THR B 134 6.41 -7.43 -28.94
N SER B 135 5.23 -7.26 -29.51
CA SER B 135 4.35 -6.16 -29.13
C SER B 135 2.92 -6.66 -28.91
N TRP B 136 1.99 -5.72 -28.88
CA TRP B 136 0.59 -6.05 -28.63
C TRP B 136 -0.30 -4.97 -29.20
N TYR B 137 -1.60 -5.24 -29.24
CA TYR B 137 -2.53 -4.24 -29.76
C TYR B 137 -3.73 -4.26 -28.86
N HIS B 138 -4.47 -3.16 -28.82
CA HIS B 138 -5.62 -3.06 -27.95
C HIS B 138 -6.46 -1.89 -28.43
N SER B 139 -7.76 -1.93 -28.14
CA SER B 139 -8.64 -0.75 -28.34
C SER B 139 -8.10 0.46 -27.58
N HIS B 140 -8.30 1.64 -28.13
CA HIS B 140 -7.97 2.84 -27.36
C HIS B 140 -9.23 3.66 -27.08
N PHE B 141 -10.40 3.02 -27.23
CA PHE B 141 -11.68 3.68 -27.01
C PHE B 141 -11.98 3.58 -25.51
N SER B 142 -11.72 4.68 -24.80
N SER B 142 -11.69 4.65 -24.78
CA SER B 142 -11.67 4.67 -23.32
CA SER B 142 -11.83 4.61 -23.34
C SER B 142 -11.01 3.37 -22.80
C SER B 142 -11.05 3.39 -22.80
N ALA B 143 -11.63 2.66 -21.86
CA ALA B 143 -10.99 1.45 -21.27
C ALA B 143 -11.56 0.15 -21.84
N GLN B 144 -12.06 0.23 -23.07
CA GLN B 144 -12.67 -0.91 -23.77
C GLN B 144 -11.77 -2.13 -23.84
N TYR B 145 -10.45 -1.93 -23.91
CA TYR B 145 -9.57 -3.11 -24.01
C TYR B 145 -9.69 -4.04 -22.81
N GLY B 146 -10.10 -3.48 -21.67
CA GLY B 146 -10.33 -4.26 -20.47
C GLY B 146 -11.53 -5.19 -20.61
N ASN B 147 -12.30 -5.02 -21.68
CA ASN B 147 -13.39 -5.93 -21.99
C ASN B 147 -13.04 -7.09 -22.93
N GLY B 148 -11.82 -7.07 -23.50
CA GLY B 148 -11.35 -8.16 -24.37
C GLY B 148 -10.74 -7.78 -25.70
N VAL B 149 -10.77 -6.49 -26.04
CA VAL B 149 -10.28 -6.05 -27.34
C VAL B 149 -8.76 -5.86 -27.28
N VAL B 150 -8.05 -6.98 -27.35
CA VAL B 150 -6.63 -7.02 -27.02
C VAL B 150 -6.03 -8.25 -27.75
N GLY B 151 -4.79 -8.14 -28.18
CA GLY B 151 -4.07 -9.28 -28.79
C GLY B 151 -2.58 -9.02 -28.86
N THR B 152 -1.83 -9.95 -29.45
CA THR B 152 -0.36 -9.84 -29.47
C THR B 152 0.20 -9.71 -30.88
N ILE B 153 1.44 -9.24 -30.96
CA ILE B 153 2.16 -9.07 -32.23
C ILE B 153 3.53 -9.72 -32.06
N GLN B 154 3.92 -10.58 -33.00
CA GLN B 154 5.26 -11.15 -33.07
C GLN B 154 5.84 -10.88 -34.44
N ILE B 155 6.79 -9.95 -34.54
CA ILE B 155 7.52 -9.68 -35.79
C ILE B 155 8.87 -10.36 -35.68
N ASN B 156 9.04 -11.42 -36.47
CA ASN B 156 10.28 -12.17 -36.41
C ASN B 156 11.49 -11.43 -36.98
N GLY B 157 12.67 -11.81 -36.51
CA GLY B 157 13.88 -11.10 -36.86
C GLY B 157 15.04 -11.70 -36.10
N PRO B 158 16.21 -11.05 -36.14
CA PRO B 158 17.36 -11.59 -35.40
C PRO B 158 17.26 -11.37 -33.88
N ALA B 159 18.21 -11.91 -33.15
CA ALA B 159 18.16 -11.86 -31.70
C ALA B 159 19.60 -11.81 -31.17
N SER B 160 19.76 -11.37 -29.93
CA SER B 160 21.07 -11.18 -29.29
C SER B 160 21.66 -12.42 -28.58
N LEU B 161 20.93 -13.53 -28.62
CA LEU B 161 21.45 -14.82 -28.17
C LEU B 161 20.97 -15.93 -29.08
N PRO B 162 21.78 -17.00 -29.23
CA PRO B 162 21.26 -18.18 -29.87
C PRO B 162 20.24 -18.90 -28.99
N TYR B 163 19.29 -19.58 -29.62
CA TYR B 163 18.32 -20.39 -28.88
C TYR B 163 17.67 -21.37 -29.82
N ASP B 164 17.09 -22.41 -29.24
CA ASP B 164 16.63 -23.55 -30.01
C ASP B 164 15.19 -23.48 -30.41
N ILE B 165 14.34 -23.04 -29.48
CA ILE B 165 12.90 -23.12 -29.66
C ILE B 165 12.31 -21.76 -29.31
N ASP B 166 11.45 -21.23 -30.18
CA ASP B 166 10.68 -20.03 -29.89
C ASP B 166 9.32 -20.50 -29.37
N LEU B 167 9.07 -20.29 -28.09
CA LEU B 167 7.82 -20.71 -27.47
C LEU B 167 6.66 -19.76 -27.82
N GLY B 168 7.00 -18.59 -28.36
CA GLY B 168 6.00 -17.60 -28.76
C GLY B 168 5.52 -16.75 -27.60
N VAL B 169 4.32 -16.20 -27.75
CA VAL B 169 3.85 -15.18 -26.83
C VAL B 169 3.26 -15.76 -25.54
N PHE B 170 3.39 -14.99 -24.47
CA PHE B 170 2.95 -15.41 -23.16
C PHE B 170 2.39 -14.17 -22.46
N PRO B 171 1.20 -13.73 -22.88
CA PRO B 171 0.60 -12.55 -22.24
C PRO B 171 0.05 -12.82 -20.86
N ILE B 172 0.33 -11.91 -19.95
CA ILE B 172 -0.15 -12.01 -18.58
C ILE B 172 -1.02 -10.78 -18.33
N THR B 173 -2.22 -10.97 -17.80
CA THR B 173 -3.11 -9.82 -17.62
C THR B 173 -3.96 -9.95 -16.40
N ASP B 174 -4.28 -8.80 -15.80
CA ASP B 174 -5.28 -8.77 -14.75
C ASP B 174 -6.64 -9.09 -15.35
N TYR B 175 -7.53 -9.59 -14.51
CA TYR B 175 -8.81 -10.07 -14.97
C TYR B 175 -9.85 -9.63 -13.94
N TYR B 176 -10.85 -8.87 -14.40
CA TYR B 176 -11.91 -8.37 -13.54
C TYR B 176 -13.23 -8.91 -14.01
N TYR B 177 -14.11 -9.26 -13.07
CA TYR B 177 -15.45 -9.71 -13.44
C TYR B 177 -16.33 -8.55 -13.89
N ARG B 178 -16.09 -7.38 -13.30
N ARG B 178 -16.10 -7.38 -13.29
CA ARG B 178 -16.78 -6.16 -13.68
CA ARG B 178 -16.80 -6.16 -13.68
C ARG B 178 -16.30 -5.68 -15.05
C ARG B 178 -16.31 -5.68 -15.04
N ALA B 179 -17.23 -5.12 -15.82
CA ALA B 179 -16.89 -4.60 -17.14
C ALA B 179 -16.14 -3.27 -17.01
N ALA B 180 -15.40 -2.93 -18.06
CA ALA B 180 -14.51 -1.75 -18.06
C ALA B 180 -15.20 -0.42 -17.77
N ASP B 181 -16.37 -0.20 -18.36
CA ASP B 181 -17.05 1.07 -18.13
C ASP B 181 -17.50 1.21 -16.68
N ASP B 182 -17.92 0.11 -16.08
CA ASP B 182 -18.29 0.11 -14.67
C ASP B 182 -17.06 0.39 -13.82
N LEU B 183 -15.91 -0.16 -14.22
CA LEU B 183 -14.68 0.10 -13.45
C LEU B 183 -14.17 1.55 -13.63
N VAL B 184 -14.33 2.13 -14.83
CA VAL B 184 -13.98 3.55 -15.03
C VAL B 184 -14.84 4.40 -14.08
N HIS B 185 -16.15 4.17 -14.11
CA HIS B 185 -17.06 4.90 -13.23
C HIS B 185 -16.66 4.76 -11.74
N PHE B 186 -16.33 3.53 -11.35
CA PHE B 186 -15.95 3.25 -9.95
C PHE B 186 -14.66 3.98 -9.61
N THR B 187 -13.68 3.89 -10.50
CA THR B 187 -12.40 4.50 -10.17
C THR B 187 -12.40 6.04 -10.26
N GLN B 188 -13.47 6.64 -10.80
CA GLN B 188 -13.55 8.10 -10.76
C GLN B 188 -13.72 8.65 -9.35
N ASN B 189 -14.27 7.83 -8.45
CA ASN B 189 -14.55 8.27 -7.09
C ASN B 189 -14.03 7.34 -6.02
N ASN B 190 -13.29 6.31 -6.42
CA ASN B 190 -12.78 5.30 -5.49
C ASN B 190 -11.37 4.80 -5.89
N ALA B 191 -10.56 4.41 -4.89
CA ALA B 191 -9.28 3.76 -5.16
C ALA B 191 -9.57 2.46 -5.90
N PRO B 192 -8.70 2.11 -6.87
CA PRO B 192 -8.95 0.92 -7.69
C PRO B 192 -8.87 -0.38 -6.92
N PRO B 193 -9.68 -1.38 -7.32
CA PRO B 193 -9.74 -2.67 -6.65
C PRO B 193 -8.56 -3.53 -7.07
N PHE B 194 -8.27 -4.56 -6.27
CA PHE B 194 -7.40 -5.63 -6.74
C PHE B 194 -8.14 -6.35 -7.87
N SER B 195 -7.39 -7.00 -8.73
CA SER B 195 -7.97 -7.81 -9.79
C SER B 195 -8.59 -9.06 -9.18
N ASP B 196 -9.62 -9.59 -9.83
CA ASP B 196 -10.20 -10.84 -9.38
C ASP B 196 -9.30 -12.05 -9.64
N ASN B 197 -8.55 -12.01 -10.74
CA ASN B 197 -7.59 -13.05 -11.05
C ASN B 197 -6.49 -12.48 -11.95
N VAL B 198 -5.50 -13.30 -12.26
CA VAL B 198 -4.49 -12.94 -13.23
C VAL B 198 -4.45 -14.08 -14.23
N LEU B 199 -4.74 -13.80 -15.50
CA LEU B 199 -4.63 -14.84 -16.52
C LEU B 199 -3.23 -14.90 -17.08
N ILE B 200 -2.75 -16.13 -17.34
CA ILE B 200 -1.47 -16.32 -17.97
C ILE B 200 -1.72 -17.11 -19.23
N ASN B 201 -1.38 -16.51 -20.36
CA ASN B 201 -1.68 -17.09 -21.67
C ASN B 201 -3.15 -17.56 -21.73
N GLY B 202 -4.04 -16.70 -21.24
CA GLY B 202 -5.46 -16.92 -21.42
C GLY B 202 -6.16 -17.72 -20.34
N THR B 203 -5.42 -18.23 -19.36
CA THR B 203 -6.07 -19.10 -18.37
C THR B 203 -5.59 -18.90 -16.91
N ALA B 204 -6.43 -19.32 -15.98
CA ALA B 204 -6.10 -19.31 -14.56
C ALA B 204 -7.04 -20.25 -13.86
N VAL B 205 -6.63 -20.67 -12.67
CA VAL B 205 -7.50 -21.38 -11.74
C VAL B 205 -8.18 -20.39 -10.81
N ASN B 206 -9.45 -20.64 -10.53
CA ASN B 206 -10.22 -19.84 -9.57
C ASN B 206 -9.75 -20.12 -8.14
N PRO B 207 -9.33 -19.07 -7.41
CA PRO B 207 -8.77 -19.20 -6.07
C PRO B 207 -9.79 -19.69 -5.03
N ASN B 208 -11.07 -19.66 -5.38
CA ASN B 208 -12.14 -20.05 -4.46
C ASN B 208 -12.73 -21.42 -4.78
N THR B 209 -12.95 -21.71 -6.06
CA THR B 209 -13.66 -22.92 -6.48
C THR B 209 -12.74 -24.00 -7.06
N GLY B 210 -11.54 -23.61 -7.47
CA GLY B 210 -10.63 -24.55 -8.12
C GLY B 210 -10.97 -24.83 -9.58
N GLU B 211 -11.95 -24.13 -10.13
CA GLU B 211 -12.29 -24.25 -11.53
C GLU B 211 -11.24 -23.55 -12.39
N GLY B 212 -11.14 -23.96 -13.66
CA GLY B 212 -10.13 -23.40 -14.55
C GLY B 212 -8.91 -24.28 -14.67
N GLN B 213 -7.87 -23.75 -15.33
CA GLN B 213 -6.66 -24.50 -15.59
C GLN B 213 -5.45 -23.60 -15.47
N TYR B 214 -4.33 -24.17 -15.01
CA TYR B 214 -3.03 -23.48 -15.08
C TYR B 214 -2.52 -23.51 -16.53
N ALA B 215 -1.97 -22.39 -17.00
CA ALA B 215 -1.19 -22.39 -18.22
C ALA B 215 -0.06 -23.43 -18.09
N ASN B 216 0.17 -24.19 -19.16
CA ASN B 216 1.10 -25.32 -19.12
C ASN B 216 2.10 -25.21 -20.28
N VAL B 217 3.35 -24.88 -19.96
CA VAL B 217 4.39 -24.69 -20.96
C VAL B 217 5.30 -25.92 -20.93
N THR B 218 5.42 -26.63 -22.05
CA THR B 218 6.30 -27.81 -22.09
C THR B 218 7.69 -27.46 -22.60
N LEU B 219 8.67 -27.66 -21.73
CA LEU B 219 10.07 -27.41 -22.06
C LEU B 219 10.67 -28.69 -22.57
N THR B 220 11.51 -28.56 -23.60
CA THR B 220 12.28 -29.69 -24.13
C THR B 220 13.60 -29.78 -23.35
N PRO B 221 13.82 -30.87 -22.61
CA PRO B 221 15.04 -30.93 -21.79
C PRO B 221 16.36 -30.62 -22.55
N GLY B 222 17.21 -29.84 -21.90
CA GLY B 222 18.49 -29.41 -22.46
C GLY B 222 18.47 -28.38 -23.57
N LYS B 223 17.28 -27.88 -23.88
CA LYS B 223 17.12 -26.89 -24.94
C LYS B 223 17.00 -25.45 -24.42
N ARG B 224 17.37 -24.49 -25.27
CA ARG B 224 17.25 -23.07 -24.93
C ARG B 224 15.97 -22.55 -25.58
N HIS B 225 15.09 -21.97 -24.77
CA HIS B 225 13.75 -21.58 -25.24
C HIS B 225 13.57 -20.08 -25.15
N ARG B 226 13.09 -19.46 -26.21
CA ARG B 226 12.70 -18.05 -26.14
C ARG B 226 11.24 -17.98 -25.70
N LEU B 227 10.97 -17.17 -24.68
CA LEU B 227 9.62 -16.91 -24.21
C LEU B 227 9.39 -15.39 -24.26
N ARG B 228 8.24 -15.01 -24.83
CA ARG B 228 7.91 -13.60 -25.08
C ARG B 228 6.86 -13.16 -24.09
N ILE B 229 7.30 -12.56 -22.99
CA ILE B 229 6.41 -12.25 -21.89
C ILE B 229 5.85 -10.85 -22.09
N LEU B 230 4.54 -10.70 -21.94
CA LEU B 230 3.89 -9.38 -22.02
C LEU B 230 3.02 -9.12 -20.82
N ASN B 231 2.84 -7.83 -20.47
CA ASN B 231 1.82 -7.46 -19.49
C ASN B 231 0.75 -6.64 -20.18
N THR B 232 -0.39 -7.29 -20.48
CA THR B 232 -1.49 -6.65 -21.22
C THR B 232 -2.62 -6.17 -20.32
N SER B 233 -2.29 -5.91 -19.05
CA SER B 233 -3.23 -5.49 -18.04
C SER B 233 -3.83 -4.12 -18.26
N THR B 234 -4.90 -3.86 -17.51
CA THR B 234 -5.42 -2.49 -17.38
C THR B 234 -4.79 -1.76 -16.21
N GLU B 235 -4.39 -2.47 -15.15
CA GLU B 235 -3.76 -1.80 -14.03
C GLU B 235 -2.62 -2.54 -13.33
N ASN B 236 -2.74 -3.86 -13.18
CA ASN B 236 -1.75 -4.63 -12.44
C ASN B 236 -0.36 -4.57 -13.10
N HIS B 237 0.67 -4.36 -12.27
CA HIS B 237 2.09 -4.52 -12.62
C HIS B 237 2.62 -5.78 -11.93
N PHE B 238 3.38 -6.58 -12.66
CA PHE B 238 3.68 -7.95 -12.24
C PHE B 238 5.15 -8.16 -12.02
N GLN B 239 5.47 -8.98 -11.04
CA GLN B 239 6.80 -9.58 -10.97
C GLN B 239 6.67 -11.03 -11.39
N VAL B 240 7.60 -11.50 -12.22
CA VAL B 240 7.57 -12.89 -12.70
C VAL B 240 8.87 -13.63 -12.38
N SER B 241 8.75 -14.93 -12.17
CA SER B 241 9.88 -15.77 -11.82
C SER B 241 9.51 -17.21 -12.02
N LEU B 242 10.54 -18.00 -12.32
CA LEU B 242 10.35 -19.43 -12.54
C LEU B 242 11.20 -20.18 -11.51
N VAL B 243 10.53 -20.99 -10.69
CA VAL B 243 11.21 -21.67 -9.59
C VAL B 243 12.42 -22.47 -10.12
N ASN B 244 13.58 -22.28 -9.48
CA ASN B 244 14.83 -23.02 -9.76
C ASN B 244 15.53 -22.62 -11.06
N HIS B 245 14.97 -21.66 -11.80
CA HIS B 245 15.51 -21.25 -13.11
C HIS B 245 15.82 -19.77 -13.12
N THR B 246 16.80 -19.36 -13.93
CA THR B 246 17.03 -17.95 -14.23
C THR B 246 16.39 -17.67 -15.61
N MET B 247 16.27 -16.39 -15.95
CA MET B 247 15.78 -16.00 -17.26
C MET B 247 16.81 -15.03 -17.83
N THR B 248 17.16 -15.15 -19.10
CA THR B 248 18.16 -14.26 -19.67
C THR B 248 17.45 -13.32 -20.61
N VAL B 249 17.36 -12.04 -20.24
CA VAL B 249 16.65 -11.04 -21.07
C VAL B 249 17.40 -10.83 -22.38
N ILE B 250 16.71 -10.95 -23.50
CA ILE B 250 17.34 -10.61 -24.78
C ILE B 250 16.66 -9.41 -25.48
N ALA B 251 15.51 -8.97 -24.97
CA ALA B 251 14.87 -7.74 -25.51
C ALA B 251 13.96 -7.12 -24.47
N ALA B 252 13.81 -5.80 -24.56
CA ALA B 252 12.92 -5.05 -23.67
C ALA B 252 11.96 -4.29 -24.59
N ASP B 253 10.66 -4.47 -24.37
CA ASP B 253 9.62 -4.03 -25.33
C ASP B 253 10.06 -4.51 -26.72
N MET B 254 10.18 -3.62 -27.70
N MET B 254 10.13 -3.63 -27.72
CA MET B 254 10.56 -4.03 -29.06
CA MET B 254 10.60 -4.03 -29.07
C MET B 254 12.06 -3.82 -29.35
C MET B 254 12.05 -3.62 -29.36
N VAL B 255 12.85 -3.57 -28.30
CA VAL B 255 14.28 -3.26 -28.46
C VAL B 255 15.21 -4.41 -28.00
N PRO B 256 15.93 -5.06 -28.95
CA PRO B 256 16.91 -6.08 -28.54
C PRO B 256 17.99 -5.49 -27.66
N VAL B 257 18.34 -6.23 -26.59
CA VAL B 257 19.35 -5.80 -25.61
C VAL B 257 20.39 -6.90 -25.46
N ASN B 258 21.57 -6.51 -24.98
CA ASN B 258 22.61 -7.47 -24.62
C ASN B 258 22.07 -8.42 -23.54
N ALA B 259 22.38 -9.71 -23.69
CA ALA B 259 21.86 -10.73 -22.79
C ALA B 259 22.10 -10.32 -21.35
N MET B 260 21.05 -10.41 -20.54
CA MET B 260 21.11 -10.06 -19.13
C MET B 260 20.34 -11.07 -18.29
N THR B 261 21.07 -11.89 -17.55
CA THR B 261 20.46 -12.94 -16.73
C THR B 261 19.99 -12.43 -15.37
N VAL B 262 18.75 -12.77 -15.01
CA VAL B 262 18.13 -12.30 -13.79
C VAL B 262 17.34 -13.45 -13.17
N ASP B 263 16.98 -13.30 -11.89
CA ASP B 263 16.16 -14.29 -11.19
C ASP B 263 14.66 -13.97 -11.31
N SER B 264 14.34 -12.69 -11.48
CA SER B 264 12.94 -12.27 -11.56
C SER B 264 12.88 -11.00 -12.39
N LEU B 265 11.71 -10.69 -12.96
CA LEU B 265 11.56 -9.49 -13.78
C LEU B 265 10.29 -8.76 -13.37
N PHE B 266 10.34 -7.44 -13.40
CA PHE B 266 9.17 -6.61 -13.18
C PHE B 266 8.66 -6.19 -14.55
N LEU B 267 7.37 -6.41 -14.79
CA LEU B 267 6.72 -5.88 -16.01
C LEU B 267 5.63 -4.89 -15.68
N ALA B 268 5.85 -3.64 -16.08
CA ALA B 268 4.83 -2.60 -16.00
C ALA B 268 3.69 -2.88 -17.00
N VAL B 269 2.54 -2.25 -16.79
CA VAL B 269 1.46 -2.35 -17.80
C VAL B 269 2.02 -1.94 -19.15
N GLY B 270 1.84 -2.80 -20.13
CA GLY B 270 2.26 -2.52 -21.47
C GLY B 270 3.68 -2.92 -21.79
N GLN B 271 4.45 -3.30 -20.77
CA GLN B 271 5.82 -3.76 -21.02
C GLN B 271 5.92 -5.19 -21.55
N ARG B 272 7.01 -5.44 -22.27
CA ARG B 272 7.34 -6.78 -22.77
C ARG B 272 8.80 -7.12 -22.51
N TYR B 273 9.07 -8.41 -22.27
CA TYR B 273 10.46 -8.91 -22.20
C TYR B 273 10.52 -10.21 -22.94
N ASP B 274 11.50 -10.31 -23.86
CA ASP B 274 11.87 -11.60 -24.47
C ASP B 274 12.97 -12.21 -23.62
N VAL B 275 12.73 -13.42 -23.13
CA VAL B 275 13.77 -14.11 -22.37
C VAL B 275 14.11 -15.44 -22.97
N VAL B 276 15.32 -15.91 -22.64
CA VAL B 276 15.76 -17.24 -23.00
C VAL B 276 15.88 -18.05 -21.69
N ILE B 277 15.22 -19.19 -21.67
CA ILE B 277 15.21 -20.10 -20.53
C ILE B 277 15.86 -21.42 -20.99
N ASP B 278 16.89 -21.83 -20.25
CA ASP B 278 17.57 -23.12 -20.50
C ASP B 278 16.92 -24.17 -19.65
N ALA B 279 16.46 -25.25 -20.28
CA ALA B 279 15.85 -26.34 -19.54
C ALA B 279 16.96 -27.27 -19.02
N SER B 280 17.74 -26.73 -18.09
CA SER B 280 19.00 -27.37 -17.62
C SER B 280 18.91 -27.87 -16.18
N ARG B 281 17.71 -27.87 -15.63
CA ARG B 281 17.47 -28.40 -14.30
C ARG B 281 16.97 -29.85 -14.39
N ALA B 282 16.82 -30.47 -13.22
CA ALA B 282 16.19 -31.79 -13.13
C ALA B 282 14.80 -31.77 -13.78
N PRO B 283 14.49 -32.76 -14.64
CA PRO B 283 13.18 -32.87 -15.28
C PRO B 283 12.06 -32.99 -14.23
N ASP B 284 11.12 -32.06 -14.30
CA ASP B 284 10.11 -31.89 -13.24
C ASP B 284 9.11 -30.84 -13.71
N ASN B 285 8.12 -30.59 -12.88
CA ASN B 285 7.17 -29.48 -13.09
C ASN B 285 7.55 -28.34 -12.15
N TYR B 286 7.68 -27.15 -12.73
CA TYR B 286 8.11 -25.96 -11.97
C TYR B 286 7.07 -24.86 -12.04
N TRP B 287 6.85 -24.15 -10.94
CA TRP B 287 5.90 -23.02 -10.96
C TRP B 287 6.52 -21.81 -11.64
N PHE B 288 5.73 -21.14 -12.46
CA PHE B 288 6.03 -19.80 -12.97
C PHE B 288 5.13 -18.91 -12.13
N ASN B 289 5.70 -18.09 -11.24
CA ASN B 289 4.87 -17.33 -10.33
C ASN B 289 4.75 -15.88 -10.74
N VAL B 290 3.52 -15.38 -10.69
CA VAL B 290 3.25 -13.95 -10.77
C VAL B 290 3.11 -13.41 -9.33
N THR B 291 3.92 -12.41 -8.99
CA THR B 291 3.88 -11.82 -7.63
C THR B 291 3.77 -10.29 -7.69
N PHE B 292 3.39 -9.71 -6.56
CA PHE B 292 3.26 -8.24 -6.47
C PHE B 292 4.25 -7.70 -5.48
N GLY B 293 4.86 -6.56 -5.81
CA GLY B 293 5.80 -5.90 -4.91
C GLY B 293 5.35 -4.48 -4.70
N GLY B 294 6.20 -3.65 -4.13
CA GLY B 294 5.85 -2.24 -3.99
C GLY B 294 4.67 -2.01 -3.07
N GLN B 295 4.45 -2.93 -2.14
CA GLN B 295 3.40 -2.74 -1.13
C GLN B 295 2.06 -2.35 -1.75
N ALA B 296 1.63 -3.07 -2.79
CA ALA B 296 0.36 -2.76 -3.49
C ALA B 296 0.23 -1.37 -4.15
N ALA B 297 1.35 -0.65 -4.33
CA ALA B 297 1.35 0.65 -4.96
C ALA B 297 1.04 0.56 -6.46
N CYS B 298 1.33 -0.61 -7.04
CA CYS B 298 1.07 -0.81 -8.47
C CYS B 298 0.27 -2.11 -8.70
N GLY B 299 -0.61 -2.36 -7.74
CA GLY B 299 -1.64 -3.38 -7.95
C GLY B 299 -1.55 -4.58 -7.04
N GLY B 300 -2.58 -5.40 -7.10
CA GLY B 300 -2.63 -6.67 -6.38
C GLY B 300 -3.74 -7.49 -6.99
N SER B 301 -3.84 -8.75 -6.57
CA SER B 301 -4.91 -9.63 -7.03
C SER B 301 -5.55 -10.36 -5.84
N LEU B 302 -6.84 -10.66 -5.99
CA LEU B 302 -7.55 -11.45 -4.98
C LEU B 302 -7.20 -12.92 -5.11
N ASN B 303 -6.55 -13.30 -6.22
CA ASN B 303 -5.88 -14.59 -6.29
C ASN B 303 -4.48 -14.46 -5.64
N PRO B 304 -4.27 -15.10 -4.47
CA PRO B 304 -3.01 -14.88 -3.74
C PRO B 304 -1.77 -15.43 -4.44
N HIS B 305 -1.94 -16.41 -5.33
CA HIS B 305 -0.78 -17.01 -6.00
C HIS B 305 -1.04 -17.38 -7.44
N PRO B 306 -1.18 -16.37 -8.33
CA PRO B 306 -1.38 -16.73 -9.73
C PRO B 306 -0.09 -17.38 -10.28
N ALA B 307 -0.25 -18.41 -11.11
CA ALA B 307 0.89 -19.19 -11.58
C ALA B 307 0.57 -20.00 -12.82
N ALA B 308 1.62 -20.45 -13.48
CA ALA B 308 1.55 -21.35 -14.60
C ALA B 308 2.54 -22.45 -14.26
N ILE B 309 2.44 -23.53 -15.02
CA ILE B 309 3.24 -24.74 -14.86
C ILE B 309 4.20 -24.84 -16.04
N PHE B 310 5.49 -24.98 -15.72
CA PHE B 310 6.50 -25.30 -16.75
C PHE B 310 6.87 -26.75 -16.56
N HIS B 311 6.57 -27.56 -17.57
CA HIS B 311 6.70 -29.03 -17.53
C HIS B 311 7.89 -29.46 -18.41
N TYR B 312 8.83 -30.21 -17.84
CA TYR B 312 9.87 -30.83 -18.66
C TYR B 312 9.23 -31.99 -19.43
N ALA B 313 9.35 -31.98 -20.75
CA ALA B 313 8.87 -33.12 -21.56
C ALA B 313 9.49 -34.42 -21.03
N GLY B 314 8.65 -35.42 -20.77
CA GLY B 314 9.13 -36.71 -20.25
C GLY B 314 9.00 -36.88 -18.74
N ALA B 315 8.80 -35.77 -18.05
CA ALA B 315 8.57 -35.77 -16.60
C ALA B 315 7.14 -36.22 -16.30
N PRO B 316 6.85 -36.61 -15.04
CA PRO B 316 5.47 -36.87 -14.66
C PRO B 316 4.63 -35.61 -14.82
N GLY B 317 3.31 -35.81 -14.95
CA GLY B 317 2.36 -34.70 -14.96
C GLY B 317 2.00 -34.30 -13.54
N GLY B 318 0.89 -33.58 -13.40
CA GLY B 318 0.46 -33.07 -12.09
C GLY B 318 1.12 -31.76 -11.72
N LEU B 319 0.90 -31.31 -10.48
CA LEU B 319 1.32 -29.97 -10.07
C LEU B 319 2.74 -29.93 -9.52
N PRO B 320 3.47 -28.81 -9.76
CA PRO B 320 4.77 -28.63 -9.11
C PRO B 320 4.66 -28.81 -7.60
N THR B 321 5.73 -29.25 -6.96
CA THR B 321 5.72 -29.51 -5.52
C THR B 321 6.59 -28.51 -4.77
N ASP B 322 7.45 -27.79 -5.48
CA ASP B 322 8.30 -26.77 -4.86
C ASP B 322 7.66 -25.39 -4.99
N GLU B 323 7.22 -24.83 -3.87
CA GLU B 323 6.59 -23.50 -3.85
C GLU B 323 7.62 -22.41 -4.11
N GLY B 324 8.89 -22.73 -3.87
CA GLY B 324 9.98 -21.81 -4.13
C GLY B 324 9.99 -20.65 -3.16
N THR B 325 10.94 -19.75 -3.37
CA THR B 325 11.08 -18.58 -2.52
C THR B 325 10.57 -17.31 -3.23
N PRO B 326 10.00 -16.37 -2.45
CA PRO B 326 9.56 -15.08 -2.97
C PRO B 326 10.71 -14.32 -3.63
N PRO B 327 10.44 -13.69 -4.79
CA PRO B 327 11.46 -12.88 -5.45
C PRO B 327 11.75 -11.62 -4.68
N VAL B 328 12.83 -10.95 -5.06
CA VAL B 328 13.13 -9.63 -4.54
C VAL B 328 11.94 -8.70 -4.84
N ASP B 329 11.62 -7.82 -3.89
CA ASP B 329 10.59 -6.81 -4.10
C ASP B 329 11.15 -5.76 -5.07
N HIS B 330 10.53 -5.66 -6.26
CA HIS B 330 10.99 -4.70 -7.30
C HIS B 330 10.54 -3.27 -7.06
N GLN B 331 9.64 -3.09 -6.08
CA GLN B 331 9.19 -1.78 -5.66
C GLN B 331 8.58 -0.99 -6.82
N CYS B 332 7.83 -1.67 -7.68
CA CYS B 332 7.14 -1.01 -8.78
C CYS B 332 8.07 -0.28 -9.74
N LEU B 333 9.26 -0.82 -9.95
CA LEU B 333 10.25 -0.19 -10.81
C LEU B 333 10.77 -1.18 -11.81
N ASP B 334 10.80 -0.81 -13.09
CA ASP B 334 11.55 -1.58 -14.08
C ASP B 334 13.06 -1.35 -13.98
N THR B 335 13.83 -2.31 -14.46
CA THR B 335 15.27 -2.23 -14.37
C THR B 335 15.83 -1.27 -15.38
N LEU B 336 16.85 -0.51 -14.96
CA LEU B 336 17.56 0.38 -15.87
C LEU B 336 18.93 -0.17 -16.26
N ASP B 337 19.09 -1.48 -16.04
CA ASP B 337 20.32 -2.21 -16.36
C ASP B 337 20.40 -2.73 -17.80
N VAL B 338 19.29 -2.74 -18.52
CA VAL B 338 19.29 -3.20 -19.91
C VAL B 338 20.09 -2.26 -20.82
N ARG B 339 20.77 -2.84 -21.82
CA ARG B 339 21.62 -2.07 -22.70
C ARG B 339 21.32 -2.51 -24.13
N PRO B 340 20.67 -1.65 -24.92
CA PRO B 340 20.33 -2.01 -26.33
C PRO B 340 21.55 -2.48 -27.13
N VAL B 341 21.35 -3.47 -27.99
CA VAL B 341 22.41 -3.94 -28.90
C VAL B 341 22.87 -2.81 -29.83
N VAL B 342 21.92 -2.12 -30.43
CA VAL B 342 22.19 -0.96 -31.29
C VAL B 342 22.19 0.30 -30.40
N PRO B 343 23.36 0.93 -30.19
CA PRO B 343 23.42 1.96 -29.16
C PRO B 343 22.91 3.32 -29.59
N ARG B 344 22.57 4.15 -28.60
CA ARG B 344 22.37 5.56 -28.84
C ARG B 344 23.13 6.31 -27.78
N SER B 345 23.52 7.55 -28.10
N SER B 345 23.52 7.54 -28.12
CA SER B 345 24.29 8.37 -27.17
CA SER B 345 24.25 8.39 -27.20
C SER B 345 23.85 9.81 -27.22
C SER B 345 23.64 9.77 -27.24
N VAL B 346 23.46 10.36 -26.06
CA VAL B 346 23.07 11.76 -25.96
C VAL B 346 23.79 12.44 -24.78
N PRO B 347 24.01 13.75 -24.89
CA PRO B 347 24.53 14.50 -23.75
C PRO B 347 23.49 14.73 -22.68
N VAL B 348 23.93 14.66 -21.42
CA VAL B 348 23.02 14.88 -20.31
C VAL B 348 23.48 16.06 -19.44
N ASN B 349 24.76 16.43 -19.56
CA ASN B 349 25.35 17.50 -18.74
C ASN B 349 24.67 18.84 -18.94
N SER B 350 24.09 19.01 -20.13
CA SER B 350 23.56 20.28 -20.59
C SER B 350 22.06 20.47 -20.30
N PHE B 351 21.42 19.45 -19.72
CA PHE B 351 19.99 19.55 -19.45
C PHE B 351 19.73 20.66 -18.44
N VAL B 352 18.74 21.52 -18.74
CA VAL B 352 18.26 22.53 -17.81
C VAL B 352 16.73 22.44 -17.71
N LYS B 353 16.23 22.31 -16.48
CA LYS B 353 14.81 22.26 -16.23
C LYS B 353 14.13 23.60 -16.54
N ARG B 354 13.18 23.57 -17.47
N ARG B 354 13.17 23.54 -17.47
CA ARG B 354 12.43 24.76 -17.86
CA ARG B 354 12.44 24.72 -17.95
C ARG B 354 10.96 24.39 -18.03
C ARG B 354 10.95 24.37 -18.02
N PRO B 355 10.05 25.37 -17.93
CA PRO B 355 8.61 25.04 -18.09
C PRO B 355 8.32 24.27 -19.38
N ASP B 356 9.03 24.62 -20.45
CA ASP B 356 8.73 24.01 -21.76
C ASP B 356 9.29 22.61 -21.98
N ASN B 357 9.98 22.07 -20.98
CA ASN B 357 10.41 20.67 -21.04
C ASN B 357 10.00 19.82 -19.82
N THR B 358 9.15 20.40 -19.00
CA THR B 358 8.73 19.78 -17.74
C THR B 358 7.24 19.48 -17.83
N LEU B 359 6.90 18.25 -17.45
CA LEU B 359 5.52 17.76 -17.43
C LEU B 359 5.12 17.35 -15.99
N PRO B 360 4.55 18.29 -15.23
CA PRO B 360 4.11 17.98 -13.86
C PRO B 360 2.78 17.25 -13.88
N VAL B 361 2.78 16.06 -13.28
CA VAL B 361 1.57 15.25 -13.08
C VAL B 361 1.00 15.58 -11.71
N ALA B 362 -0.32 15.74 -11.64
CA ALA B 362 -0.96 16.02 -10.37
C ALA B 362 -2.31 15.38 -10.31
N LEU B 363 -2.66 14.90 -9.12
CA LEU B 363 -4.01 14.47 -8.82
C LEU B 363 -4.80 15.64 -8.24
N ASP B 364 -5.91 15.98 -8.88
CA ASP B 364 -6.77 17.09 -8.47
C ASP B 364 -8.01 16.50 -7.81
N LEU B 365 -8.19 16.81 -6.52
CA LEU B 365 -9.31 16.27 -5.73
C LEU B 365 -10.45 17.26 -5.55
N THR B 366 -10.31 18.45 -6.11
CA THR B 366 -11.22 19.57 -5.82
C THR B 366 -12.45 19.66 -6.74
N GLY B 367 -12.49 18.87 -7.81
CA GLY B 367 -13.58 18.95 -8.79
C GLY B 367 -14.53 17.79 -8.77
N THR B 368 -15.12 17.50 -9.94
CA THR B 368 -16.01 16.38 -10.12
C THR B 368 -15.54 15.68 -11.38
N PRO B 369 -15.28 14.36 -11.29
CA PRO B 369 -15.35 13.52 -10.10
C PRO B 369 -14.15 13.73 -9.18
N LEU B 370 -14.00 12.88 -8.17
CA LEU B 370 -12.94 13.06 -7.19
C LEU B 370 -11.54 12.88 -7.75
N PHE B 371 -11.34 11.81 -8.51
CA PHE B 371 -10.02 11.52 -9.06
C PHE B 371 -9.87 12.01 -10.49
N VAL B 372 -9.17 13.12 -10.64
CA VAL B 372 -8.87 13.68 -11.95
C VAL B 372 -7.39 13.93 -12.04
N TRP B 373 -6.79 13.39 -13.09
CA TRP B 373 -5.36 13.47 -13.27
C TRP B 373 -5.02 14.55 -14.26
N LYS B 374 -4.08 15.41 -13.88
CA LYS B 374 -3.73 16.55 -14.75
C LYS B 374 -2.25 16.53 -15.08
N VAL B 375 -1.93 16.89 -16.32
CA VAL B 375 -0.54 17.09 -16.71
C VAL B 375 -0.37 18.54 -17.14
N ASN B 376 0.61 19.20 -16.51
CA ASN B 376 0.84 20.62 -16.70
C ASN B 376 -0.44 21.45 -16.54
N GLY B 377 -1.27 21.06 -15.58
CA GLY B 377 -2.44 21.82 -15.24
C GLY B 377 -3.75 21.39 -15.89
N SER B 378 -3.71 20.41 -16.79
CA SER B 378 -4.88 20.07 -17.59
C SER B 378 -5.10 18.55 -17.68
N ASP B 379 -6.33 18.09 -17.41
CA ASP B 379 -6.74 16.70 -17.66
C ASP B 379 -7.11 16.56 -19.12
N ILE B 380 -6.52 15.58 -19.79
CA ILE B 380 -6.75 15.44 -21.23
C ILE B 380 -8.21 15.04 -21.46
N ASN B 381 -8.78 15.53 -22.55
CA ASN B 381 -10.16 15.18 -22.93
C ASN B 381 -10.24 15.36 -24.42
N VAL B 382 -10.19 14.24 -25.14
CA VAL B 382 -10.15 14.29 -26.62
C VAL B 382 -11.57 14.38 -27.18
N ASP B 383 -11.67 14.89 -28.41
CA ASP B 383 -12.95 14.90 -29.11
C ASP B 383 -12.94 13.82 -30.17
N TRP B 384 -13.70 12.76 -29.92
CA TRP B 384 -13.75 11.63 -30.84
C TRP B 384 -14.22 12.03 -32.26
N GLY B 385 -15.00 13.09 -32.35
CA GLY B 385 -15.56 13.60 -33.60
C GLY B 385 -14.80 14.72 -34.26
N LYS B 386 -13.74 15.19 -33.60
CA LYS B 386 -12.80 16.14 -34.21
C LYS B 386 -11.39 15.86 -33.73
N PRO B 387 -10.78 14.81 -34.31
CA PRO B 387 -9.43 14.41 -33.94
C PRO B 387 -8.43 15.51 -34.26
N ILE B 388 -7.33 15.57 -33.53
CA ILE B 388 -6.20 16.44 -33.90
C ILE B 388 -5.81 16.43 -35.39
N ILE B 389 -5.80 15.26 -36.02
CA ILE B 389 -5.53 15.16 -37.46
C ILE B 389 -6.51 16.00 -38.31
N ASP B 390 -7.77 16.10 -37.89
CA ASP B 390 -8.74 16.99 -38.56
C ASP B 390 -8.28 18.45 -38.52
N TYR B 391 -7.71 18.88 -37.39
CA TYR B 391 -7.16 20.23 -37.31
C TYR B 391 -6.02 20.38 -38.30
N ILE B 392 -5.17 19.36 -38.36
CA ILE B 392 -3.99 19.44 -39.23
C ILE B 392 -4.44 19.56 -40.69
N LEU B 393 -5.39 18.71 -41.08
CA LEU B 393 -5.89 18.62 -42.46
C LEU B 393 -6.67 19.85 -42.90
N THR B 394 -7.19 20.62 -41.95
CA THR B 394 -7.95 21.84 -42.26
C THR B 394 -7.15 23.11 -41.93
N GLY B 395 -5.88 22.91 -41.56
CA GLY B 395 -4.99 24.03 -41.24
C GLY B 395 -5.43 24.91 -40.08
N ASN B 396 -6.03 24.28 -39.09
CA ASN B 396 -6.61 24.93 -37.92
C ASN B 396 -5.63 24.70 -36.80
N THR B 397 -5.08 25.77 -36.22
CA THR B 397 -4.12 25.64 -35.12
C THR B 397 -4.69 26.01 -33.76
N SER B 398 -6.01 26.20 -33.69
CA SER B 398 -6.65 26.58 -32.44
C SER B 398 -7.02 25.34 -31.64
N TYR B 399 -6.00 24.59 -31.22
CA TYR B 399 -6.24 23.36 -30.47
C TYR B 399 -6.83 23.64 -29.12
N PRO B 400 -7.88 22.91 -28.74
CA PRO B 400 -8.48 23.10 -27.42
C PRO B 400 -7.45 22.81 -26.34
N VAL B 401 -7.57 23.52 -25.22
CA VAL B 401 -6.68 23.35 -24.07
C VAL B 401 -6.65 21.90 -23.60
N SER B 402 -7.83 21.28 -23.58
CA SER B 402 -7.97 19.92 -23.11
C SER B 402 -7.32 18.86 -24.01
N ASP B 403 -6.86 19.23 -25.20
CA ASP B 403 -6.10 18.25 -25.99
C ASP B 403 -4.67 18.11 -25.54
N ASN B 404 -4.27 18.95 -24.58
CA ASN B 404 -2.93 18.89 -23.99
C ASN B 404 -1.84 18.76 -25.04
N ILE B 405 -1.94 19.62 -26.06
CA ILE B 405 -0.93 19.64 -27.12
C ILE B 405 0.39 20.22 -26.65
N VAL B 406 1.46 19.48 -26.90
CA VAL B 406 2.82 19.96 -26.67
C VAL B 406 3.46 19.95 -28.06
N GLN B 407 3.54 21.13 -28.66
CA GLN B 407 4.03 21.19 -30.04
C GLN B 407 5.54 21.20 -30.03
N VAL B 408 6.13 20.31 -30.83
CA VAL B 408 7.57 20.09 -30.89
C VAL B 408 8.02 20.29 -32.34
N ASP B 409 8.61 21.46 -32.61
CA ASP B 409 8.96 21.81 -33.98
C ASP B 409 10.36 21.36 -34.40
N ALA B 410 11.22 21.07 -33.42
CA ALA B 410 12.59 20.56 -33.68
C ALA B 410 12.60 19.47 -34.76
N VAL B 411 13.49 19.61 -35.74
CA VAL B 411 13.58 18.62 -36.83
C VAL B 411 14.67 17.58 -36.57
N ASP B 412 14.26 16.35 -36.28
CA ASP B 412 15.19 15.22 -36.11
C ASP B 412 16.24 15.51 -35.03
N GLN B 413 15.79 16.09 -33.93
CA GLN B 413 16.69 16.43 -32.83
C GLN B 413 16.25 15.75 -31.56
N TRP B 414 17.21 15.56 -30.66
CA TRP B 414 16.90 14.98 -29.36
C TRP B 414 16.16 16.00 -28.53
N THR B 415 15.06 15.56 -27.93
CA THR B 415 14.27 16.43 -27.06
C THR B 415 14.18 15.74 -25.71
N TYR B 416 14.28 16.55 -24.66
CA TYR B 416 14.41 16.08 -23.27
C TYR B 416 13.18 16.49 -22.48
N TRP B 417 12.62 15.54 -21.71
CA TRP B 417 11.34 15.72 -21.02
C TRP B 417 11.47 15.28 -19.56
N LEU B 418 11.23 16.20 -18.65
CA LEU B 418 11.24 15.83 -17.23
C LEU B 418 9.83 15.71 -16.74
N ILE B 419 9.46 14.50 -16.32
CA ILE B 419 8.11 14.25 -15.80
C ILE B 419 8.21 14.24 -14.27
N GLU B 420 7.34 15.00 -13.61
CA GLU B 420 7.39 15.16 -12.16
C GLU B 420 6.14 14.55 -11.56
N ASN B 421 6.31 13.64 -10.62
CA ASN B 421 5.19 12.92 -10.07
C ASN B 421 4.56 13.53 -8.82
N ASP B 422 3.85 14.65 -8.98
CA ASP B 422 3.05 15.24 -7.87
C ASP B 422 3.85 15.30 -6.55
N PRO B 423 5.10 15.79 -6.60
CA PRO B 423 5.98 15.75 -5.41
C PRO B 423 5.44 16.55 -4.22
N GLU B 424 4.58 17.53 -4.51
CA GLU B 424 3.92 18.35 -3.47
C GLU B 424 2.46 17.96 -3.19
N GLY B 425 1.98 16.89 -3.83
CA GLY B 425 0.63 16.36 -3.55
C GLY B 425 0.61 15.61 -2.22
N PRO B 426 -0.60 15.34 -1.67
CA PRO B 426 -0.73 14.56 -0.42
C PRO B 426 -0.33 13.10 -0.53
N PHE B 427 -0.39 12.56 -1.75
N PHE B 427 -0.41 12.55 -1.73
CA PHE B 427 -0.22 11.11 -2.00
CA PHE B 427 0.14 11.25 -1.94
C PHE B 427 0.16 10.87 -3.48
C PHE B 427 0.49 11.13 -3.41
N SER B 428 1.22 10.08 -3.72
CA SER B 428 1.68 9.85 -5.10
C SER B 428 1.82 8.36 -5.37
N LEU B 429 1.52 7.97 -6.60
CA LEU B 429 1.54 6.58 -7.04
C LEU B 429 2.51 6.41 -8.19
N PRO B 430 3.08 5.20 -8.36
CA PRO B 430 3.86 4.95 -9.56
C PRO B 430 2.96 4.98 -10.78
N HIS B 431 3.50 5.42 -11.92
CA HIS B 431 2.75 5.45 -13.19
C HIS B 431 3.58 4.85 -14.34
N PRO B 432 3.02 3.86 -15.07
CA PRO B 432 3.73 3.33 -16.23
C PRO B 432 3.55 4.23 -17.47
N MET B 433 4.57 5.04 -17.76
CA MET B 433 4.47 6.03 -18.86
C MET B 433 4.81 5.41 -20.20
N HIS B 434 3.95 5.65 -21.18
CA HIS B 434 4.10 5.07 -22.51
C HIS B 434 4.01 6.14 -23.61
N LEU B 435 4.95 6.09 -24.54
CA LEU B 435 5.03 7.03 -25.67
C LEU B 435 4.67 6.35 -26.98
N HIS B 436 3.73 6.94 -27.70
CA HIS B 436 3.40 6.49 -29.05
C HIS B 436 4.43 7.05 -30.05
N GLY B 437 4.64 6.34 -31.16
CA GLY B 437 5.47 6.80 -32.28
C GLY B 437 6.99 6.72 -32.17
N HIS B 438 7.50 6.40 -30.98
CA HIS B 438 8.94 6.43 -30.72
C HIS B 438 9.27 5.49 -29.57
N ASP B 439 10.49 4.98 -29.57
CA ASP B 439 11.08 4.53 -28.31
C ASP B 439 11.73 5.75 -27.68
N PHE B 440 11.76 5.83 -26.35
CA PHE B 440 12.52 6.91 -25.70
C PHE B 440 13.74 6.34 -25.01
N LEU B 441 14.69 7.23 -24.68
CA LEU B 441 15.83 6.86 -23.84
C LEU B 441 15.47 7.20 -22.42
N VAL B 442 15.77 6.29 -21.49
CA VAL B 442 15.48 6.53 -20.10
C VAL B 442 16.78 7.07 -19.47
N LEU B 443 16.85 8.38 -19.28
CA LEU B 443 18.14 9.00 -18.95
C LEU B 443 18.39 8.90 -17.48
N GLY B 444 17.30 8.93 -16.70
CA GLY B 444 17.42 8.80 -15.24
C GLY B 444 16.09 8.94 -14.55
N ARG B 445 16.09 8.64 -13.27
CA ARG B 445 14.90 8.88 -12.46
C ARG B 445 15.33 9.19 -11.04
N SER B 446 14.36 9.59 -10.22
CA SER B 446 14.63 9.87 -8.81
C SER B 446 15.15 8.60 -8.10
N PRO B 447 15.85 8.76 -6.96
CA PRO B 447 16.44 7.56 -6.33
C PRO B 447 15.46 6.44 -6.02
N ASP B 448 15.88 5.19 -6.21
CA ASP B 448 15.01 4.03 -5.97
C ASP B 448 14.73 3.88 -4.45
N VAL B 449 13.45 3.98 -4.09
CA VAL B 449 13.03 3.85 -2.69
C VAL B 449 11.76 3.01 -2.65
N PRO B 450 11.34 2.55 -1.47
CA PRO B 450 10.12 1.74 -1.41
C PRO B 450 8.91 2.50 -1.98
N ALA B 451 8.14 1.83 -2.82
CA ALA B 451 7.05 2.50 -3.57
C ALA B 451 5.99 3.17 -2.71
N ALA B 452 5.77 2.64 -1.50
CA ALA B 452 4.71 3.14 -0.62
C ALA B 452 5.25 4.01 0.52
N SER B 453 6.54 4.30 0.46
CA SER B 453 7.16 5.12 1.51
C SER B 453 6.73 6.61 1.51
N GLN B 454 6.06 7.06 0.44
CA GLN B 454 5.70 8.49 0.22
C GLN B 454 6.91 9.49 0.30
N GLN B 455 8.13 8.98 0.11
CA GLN B 455 9.32 9.83 -0.04
C GLN B 455 9.24 10.59 -1.36
N ARG B 456 9.56 11.88 -1.32
N ARG B 456 9.57 11.88 -1.31
CA ARG B 456 9.41 12.74 -2.50
CA ARG B 456 9.45 12.76 -2.46
C ARG B 456 10.72 13.40 -2.91
C ARG B 456 10.81 13.23 -2.93
N PHE B 457 10.93 13.50 -4.22
CA PHE B 457 12.13 14.07 -4.78
C PHE B 457 11.75 15.11 -5.84
N VAL B 458 12.40 16.26 -5.79
CA VAL B 458 12.29 17.22 -6.88
C VAL B 458 13.67 17.29 -7.53
N PHE B 459 13.68 17.30 -8.85
CA PHE B 459 14.92 17.31 -9.61
C PHE B 459 15.84 18.44 -9.14
N ASP B 460 17.07 18.07 -8.80
CA ASP B 460 18.07 19.00 -8.26
C ASP B 460 19.35 18.77 -9.03
N PRO B 461 19.70 19.71 -9.93
CA PRO B 461 20.85 19.53 -10.81
C PRO B 461 22.17 19.27 -10.06
N ALA B 462 22.30 19.87 -8.87
CA ALA B 462 23.51 19.74 -8.04
C ALA B 462 23.77 18.31 -7.57
N VAL B 463 22.72 17.47 -7.56
CA VAL B 463 22.87 16.05 -7.23
C VAL B 463 22.48 15.13 -8.38
N ASP B 464 21.49 15.54 -9.18
CA ASP B 464 20.86 14.64 -10.15
C ASP B 464 21.52 14.55 -11.53
N LEU B 465 22.14 15.64 -11.98
CA LEU B 465 22.85 15.58 -13.25
C LEU B 465 23.84 14.42 -13.30
N ALA B 466 24.54 14.19 -12.18
CA ALA B 466 25.53 13.12 -12.08
C ALA B 466 24.90 11.73 -12.08
N ARG B 467 23.60 11.68 -11.89
CA ARG B 467 22.88 10.42 -11.77
C ARG B 467 22.20 10.01 -13.08
N LEU B 468 22.30 10.88 -14.09
CA LEU B 468 21.79 10.60 -15.44
C LEU B 468 22.78 9.81 -16.27
N ASN B 469 22.25 9.02 -17.19
CA ASN B 469 23.08 8.22 -18.09
C ASN B 469 22.65 8.43 -19.52
N GLY B 470 23.57 9.00 -20.30
CA GLY B 470 23.35 9.24 -21.72
C GLY B 470 24.10 8.33 -22.66
N ASP B 471 24.88 7.40 -22.09
CA ASP B 471 25.72 6.45 -22.84
C ASP B 471 24.96 5.14 -22.99
N ASN B 472 24.29 5.00 -24.13
CA ASN B 472 23.44 3.85 -24.43
C ASN B 472 22.49 3.43 -23.29
N PRO B 473 21.64 4.38 -22.83
CA PRO B 473 20.71 4.05 -21.75
C PRO B 473 19.60 3.12 -22.23
N PRO B 474 18.81 2.58 -21.29
CA PRO B 474 17.68 1.77 -21.70
C PRO B 474 16.81 2.53 -22.68
N ARG B 475 16.35 1.80 -23.68
CA ARG B 475 15.56 2.38 -24.76
C ARG B 475 14.36 1.51 -24.99
N ARG B 476 13.17 2.09 -24.82
CA ARG B 476 11.93 1.31 -24.91
C ARG B 476 10.72 2.23 -24.98
N ASP B 477 9.51 1.65 -24.98
CA ASP B 477 8.30 2.45 -25.15
C ASP B 477 7.48 2.69 -23.88
N THR B 478 7.79 1.98 -22.81
CA THR B 478 7.10 2.13 -21.55
C THR B 478 8.12 2.01 -20.40
N THR B 479 8.04 2.91 -19.41
CA THR B 479 8.92 2.85 -18.23
C THR B 479 8.22 3.48 -17.04
N MET B 480 8.68 3.17 -15.82
CA MET B 480 8.02 3.67 -14.61
C MET B 480 8.41 5.08 -14.15
N LEU B 481 7.39 5.90 -13.90
CA LEU B 481 7.57 7.16 -13.20
C LEU B 481 7.45 6.83 -11.70
N PRO B 482 8.53 6.99 -10.93
CA PRO B 482 8.52 6.61 -9.51
C PRO B 482 7.52 7.43 -8.69
N ALA B 483 6.80 6.75 -7.80
CA ALA B 483 5.96 7.44 -6.83
C ALA B 483 6.74 8.61 -6.20
N GLY B 484 6.13 9.79 -6.24
CA GLY B 484 6.61 10.98 -5.53
C GLY B 484 7.84 11.62 -6.14
N GLY B 485 8.29 11.08 -7.28
CA GLY B 485 9.60 11.42 -7.82
C GLY B 485 9.57 12.03 -9.21
N TRP B 486 10.53 11.63 -10.04
CA TRP B 486 10.67 12.22 -11.37
C TRP B 486 11.36 11.26 -12.32
N LEU B 487 11.23 11.54 -13.61
CA LEU B 487 11.73 10.67 -14.65
C LEU B 487 12.22 11.57 -15.77
N LEU B 488 13.41 11.32 -16.28
CA LEU B 488 13.92 12.12 -17.40
C LEU B 488 14.07 11.26 -18.62
N LEU B 489 13.34 11.65 -19.66
CA LEU B 489 13.30 10.89 -20.92
C LEU B 489 13.83 11.71 -22.07
N ALA B 490 14.26 11.04 -23.13
CA ALA B 490 14.59 11.75 -24.35
C ALA B 490 14.10 10.99 -25.57
N PHE B 491 13.61 11.72 -26.57
CA PHE B 491 13.32 11.11 -27.87
C PHE B 491 13.70 12.03 -29.01
N ARG B 492 13.97 11.43 -30.16
CA ARG B 492 14.42 12.16 -31.34
C ARG B 492 13.26 12.38 -32.29
N THR B 493 13.09 13.63 -32.75
CA THR B 493 11.90 14.04 -33.53
C THR B 493 12.01 13.63 -35.01
N ASP B 494 12.04 12.32 -35.22
CA ASP B 494 12.22 11.70 -36.53
C ASP B 494 10.91 11.21 -37.16
N ASN B 495 9.77 11.58 -36.60
CA ASN B 495 8.51 10.97 -37.01
C ASN B 495 7.35 11.95 -36.87
N PRO B 496 7.12 12.84 -37.87
CA PRO B 496 6.03 13.80 -37.67
C PRO B 496 4.67 13.12 -37.47
N GLY B 497 3.91 13.63 -36.53
CA GLY B 497 2.66 12.96 -36.14
C GLY B 497 2.15 13.51 -34.85
N ALA B 498 0.89 13.19 -34.53
CA ALA B 498 0.35 13.51 -33.21
C ALA B 498 0.44 12.26 -32.36
N TRP B 499 1.22 12.32 -31.28
CA TRP B 499 1.62 11.11 -30.53
C TRP B 499 1.25 11.23 -29.09
N LEU B 500 0.36 10.38 -28.61
CA LEU B 500 0.05 10.43 -27.17
C LEU B 500 1.24 10.00 -26.32
N PHE B 501 1.30 10.57 -25.12
CA PHE B 501 2.27 10.14 -24.10
C PHE B 501 1.46 10.11 -22.79
N HIS B 502 1.30 8.92 -22.22
CA HIS B 502 0.27 8.76 -21.19
C HIS B 502 0.60 7.64 -20.21
N CYS B 503 0.02 7.73 -19.01
CA CYS B 503 0.08 6.60 -18.10
C CYS B 503 -0.77 5.47 -18.72
N HIS B 504 -0.28 4.24 -18.67
CA HIS B 504 -1.05 3.14 -19.28
C HIS B 504 -1.98 2.46 -18.27
N ILE B 505 -2.09 2.98 -17.04
CA ILE B 505 -3.11 2.42 -16.15
C ILE B 505 -4.43 2.96 -16.68
N ALA B 506 -5.31 2.06 -17.13
CA ALA B 506 -6.54 2.47 -17.83
C ALA B 506 -7.30 3.51 -17.06
N TRP B 507 -7.37 3.32 -15.74
CA TRP B 507 -8.17 4.22 -14.92
C TRP B 507 -7.58 5.62 -14.87
N HIS B 508 -6.26 5.72 -15.00
CA HIS B 508 -5.57 7.01 -14.95
C HIS B 508 -5.67 7.83 -16.24
N VAL B 509 -5.43 7.18 -17.37
CA VAL B 509 -5.55 7.88 -18.67
C VAL B 509 -7.02 8.24 -18.95
N SER B 510 -7.93 7.38 -18.50
N SER B 510 -7.95 7.39 -18.52
CA SER B 510 -9.35 7.70 -18.53
CA SER B 510 -9.36 7.76 -18.54
C SER B 510 -9.65 8.97 -17.73
C SER B 510 -9.56 9.07 -17.80
N GLY B 511 -8.91 9.15 -16.64
CA GLY B 511 -9.07 10.28 -15.72
C GLY B 511 -8.24 11.50 -16.09
N GLY B 512 -7.52 11.42 -17.20
CA GLY B 512 -6.91 12.63 -17.80
C GLY B 512 -5.41 12.61 -17.93
N LEU B 513 -4.77 11.51 -17.53
CA LEU B 513 -3.30 11.50 -17.45
C LEU B 513 -2.61 11.24 -18.80
N SER B 514 -2.57 12.28 -19.64
CA SER B 514 -1.87 12.20 -20.91
C SER B 514 -1.52 13.58 -21.39
N VAL B 515 -0.51 13.65 -22.27
CA VAL B 515 -0.38 14.78 -23.20
C VAL B 515 -0.36 14.24 -24.64
N ASP B 516 -0.27 15.15 -25.62
CA ASP B 516 -0.24 14.75 -27.03
C ASP B 516 0.91 15.57 -27.65
N PHE B 517 2.01 14.88 -27.94
CA PHE B 517 3.13 15.51 -28.61
C PHE B 517 2.75 15.73 -30.07
N LEU B 518 2.57 16.99 -30.44
CA LEU B 518 2.36 17.31 -31.83
C LEU B 518 3.70 17.59 -32.46
N GLU B 519 4.26 16.55 -33.07
CA GLU B 519 5.60 16.59 -33.64
C GLU B 519 5.63 17.04 -35.10
N ARG B 520 6.29 18.17 -35.33
CA ARG B 520 6.56 18.66 -36.69
C ARG B 520 5.28 18.71 -37.51
N PRO B 521 4.28 19.48 -37.05
CA PRO B 521 2.95 19.48 -37.68
C PRO B 521 2.97 19.90 -39.16
N ALA B 522 3.86 20.81 -39.52
CA ALA B 522 3.97 21.25 -40.92
C ALA B 522 4.42 20.10 -41.82
N ASP B 523 5.42 19.36 -41.37
CA ASP B 523 5.88 18.19 -42.09
C ASP B 523 4.80 17.11 -42.16
N LEU B 524 4.07 16.95 -41.06
CA LEU B 524 2.99 15.98 -41.00
C LEU B 524 1.95 16.15 -42.11
N ARG B 525 1.45 17.37 -42.28
CA ARG B 525 0.42 17.64 -43.29
C ARG B 525 0.89 17.28 -44.71
N GLN B 526 2.15 17.63 -45.01
CA GLN B 526 2.78 17.33 -46.29
C GLN B 526 2.81 15.83 -46.57
N ARG B 527 2.84 15.02 -45.53
CA ARG B 527 3.13 13.58 -45.65
C ARG B 527 1.90 12.68 -45.65
N ILE B 528 0.73 13.26 -45.43
CA ILE B 528 -0.50 12.48 -45.40
C ILE B 528 -0.94 12.21 -46.84
N SER B 529 -1.05 10.93 -47.19
CA SER B 529 -1.50 10.51 -48.52
C SER B 529 -2.97 10.83 -48.74
N GLN B 530 -3.37 10.96 -50.00
CA GLN B 530 -4.78 11.22 -50.33
C GLN B 530 -5.66 10.07 -49.84
N GLU B 531 -5.15 8.84 -49.94
CA GLU B 531 -5.86 7.64 -49.43
C GLU B 531 -6.10 7.72 -47.92
N ASP B 532 -5.05 8.09 -47.18
CA ASP B 532 -5.18 8.20 -45.72
C ASP B 532 -6.11 9.34 -45.34
N GLU B 533 -6.06 10.46 -46.07
CA GLU B 533 -6.93 11.60 -45.84
C GLU B 533 -8.38 11.26 -46.17
N ASP B 534 -8.61 10.67 -47.36
CA ASP B 534 -9.99 10.33 -47.73
C ASP B 534 -10.59 9.34 -46.76
N ASP B 535 -9.83 8.32 -46.36
CA ASP B 535 -10.37 7.34 -45.42
C ASP B 535 -10.61 7.92 -44.02
N PHE B 536 -9.73 8.82 -43.60
CA PHE B 536 -9.89 9.53 -42.31
C PHE B 536 -11.23 10.27 -42.32
N ASN B 537 -11.49 10.98 -43.41
CA ASN B 537 -12.72 11.75 -43.54
C ASN B 537 -13.94 10.88 -43.65
N ARG B 538 -13.79 9.73 -44.32
CA ARG B 538 -14.87 8.76 -44.44
C ARG B 538 -15.35 8.26 -43.06
N VAL B 539 -14.41 7.78 -42.25
CA VAL B 539 -14.75 7.26 -40.92
C VAL B 539 -15.29 8.35 -39.99
N CYS B 540 -14.68 9.52 -40.05
CA CYS B 540 -15.15 10.69 -39.34
C CYS B 540 -16.57 11.05 -39.70
N ASP B 541 -16.88 11.09 -41.01
CA ASP B 541 -18.24 11.32 -41.47
C ASP B 541 -19.22 10.28 -40.90
N GLU B 542 -18.83 9.01 -40.93
CA GLU B 542 -19.70 7.96 -40.37
C GLU B 542 -19.85 8.05 -38.85
N TRP B 543 -18.75 8.35 -38.16
CA TRP B 543 -18.80 8.44 -36.71
C TRP B 543 -19.67 9.64 -36.31
N ARG B 544 -19.52 10.74 -37.03
CA ARG B 544 -20.24 11.97 -36.70
C ARG B 544 -21.73 11.82 -36.93
N ALA B 545 -22.10 11.01 -37.92
CA ALA B 545 -23.50 10.65 -38.19
C ALA B 545 -24.07 9.72 -37.12
N TYR B 546 -23.23 8.78 -36.67
CA TYR B 546 -23.60 7.84 -35.64
C TYR B 546 -23.82 8.49 -34.25
N TRP B 547 -22.91 9.34 -33.82
CA TRP B 547 -22.81 9.72 -32.40
C TRP B 547 -24.10 10.31 -31.77
N PRO B 548 -24.81 11.17 -32.51
CA PRO B 548 -26.07 11.72 -31.98
C PRO B 548 -27.09 10.64 -31.61
N THR B 549 -26.92 9.44 -32.14
CA THR B 549 -27.85 8.32 -31.92
C THR B 549 -27.42 7.42 -30.77
N ASN B 550 -26.22 7.65 -30.23
CA ASN B 550 -25.72 6.79 -29.16
C ASN B 550 -26.52 7.04 -27.87
N PRO B 551 -26.96 5.95 -27.20
CA PRO B 551 -27.73 6.14 -25.95
C PRO B 551 -26.93 6.48 -24.68
N TYR B 552 -25.59 6.42 -24.75
CA TYR B 552 -24.75 6.67 -23.59
C TYR B 552 -23.85 7.90 -23.79
N PRO B 553 -23.56 8.63 -22.70
CA PRO B 553 -22.65 9.75 -22.75
C PRO B 553 -21.19 9.28 -22.75
N LYS B 554 -20.28 10.17 -23.12
CA LYS B 554 -18.85 9.95 -22.90
C LYS B 554 -18.60 10.43 -21.48
N ILE B 555 -18.06 9.57 -20.64
CA ILE B 555 -17.90 9.91 -19.22
C ILE B 555 -16.45 10.12 -18.79
N ASP B 556 -15.51 9.98 -19.74
CA ASP B 556 -14.09 10.07 -19.41
C ASP B 556 -13.30 10.79 -20.52
N SER B 557 -11.98 10.67 -20.53
CA SER B 557 -11.13 11.41 -21.48
C SER B 557 -11.36 10.94 -22.90
N GLY B 558 -11.86 9.72 -23.05
CA GLY B 558 -12.01 9.12 -24.38
C GLY B 558 -10.88 8.17 -24.71
N LEU B 559 -9.83 8.16 -23.88
CA LEU B 559 -8.62 7.40 -24.17
C LEU B 559 -8.36 6.24 -23.22
C1 NAG C . 4.64 21.82 22.18
C2 NAG C . 3.90 22.91 21.42
C3 NAG C . 4.26 22.83 19.93
C4 NAG C . 5.78 22.89 19.74
C5 NAG C . 6.44 21.86 20.69
C6 NAG C . 7.96 21.90 20.71
C7 NAG C . 1.71 23.52 22.29
C8 NAG C . 0.22 23.30 22.18
N2 NAG C . 2.48 22.71 21.56
O3 NAG C . 3.57 23.85 19.19
O4 NAG C . 6.06 22.50 18.42
O5 NAG C . 6.02 22.04 22.04
O6 NAG C . 8.42 23.23 20.83
O7 NAG C . 2.16 24.36 23.06
C1 NAG C . 6.45 23.59 17.59
C2 NAG C . 7.23 23.01 16.42
C3 NAG C . 7.49 24.10 15.37
C4 NAG C . 6.20 24.79 14.96
C5 NAG C . 5.49 25.30 16.21
C6 NAG C . 4.14 25.93 15.88
C7 NAG C . 8.70 21.10 16.93
C8 NAG C . 10.13 20.68 17.18
N2 NAG C . 8.47 22.42 16.88
O3 NAG C . 8.14 23.51 14.25
O4 NAG C . 6.49 25.91 14.13
O5 NAG C . 5.27 24.26 17.15
O6 NAG C . 3.23 24.92 15.50
O7 NAG C . 7.83 20.23 16.78
C1 MAN C . 6.07 25.80 12.76
C2 MAN C . 6.18 27.21 12.18
C3 MAN C . 6.11 27.23 10.65
C4 MAN C . 7.07 26.20 10.04
C5 MAN C . 6.76 24.83 10.65
C6 MAN C . 7.73 23.76 10.14
O2 MAN C . 7.40 27.81 12.58
O3 MAN C . 6.39 28.54 10.20
O4 MAN C . 6.92 26.17 8.63
O5 MAN C . 6.89 24.89 12.05
O6 MAN C . 9.04 24.07 10.60
C1 MAN C . 9.90 22.92 10.71
C2 MAN C . 11.29 23.41 11.15
C3 MAN C . 12.00 24.14 10.01
C4 MAN C . 11.88 23.42 8.64
C5 MAN C . 10.47 22.90 8.40
C6 MAN C . 10.31 22.06 7.13
O2 MAN C . 12.03 22.30 11.64
O3 MAN C . 13.37 24.31 10.33
O4 MAN C . 12.21 24.33 7.61
O5 MAN C . 10.04 22.16 9.52
O6 MAN C . 11.00 20.83 7.24
C1 NAG D . 25.10 -10.40 23.32
C2 NAG D . 26.46 -10.19 22.62
C3 NAG D . 27.36 -11.38 22.93
C4 NAG D . 27.47 -11.65 24.44
C5 NAG D . 26.13 -11.52 25.18
C6 NAG D . 26.34 -11.34 26.67
C7 NAG D . 26.55 -8.90 20.59
C8 NAG D . 26.22 -8.81 19.13
N2 NAG D . 26.33 -10.06 21.19
O3 NAG D . 28.64 -11.11 22.36
O4 NAG D . 27.90 -12.98 24.66
O5 NAG D . 25.32 -10.45 24.72
O6 NAG D . 25.34 -12.10 27.30
O7 NAG D . 27.01 -7.93 21.18
C1 NAG D . 29.29 -13.03 25.01
C2 NAG D . 29.60 -14.35 25.75
C3 NAG D . 31.10 -14.42 26.03
C4 NAG D . 31.90 -14.18 24.77
C5 NAG D . 31.48 -12.88 24.08
C6 NAG D . 32.18 -12.72 22.74
C7 NAG D . 27.83 -15.26 27.20
C8 NAG D . 27.12 -15.08 28.51
N2 NAG D . 28.86 -14.45 27.00
O3 NAG D . 31.43 -15.70 26.52
O4 NAG D . 33.27 -14.14 25.12
O5 NAG D . 30.08 -12.90 23.85
O6 NAG D . 31.57 -11.71 21.98
O7 NAG D . 27.44 -16.11 26.40
C1 NAG E . 15.89 -10.54 10.09
C2 NAG E . 15.66 -10.72 8.59
C3 NAG E . 16.99 -10.85 7.84
C4 NAG E . 17.96 -9.74 8.23
C5 NAG E . 18.05 -9.65 9.74
C6 NAG E . 18.96 -8.52 10.21
C7 NAG E . 13.53 -11.79 8.00
C8 NAG E . 12.82 -13.06 7.60
N2 NAG E . 14.83 -11.88 8.29
O3 NAG E . 16.70 -10.82 6.46
O4 NAG E . 19.27 -10.00 7.74
O5 NAG E . 16.73 -9.45 10.28
O6 NAG E . 18.49 -7.27 9.76
O7 NAG E . 12.89 -10.74 8.05
C1 NAG E . 19.56 -9.20 6.57
C2 NAG E . 21.09 -9.06 6.45
C3 NAG E . 21.50 -8.35 5.15
C4 NAG E . 20.67 -8.73 3.93
C5 NAG E . 19.18 -8.90 4.27
C6 NAG E . 18.33 -9.41 3.10
C7 NAG E . 22.57 -8.87 8.42
C8 NAG E . 23.16 -7.96 9.46
N2 NAG E . 21.65 -8.34 7.59
O3 NAG E . 22.84 -8.67 4.87
O4 NAG E . 20.84 -7.68 3.00
O5 NAG E . 19.03 -9.78 5.38
O6 NAG E . 18.69 -10.74 2.82
O7 NAG E . 22.93 -10.06 8.36
C1 MAN E . 21.48 -8.10 1.78
C2 MAN E . 20.99 -7.20 0.64
C3 MAN E . 21.68 -7.52 -0.68
C4 MAN E . 23.13 -8.02 -0.58
C5 MAN E . 23.54 -8.65 0.76
C6 MAN E . 25.05 -8.52 0.98
O2 MAN E . 21.13 -5.84 1.00
O3 MAN E . 21.67 -6.36 -1.49
O4 MAN E . 23.28 -9.01 -1.58
O5 MAN E . 22.89 -8.04 1.85
O6 MAN E . 25.54 -9.73 1.52
C1 NAG F . -24.93 9.04 15.81
C2 NAG F . -25.46 8.51 17.15
C3 NAG F . -26.96 8.25 17.07
C4 NAG F . -27.74 9.45 16.55
C5 NAG F . -27.09 9.98 15.26
C6 NAG F . -27.71 11.31 14.84
C7 NAG F . -23.91 7.19 18.57
C8 NAG F . -23.43 5.83 19.01
N2 NAG F . -24.82 7.26 17.58
O3 NAG F . -27.42 7.90 18.35
O4 NAG F . -29.07 9.04 16.24
O5 NAG F . -25.69 10.17 15.39
O6 NAG F . -27.61 11.37 13.44
O7 NAG F . -23.44 8.18 19.12
C1 NAG F . -30.02 9.47 17.24
C2 NAG F . -31.43 9.28 16.67
C3 NAG F . -32.55 9.49 17.69
C4 NAG F . -32.23 8.91 19.07
C5 NAG F . -30.79 9.28 19.45
C6 NAG F . -30.38 8.81 20.84
C7 NAG F . -31.53 9.72 14.30
C8 NAG F . -31.52 10.75 13.21
N2 NAG F . -31.59 10.18 15.54
O3 NAG F . -33.74 8.89 17.23
O4 NAG F . -33.13 9.46 20.02
O5 NAG F . -29.92 8.77 18.46
O6 NAG F . -30.38 7.41 20.91
O7 NAG F . -31.48 8.53 14.02
C1 NAG G . 16.14 -4.06 27.74
C2 NAG G . 16.71 -5.42 28.19
C3 NAG G . 17.14 -5.38 29.66
C4 NAG G . 18.05 -4.18 29.95
C5 NAG G . 17.50 -2.91 29.27
C6 NAG G . 18.46 -1.73 29.34
C7 NAG G . 15.98 -7.62 27.37
C8 NAG G . 14.86 -8.62 27.38
N2 NAG G . 15.73 -6.48 28.02
O3 NAG G . 17.75 -6.62 29.98
O4 NAG G . 18.11 -3.97 31.34
O5 NAG G . 17.20 -3.15 27.89
O6 NAG G . 18.04 -0.88 30.38
O7 NAG G . 17.04 -7.88 26.78
C1 NAG G . 19.48 -3.97 31.81
C2 NAG G . 19.50 -3.41 33.23
C3 NAG G . 20.92 -3.44 33.79
C4 NAG G . 21.61 -4.78 33.58
C5 NAG G . 21.42 -5.31 32.14
C6 NAG G . 21.91 -6.75 32.03
C7 NAG G . 17.87 -1.60 33.63
C8 NAG G . 17.70 -0.12 33.64
N2 NAG G . 19.08 -2.03 33.25
O3 NAG G . 20.87 -3.14 35.18
O4 NAG G . 22.99 -4.61 33.85
O5 NAG G . 20.06 -5.25 31.75
O6 NAG G . 20.94 -7.62 32.58
O7 NAG G . 16.92 -2.34 33.95
C1 NAG H . -19.79 1.21 -24.45
C2 NAG H . -20.54 2.42 -23.92
C3 NAG H . -20.81 2.24 -22.43
C4 NAG H . -21.48 0.90 -22.09
C5 NAG H . -20.75 -0.23 -22.82
C6 NAG H . -21.52 -1.56 -22.77
C7 NAG H . -20.21 4.57 -25.05
C8 NAG H . -19.47 5.88 -25.03
N2 NAG H . -19.78 3.64 -24.19
O3 NAG H . -21.56 3.34 -21.90
O4 NAG H . -21.33 0.68 -20.70
O5 NAG H . -20.60 0.07 -24.19
O6 NAG H . -22.92 -1.37 -22.90
O7 NAG H . -21.13 4.36 -25.87
C1 NAG H . -22.52 0.92 -19.92
C2 NAG H . -22.47 0.13 -18.60
C3 NAG H . -23.66 0.49 -17.72
C4 NAG H . -23.77 2.01 -17.54
C5 NAG H . -23.78 2.67 -18.92
C6 NAG H . -23.87 4.20 -18.91
C7 NAG H . -21.31 -2.01 -18.73
C8 NAG H . -21.44 -3.50 -18.89
N2 NAG H . -22.44 -1.30 -18.83
O3 NAG H . -23.54 -0.15 -16.46
O4 NAG H . -24.96 2.28 -16.85
O5 NAG H . -22.60 2.30 -19.62
O6 NAG H . -22.79 4.74 -18.19
O7 NAG H . -20.19 -1.53 -18.54
C1 MAN H . -24.72 2.92 -15.58
C2 MAN H . -26.00 3.68 -15.27
C3 MAN H . -25.99 4.22 -13.84
C4 MAN H . -25.58 3.15 -12.83
C5 MAN H . -24.26 2.51 -13.29
C6 MAN H . -23.79 1.43 -12.32
O2 MAN H . -27.06 2.78 -15.52
O3 MAN H . -27.26 4.76 -13.49
O4 MAN H . -25.42 3.67 -11.53
O5 MAN H . -24.47 1.96 -14.57
O6 MAN H . -24.66 0.32 -12.39
C1 MAN H . -24.05 -0.78 -11.69
C2 MAN H . -23.76 -1.90 -12.67
C3 MAN H . -25.00 -2.71 -13.03
C4 MAN H . -25.83 -3.09 -11.80
C5 MAN H . -26.01 -1.91 -10.84
C6 MAN H . -26.65 -2.37 -9.53
O2 MAN H . -22.89 -2.76 -11.99
O3 MAN H . -24.53 -3.90 -13.64
O4 MAN H . -27.08 -3.59 -12.20
O5 MAN H . -24.75 -1.28 -10.56
O6 MAN H . -26.47 -1.40 -8.51
C1 NAG I . 1.30 -30.22 -19.10
C2 NAG I . 0.48 -31.27 -18.36
C3 NAG I . 1.16 -32.63 -18.45
C4 NAG I . 1.53 -33.02 -19.89
C5 NAG I . 2.21 -31.85 -20.60
C6 NAG I . 2.39 -32.12 -22.08
C7 NAG I . -0.80 -30.62 -16.36
C8 NAG I . -0.71 -30.05 -14.98
N2 NAG I . 0.36 -30.91 -16.96
O3 NAG I . 0.36 -33.60 -17.82
O4 NAG I . 2.53 -34.01 -19.90
O5 NAG I . 1.48 -30.65 -20.44
O6 NAG I . 1.13 -32.42 -22.64
O7 NAG I . -1.90 -30.80 -16.89
C1 NAG I . 2.03 -35.35 -20.04
C2 NAG I . 3.13 -36.23 -20.65
C3 NAG I . 2.53 -37.64 -20.83
C4 NAG I . 2.03 -38.17 -19.48
C5 NAG I . 1.08 -37.16 -18.84
C6 NAG I . 0.68 -37.53 -17.42
C7 NAG I . 4.90 -35.17 -22.02
C8 NAG I . 5.32 -34.78 -23.40
N2 NAG I . 3.65 -35.68 -21.89
O3 NAG I . 3.48 -38.54 -21.37
O4 NAG I . 1.40 -39.41 -19.66
O5 NAG I . 1.68 -35.88 -18.78
O6 NAG I . -0.42 -36.72 -17.03
O7 NAG I . 5.71 -34.99 -21.09
C1 NAG J . 3.94 -20.12 -6.94
C2 NAG J . 4.05 -19.70 -5.46
C3 NAG J . 3.56 -20.81 -4.52
C4 NAG J . 2.16 -21.30 -4.94
C5 NAG J . 2.12 -21.57 -6.45
C6 NAG J . 0.74 -22.02 -6.95
C7 NAG J . 5.88 -18.09 -4.95
C8 NAG J . 7.34 -17.94 -4.66
N2 NAG J . 5.43 -19.35 -5.09
O3 NAG J . 3.49 -20.33 -3.20
O4 NAG J . 1.89 -22.49 -4.25
O5 NAG J . 2.58 -20.46 -7.20
O6 NAG J . -0.27 -21.04 -6.73
O7 NAG J . 5.17 -17.09 -5.06
C1 NAG J . 0.88 -22.27 -3.26
C2 NAG J . 0.11 -23.58 -3.02
C3 NAG J . -0.83 -23.47 -1.82
C4 NAG J . -0.25 -22.70 -0.62
C5 NAG J . 0.59 -21.48 -1.07
C6 NAG J . 1.38 -20.83 0.07
C7 NAG J . -0.53 -25.21 -4.78
C8 NAG J . -1.57 -25.61 -5.79
N2 NAG J . -0.63 -24.00 -4.22
O3 NAG J . -1.17 -24.78 -1.42
O4 NAG J . -1.33 -22.23 0.19
O5 NAG J . 1.51 -21.86 -2.07
O6 NAG J . 2.23 -21.79 0.64
O7 NAG J . 0.38 -26.00 -4.52
C1 MAN J . -1.32 -22.81 1.52
C2 MAN J . -2.23 -21.98 2.43
C3 MAN J . -2.39 -22.59 3.83
C4 MAN J . -2.59 -24.10 3.81
C5 MAN J . -1.62 -24.78 2.83
C6 MAN J . -1.93 -26.28 2.74
O2 MAN J . -3.50 -21.83 1.81
O3 MAN J . -3.48 -21.99 4.51
O4 MAN J . -2.35 -24.60 5.11
O5 MAN J . -1.69 -24.17 1.56
O6 MAN J . -3.12 -26.50 2.01
C1 NAG K . 3.38 23.88 -19.21
C2 NAG K . 4.12 23.99 -20.53
C3 NAG K . 4.92 25.31 -20.56
C4 NAG K . 4.10 26.54 -20.17
C5 NAG K . 3.31 26.24 -18.90
C6 NAG K . 2.32 27.35 -18.51
C7 NAG K . 4.83 21.87 -21.60
C8 NAG K . 5.91 20.82 -21.65
N2 NAG K . 5.03 22.86 -20.72
O3 NAG K . 5.49 25.44 -21.84
O4 NAG K . 4.96 27.62 -19.87
O5 NAG K . 2.58 25.04 -19.08
O6 NAG K . 1.43 27.54 -19.59
O7 NAG K . 3.85 21.75 -22.35
C1 NAG K . 5.04 28.63 -20.90
C2 NAG K . 5.64 29.86 -20.22
C3 NAG K . 6.05 30.97 -21.18
C4 NAG K . 6.77 30.42 -22.40
C5 NAG K . 6.03 29.21 -22.98
C6 NAG K . 6.81 28.57 -24.12
C7 NAG K . 4.98 30.26 -17.95
C8 NAG K . 3.93 30.71 -16.97
N2 NAG K . 4.71 30.38 -19.24
O3 NAG K . 6.91 31.85 -20.49
O4 NAG K . 6.91 31.46 -23.36
O5 NAG K . 5.84 28.23 -21.98
O6 NAG K . 8.12 28.28 -23.67
O7 NAG K . 6.03 29.79 -17.54
CU CU L . -6.61 5.22 12.54
CU CU M . -6.35 7.22 24.80
CU CU N . -2.34 4.21 24.83
CU CU O . -5.71 3.83 27.09
CL CL P . -6.59 2.22 29.14
O1 OXY Q . -3.89 6.01 24.50
O2 OXY Q . -4.75 5.53 24.92
C1 NAG R . 14.23 17.99 36.48
C2 NAG R . 14.62 18.61 37.84
C3 NAG R . 15.61 19.76 37.64
C4 NAG R . 16.80 19.34 36.77
C5 NAG R . 16.26 18.76 35.47
C6 NAG R . 17.35 18.29 34.52
C7 NAG R . 12.73 18.44 39.38
C8 NAG R . 11.57 19.11 40.01
N2 NAG R . 13.46 19.16 38.51
O3 NAG R . 16.07 20.23 38.89
O4 NAG R . 17.59 20.48 36.54
O5 NAG R . 15.42 17.66 35.79
O6 NAG R . 18.11 17.26 35.10
O7 NAG R . 12.99 17.28 39.65
C1 NAG S . -22.44 24.95 30.60
C2 NAG S . -22.32 26.42 31.03
C3 NAG S . -22.41 27.34 29.81
C4 NAG S . -21.39 26.90 28.77
C5 NAG S . -21.61 25.43 28.44
C6 NAG S . -20.61 24.90 27.40
C7 NAG S . -23.07 26.95 33.30
C8 NAG S . -24.21 27.40 34.15
N2 NAG S . -23.32 26.84 31.99
O3 NAG S . -22.24 28.69 30.21
O4 NAG S . -21.46 27.73 27.62
O5 NAG S . -21.46 24.67 29.62
O6 NAG S . -19.30 25.10 27.89
O7 NAG S . -21.97 26.69 33.80
S SO4 T . -10.93 -3.11 47.55
O1 SO4 T . -10.87 -4.01 46.39
O2 SO4 T . -11.53 -1.83 47.18
O3 SO4 T . -9.57 -2.86 48.03
O4 SO4 T . -11.71 -3.75 48.60
S SO4 U . -21.68 -0.24 40.85
O1 SO4 U . -20.46 0.21 41.52
O2 SO4 U . -22.77 0.66 41.19
O3 SO4 U . -22.01 -1.59 41.29
O4 SO4 U . -21.46 -0.25 39.41
O1 3DM V . -3.17 7.79 7.13
C1 3DM V . -3.29 8.00 5.81
C2 3DM V . -4.03 9.19 5.31
O2 3DM V . -4.57 10.08 6.20
C7 3DM V . -5.98 10.20 6.32
C3 3DM V . -4.17 9.42 3.94
C4 3DM V . -3.62 8.53 3.00
C5 3DM V . -2.92 7.40 3.41
C6 3DM V . -2.72 7.08 4.76
O3 3DM V . -2.01 5.93 5.02
C8 3DM V . -1.61 5.44 6.31
CU CU W . -1.03 6.28 -13.70
CU CU X . -1.84 4.99 -25.96
CU CU Y . -0.75 0.21 -25.17
CU CU Z . 1.13 2.76 -27.68
CL CL AA . 3.16 2.74 -29.52
O1 OXY BA . -1.85 2.63 -25.21
O2 OXY BA . -0.95 2.84 -25.76
C1 NAG CA . -18.97 -11.03 -37.05
C2 NAG CA . -19.60 -11.30 -38.44
C3 NAG CA . -21.10 -11.66 -38.28
C4 NAG CA . -21.23 -12.81 -37.31
C5 NAG CA . -20.62 -12.39 -35.99
C6 NAG CA . -20.72 -13.48 -34.93
C7 NAG CA . -18.56 -9.95 -40.19
C8 NAG CA . -18.75 -8.82 -41.16
N2 NAG CA . -19.53 -10.13 -39.29
O3 NAG CA . -21.67 -12.02 -39.53
O4 NAG CA . -22.59 -13.15 -37.16
O5 NAG CA . -19.25 -12.11 -36.19
O6 NAG CA . -19.76 -14.48 -35.19
O7 NAG CA . -17.57 -10.64 -40.25
C1 NAG DA . -10.96 25.20 -35.63
C2 NAG DA . -11.69 26.20 -36.55
C3 NAG DA . -12.84 26.82 -35.75
C4 NAG DA . -13.76 25.71 -35.18
C5 NAG DA . -12.96 24.71 -34.36
C6 NAG DA . -13.82 23.56 -33.82
C7 NAG DA . -10.26 27.21 -38.31
C8 NAG DA . -9.17 28.21 -38.58
N2 NAG DA . -10.81 27.25 -37.10
O3 NAG DA . -13.59 27.62 -36.64
O4 NAG DA . -14.79 26.24 -34.38
O5 NAG DA . -11.90 24.22 -35.17
O6 NAG DA . -14.43 22.85 -34.89
O7 NAG DA . -10.59 26.41 -39.19
C1 NAG EA . -0.40 -20.15 -25.20
C2 NAG EA . 0.64 -21.26 -25.40
C3 NAG EA . 0.58 -21.84 -26.81
C4 NAG EA . -0.86 -22.22 -27.15
C5 NAG EA . -1.74 -20.99 -26.91
C6 NAG EA . -3.19 -21.17 -27.37
C7 NAG EA . 2.84 -21.24 -24.31
C8 NAG EA . 4.17 -20.56 -24.19
N2 NAG EA . 1.98 -20.74 -25.20
O3 NAG EA . 1.41 -22.98 -26.88
O4 NAG EA . -0.92 -22.55 -28.51
O5 NAG EA . -1.68 -20.66 -25.52
O6 NAG EA . -3.96 -21.68 -26.32
O7 NAG EA . 2.60 -22.22 -23.61
S SO4 FA . 11.36 1.90 -47.41
O1 SO4 FA . 10.10 2.61 -47.25
O2 SO4 FA . 12.35 2.82 -47.98
O3 SO4 FA . 11.16 0.77 -48.31
O4 SO4 FA . 11.84 1.42 -46.12
O29 D2M GA . -3.10 7.30 5.92
C28 D2M GA . -3.08 7.39 4.55
C26 D2M GA . -3.55 8.54 3.94
O32 D2M GA . -4.02 9.58 4.70
C34 D2M GA . -5.37 9.59 5.18
C23 D2M GA . -3.52 8.64 2.55
C21 D2M GA . -3.04 7.58 1.78
C22 D2M GA . -2.57 6.43 2.41
C24 D2M GA . -2.58 6.33 3.79
O31 D2M GA . -2.13 5.17 4.38
C33 D2M GA . -0.89 5.09 5.11
O20 D2M GA . -3.00 7.69 0.41
C3 D2M GA . -3.93 7.12 -0.42
C4 D2M GA . -5.09 7.83 -0.75
O10 D2M GA . -5.31 9.08 -0.23
C11 D2M GA . -4.82 10.25 -0.89
C5 D2M GA . -6.03 7.25 -1.60
C6 D2M GA . -5.82 5.99 -2.13
C1 D2M GA . -4.66 5.29 -1.81
C2 D2M GA . -3.71 5.85 -0.96
O15 D2M GA . -2.57 5.16 -0.64
C16 D2M GA . -2.63 3.85 0.00
O2 KIA HA . -5.81 6.20 -3.70
C4 KIA HA . -5.50 6.79 -2.65
C5 KIA HA . -4.51 6.25 -1.82
C6 KIA HA . -4.13 6.88 -0.63
O3 KIA HA . -3.17 6.35 0.18
C7 KIA HA . -1.80 6.72 0.07
C1 KIA HA . -4.81 8.14 -0.25
O1 KIA HA . -4.52 8.74 0.80
C3 KIA HA . -6.15 7.98 -2.32
C2 KIA HA . -5.86 8.69 -1.16
O4 KIA HA . -6.51 9.85 -0.84
C8 KIA HA . -5.96 11.13 -1.13
#